data_8FWV
#
_entry.id   8FWV
#
_cell.length_a   1.00
_cell.length_b   1.00
_cell.length_c   1.00
_cell.angle_alpha   90.00
_cell.angle_beta   90.00
_cell.angle_gamma   90.00
#
_symmetry.space_group_name_H-M   'P 1'
#
loop_
_entity.id
_entity.type
_entity.pdbx_description
1 polymer 'Glutamate receptor ionotropic, kainate 2'
2 branched beta-D-mannopyranose-(1-4)-2-acetamido-2-deoxy-beta-D-glucopyranose-(1-4)-2-acetamido-2-deoxy-beta-D-glucopyranose
3 branched 2-acetamido-2-deoxy-beta-D-glucopyranose-(1-4)-2-acetamido-2-deoxy-beta-D-glucopyranose
4 non-polymer 2-acetamido-2-deoxy-beta-D-glucopyranose
#
_entity_poly.entity_id   1
_entity_poly.type   'polypeptide(L)'
_entity_poly.pdbx_seq_one_letter_code
;MKIISPVLSNLVFSRSIKVLLCLLWIGYSQGTTHVLRFGGIFEYVESGPMGAEELAFRFAVNTINRNRTLLPNTTLTYDT
QKINLYDSFEASKKACDQLSLGVAAIFGPSHSSSANAVQSICNALGVPHIQTRWKHQVSDNKDSFYVSLYPDFSSLSRAI
LDLVQFFKWKTVTVVYDDSTGLIRLQELIKAPSRYNLRLKIRQLPADTKDAKPLLKEMKRGKEFHVIFDCSHEMAAGILK
QALAMGMMTEYYHYIFTTLDLFALDVEPYRYSGVNMTGFRILNTENTQVSSIIEKWSMERLQAPPKPDSGLLDGFMTTDA
ALMYDAVHVVSVAVQQFPQMTVSSLQCNRHKPWRFGTRFMSLIKEAHWEGLTGRITFNKTNGLRTDFDLDVISLKEEGLE
KIGTWDPASGLNMTESQKGKPANITDSLSNRSLIVTTILEEPYVLFKKSDKPLYGNDRFEGYCIDLLRELSTILGFTYEI
RLVEDGKYGAQDDVNGQWNGMVRELIDHKADLAVAPLAITYVREKVIDFSKPFMTLGISILYRKPNGTNPGVFSFLNPLS
PDIWMYVLLACLGVSCVLFVIARFSPYEWYNPHPCNPDSDVVENNFTLLNSFWFGVGALMQQGSELMPKALSTRIVGGIW
WFFTLIIISSYTANLAAFLTVERMESPIDSADDLAKQTKIEYGAVEDGATMTFFKKSKISTYDKMWAFMSSRRQSVLVKS
NEEGIQRVLTSDYAFLMESTTIEFVTQRNCNLTQIGGLIDSKGYGVGTPMGSPYRDKITIAILQLQEEGKLHMMKEKWWR
GNGCPEEESKEASALGVQNIGGIFIVLAAGLVLSVFVAVGEFLYKSKKNAQLEKRSFCSAMVEELRMSLKCQRRLKHKPQ
APVIVKTEEVINMHTFNDRRLPGKETMA
;
_entity_poly.pdbx_strand_id   A,B,C,D
#
# COMPACT_ATOMS: atom_id res chain seq x y z
N THR A 33 59.37 -41.98 18.32
CA THR A 33 58.36 -41.12 18.94
C THR A 33 57.12 -41.01 18.05
N HIS A 34 56.34 -39.96 18.28
CA HIS A 34 55.12 -39.74 17.51
C HIS A 34 55.43 -38.90 16.28
N VAL A 35 54.94 -39.36 15.13
CA VAL A 35 55.02 -38.59 13.89
C VAL A 35 53.64 -38.02 13.60
N LEU A 36 53.61 -36.92 12.86
CA LEU A 36 52.36 -36.22 12.58
C LEU A 36 52.50 -35.52 11.22
N ARG A 37 51.86 -36.10 10.20
CA ARG A 37 52.02 -35.61 8.85
C ARG A 37 51.03 -34.49 8.56
N PHE A 38 51.53 -33.40 7.98
CA PHE A 38 50.71 -32.32 7.48
C PHE A 38 50.64 -32.41 5.96
N GLY A 39 49.63 -31.76 5.38
CA GLY A 39 49.51 -31.72 3.95
C GLY A 39 49.61 -30.31 3.41
N GLY A 40 50.15 -30.19 2.21
CA GLY A 40 50.25 -28.91 1.55
C GLY A 40 50.02 -29.02 0.07
N ILE A 41 49.30 -28.07 -0.51
CA ILE A 41 49.06 -28.00 -1.94
C ILE A 41 49.52 -26.63 -2.41
N PHE A 42 50.54 -26.59 -3.25
CA PHE A 42 51.19 -25.33 -3.60
C PHE A 42 51.30 -25.20 -5.12
N GLU A 43 51.84 -24.06 -5.54
CA GLU A 43 51.94 -23.76 -6.96
C GLU A 43 53.07 -24.53 -7.63
N TYR A 44 52.80 -25.07 -8.81
CA TYR A 44 53.81 -25.79 -9.59
C TYR A 44 54.63 -24.79 -10.40
N VAL A 45 55.75 -24.37 -9.83
CA VAL A 45 56.72 -23.54 -10.55
C VAL A 45 57.57 -24.50 -11.37
N GLU A 46 57.61 -24.26 -12.69
CA GLU A 46 58.18 -25.25 -13.61
C GLU A 46 59.70 -25.21 -13.59
N SER A 47 60.30 -24.05 -13.88
CA SER A 47 61.75 -23.97 -14.06
C SER A 47 62.44 -23.46 -12.81
N GLY A 48 61.85 -22.47 -12.15
CA GLY A 48 62.48 -21.85 -11.00
C GLY A 48 62.37 -22.69 -9.75
N PRO A 49 62.77 -22.11 -8.62
CA PRO A 49 62.66 -22.83 -7.35
C PRO A 49 61.23 -22.86 -6.83
N MET A 50 61.07 -23.39 -5.62
CA MET A 50 59.76 -23.45 -4.99
C MET A 50 59.27 -22.04 -4.63
N GLY A 51 57.96 -21.92 -4.42
CA GLY A 51 57.37 -20.64 -4.15
C GLY A 51 57.69 -20.12 -2.76
N ALA A 52 57.27 -18.88 -2.50
CA ALA A 52 57.53 -18.25 -1.22
C ALA A 52 56.68 -18.89 -0.11
N GLU A 53 55.50 -19.38 -0.47
CA GLU A 53 54.64 -20.01 0.53
C GLU A 53 55.07 -21.45 0.79
N GLU A 54 55.80 -22.06 -0.14
CA GLU A 54 56.23 -23.43 0.06
C GLU A 54 57.54 -23.49 0.86
N LEU A 55 58.44 -22.53 0.63
CA LEU A 55 59.62 -22.39 1.49
C LEU A 55 59.21 -22.09 2.93
N ALA A 56 58.23 -21.20 3.12
CA ALA A 56 57.80 -20.83 4.45
C ALA A 56 57.10 -21.98 5.16
N PHE A 57 56.46 -22.87 4.40
CA PHE A 57 55.89 -24.06 5.01
C PHE A 57 56.99 -25.04 5.40
N ARG A 58 58.05 -25.12 4.60
CA ARG A 58 59.16 -26.01 4.92
C ARG A 58 60.05 -25.41 6.01
N PHE A 59 60.12 -24.08 6.07
CA PHE A 59 60.94 -23.43 7.09
C PHE A 59 60.26 -23.48 8.46
N ALA A 60 58.93 -23.52 8.47
CA ALA A 60 58.21 -23.54 9.74
C ALA A 60 58.20 -24.93 10.35
N VAL A 61 58.16 -25.96 9.52
CA VAL A 61 58.20 -27.33 10.04
C VAL A 61 59.59 -27.64 10.59
N ASN A 62 60.63 -27.18 9.91
CA ASN A 62 62.00 -27.45 10.33
C ASN A 62 62.36 -26.65 11.58
N THR A 63 61.63 -25.57 11.85
CA THR A 63 61.88 -24.77 13.04
C THR A 63 61.24 -25.40 14.27
N ILE A 64 60.04 -25.96 14.10
CA ILE A 64 59.27 -26.50 15.23
C ILE A 64 59.89 -27.79 15.76
N ASN A 65 60.23 -28.72 14.87
CA ASN A 65 60.78 -30.00 15.34
C ASN A 65 62.23 -29.87 15.80
N ARG A 66 62.89 -28.76 15.46
CA ARG A 66 64.19 -28.42 16.04
C ARG A 66 64.01 -27.87 17.45
N ASN A 67 63.00 -27.03 17.64
CA ASN A 67 62.69 -26.44 18.94
C ASN A 67 62.19 -27.51 19.90
N ARG A 68 62.37 -27.29 21.21
CA ARG A 68 61.99 -28.27 22.22
C ARG A 68 60.88 -27.77 23.14
N THR A 69 60.79 -26.46 23.35
CA THR A 69 59.69 -25.90 24.13
C THR A 69 58.38 -26.04 23.37
N LEU A 70 58.44 -25.87 22.05
CA LEU A 70 57.27 -26.05 21.20
C LEU A 70 57.34 -27.44 20.61
N LEU A 71 56.34 -28.28 20.92
CA LEU A 71 56.30 -29.71 20.57
C LEU A 71 57.56 -30.47 21.02
N PRO A 72 57.66 -30.81 22.32
CA PRO A 72 58.83 -31.57 22.81
C PRO A 72 59.01 -32.94 22.17
N ASN A 73 57.96 -33.77 22.13
CA ASN A 73 58.05 -35.06 21.46
C ASN A 73 56.95 -35.21 20.42
N THR A 74 57.19 -34.62 19.25
CA THR A 74 56.35 -34.80 18.05
C THR A 74 57.18 -34.31 16.87
N THR A 75 57.48 -35.21 15.93
CA THR A 75 58.24 -34.86 14.74
C THR A 75 57.28 -34.65 13.59
N LEU A 76 57.18 -33.41 13.11
CA LEU A 76 56.28 -33.10 12.01
C LEU A 76 56.94 -33.43 10.67
N THR A 77 56.27 -34.25 9.88
CA THR A 77 56.64 -34.44 8.49
C THR A 77 55.56 -33.82 7.62
N TYR A 78 55.78 -33.77 6.31
CA TYR A 78 54.87 -33.07 5.42
C TYR A 78 54.75 -33.79 4.08
N ASP A 79 53.71 -33.44 3.33
CA ASP A 79 53.30 -34.15 2.13
C ASP A 79 52.95 -33.15 1.03
N THR A 80 53.86 -32.22 0.73
CA THR A 80 53.59 -31.15 -0.23
C THR A 80 53.38 -31.68 -1.64
N GLN A 81 52.34 -31.17 -2.31
CA GLN A 81 52.02 -31.50 -3.69
C GLN A 81 51.90 -30.21 -4.48
N LYS A 82 52.10 -30.28 -5.78
CA LYS A 82 52.07 -29.12 -6.66
C LYS A 82 50.88 -29.21 -7.60
N ILE A 83 50.14 -28.11 -7.74
CA ILE A 83 49.08 -27.99 -8.73
C ILE A 83 49.29 -26.70 -9.51
N ASN A 84 48.39 -26.42 -10.45
CA ASN A 84 48.45 -25.22 -11.26
C ASN A 84 47.71 -24.03 -10.64
N LEU A 85 46.93 -24.27 -9.57
CA LEU A 85 46.12 -23.32 -8.81
C LEU A 85 44.94 -22.75 -9.56
N TYR A 86 44.80 -23.07 -10.85
CA TYR A 86 43.65 -22.64 -11.62
C TYR A 86 42.87 -23.85 -12.12
N ASP A 87 42.93 -24.94 -11.38
CA ASP A 87 42.37 -26.23 -11.77
C ASP A 87 41.80 -26.85 -10.50
N SER A 88 40.46 -26.76 -10.37
CA SER A 88 39.80 -27.31 -9.18
C SER A 88 39.76 -28.83 -9.22
N PHE A 89 39.92 -29.41 -10.40
CA PHE A 89 39.92 -30.87 -10.51
C PHE A 89 41.28 -31.43 -10.12
N GLU A 90 42.35 -30.72 -10.44
CA GLU A 90 43.69 -31.17 -10.05
C GLU A 90 43.91 -30.98 -8.56
N ALA A 91 43.31 -29.92 -7.99
CA ALA A 91 43.39 -29.68 -6.56
C ALA A 91 42.61 -30.72 -5.77
N SER A 92 41.54 -31.24 -6.36
CA SER A 92 40.71 -32.23 -5.67
C SER A 92 41.33 -33.62 -5.76
N LYS A 93 42.14 -33.87 -6.80
CA LYS A 93 42.86 -35.13 -6.88
C LYS A 93 44.02 -35.15 -5.89
N LYS A 94 44.72 -34.01 -5.78
CA LYS A 94 45.89 -33.95 -4.90
C LYS A 94 45.47 -33.93 -3.44
N ALA A 95 44.27 -33.42 -3.15
CA ALA A 95 43.79 -33.39 -1.77
C ALA A 95 43.37 -34.78 -1.31
N CYS A 96 42.76 -35.57 -2.20
CA CYS A 96 42.38 -36.92 -1.81
C CYS A 96 43.59 -37.85 -1.75
N ASP A 97 44.65 -37.52 -2.48
CA ASP A 97 45.89 -38.30 -2.38
C ASP A 97 46.55 -38.09 -1.04
N GLN A 98 46.51 -36.86 -0.51
CA GLN A 98 47.06 -36.59 0.81
C GLN A 98 46.15 -37.15 1.90
N LEU A 99 44.84 -37.22 1.61
CA LEU A 99 43.92 -37.85 2.54
C LEU A 99 44.02 -39.37 2.53
N SER A 100 44.44 -39.96 1.40
CA SER A 100 44.64 -41.40 1.34
C SER A 100 45.88 -41.83 2.09
N LEU A 101 46.98 -41.10 1.92
CA LEU A 101 48.19 -41.35 2.70
C LEU A 101 47.95 -40.99 4.17
N GLY A 102 47.21 -39.91 4.41
CA GLY A 102 46.85 -39.54 5.76
C GLY A 102 47.56 -38.29 6.22
N VAL A 103 46.81 -37.23 6.50
CA VAL A 103 47.35 -35.99 7.03
C VAL A 103 46.52 -35.58 8.24
N ALA A 104 47.07 -34.67 9.03
CA ALA A 104 46.34 -34.07 10.14
C ALA A 104 45.66 -32.77 9.75
N ALA A 105 46.16 -32.07 8.74
CA ALA A 105 45.56 -30.84 8.26
C ALA A 105 45.96 -30.63 6.81
N ILE A 106 45.20 -29.80 6.11
CA ILE A 106 45.50 -29.39 4.74
C ILE A 106 45.77 -27.90 4.76
N PHE A 107 46.97 -27.50 4.32
CA PHE A 107 47.33 -26.10 4.32
C PHE A 107 46.98 -25.38 3.03
N GLY A 108 46.31 -26.06 2.11
CA GLY A 108 45.45 -25.41 1.15
C GLY A 108 46.11 -24.75 -0.02
N PRO A 109 45.41 -24.73 -1.16
CA PRO A 109 45.85 -23.89 -2.28
C PRO A 109 45.60 -22.42 -1.99
N SER A 110 46.21 -21.58 -2.81
CA SER A 110 46.19 -20.14 -2.61
C SER A 110 45.45 -19.44 -3.75
N HIS A 111 44.30 -19.99 -4.12
CA HIS A 111 43.46 -19.41 -5.16
C HIS A 111 42.01 -19.74 -4.85
N SER A 112 41.10 -18.80 -5.18
CA SER A 112 39.70 -18.87 -4.78
C SER A 112 38.97 -20.07 -5.38
N SER A 113 39.31 -20.43 -6.61
CA SER A 113 38.66 -21.56 -7.26
C SER A 113 39.19 -22.87 -6.71
N SER A 114 40.48 -22.92 -6.41
CA SER A 114 41.09 -24.16 -5.97
C SER A 114 40.85 -24.42 -4.49
N ALA A 115 40.80 -23.35 -3.68
CA ALA A 115 40.64 -23.52 -2.24
C ALA A 115 39.21 -23.91 -1.89
N ASN A 116 38.23 -23.47 -2.71
CA ASN A 116 36.84 -23.81 -2.45
C ASN A 116 36.56 -25.28 -2.74
N ALA A 117 37.36 -25.89 -3.62
CA ALA A 117 37.20 -27.32 -3.90
C ALA A 117 37.78 -28.16 -2.78
N VAL A 118 38.92 -27.74 -2.22
CA VAL A 118 39.57 -28.50 -1.17
C VAL A 118 38.85 -28.30 0.16
N GLN A 119 38.24 -27.13 0.36
CA GLN A 119 37.48 -26.83 1.57
C GLN A 119 36.30 -27.79 1.73
N SER A 120 35.63 -28.13 0.62
CA SER A 120 34.48 -29.01 0.71
C SER A 120 34.91 -30.47 0.88
N ILE A 121 36.14 -30.80 0.47
CA ILE A 121 36.68 -32.12 0.74
C ILE A 121 37.03 -32.24 2.22
N CYS A 122 37.64 -31.19 2.77
CA CYS A 122 38.06 -31.21 4.16
C CYS A 122 36.88 -31.09 5.10
N ASN A 123 35.82 -30.38 4.68
CA ASN A 123 34.59 -30.35 5.46
C ASN A 123 33.92 -31.71 5.51
N ALA A 124 33.90 -32.42 4.39
CA ALA A 124 33.21 -33.70 4.31
C ALA A 124 33.95 -34.78 5.09
N LEU A 125 35.27 -34.82 4.94
CA LEU A 125 36.07 -35.86 5.57
C LEU A 125 36.56 -35.49 6.96
N GLY A 126 36.22 -34.31 7.47
CA GLY A 126 36.49 -33.97 8.86
C GLY A 126 37.84 -33.37 9.18
N VAL A 127 38.74 -33.34 8.21
CA VAL A 127 40.10 -32.85 8.42
C VAL A 127 40.10 -31.32 8.36
N PRO A 128 40.85 -30.63 9.22
CA PRO A 128 40.94 -29.17 9.13
C PRO A 128 41.61 -28.70 7.84
N HIS A 129 41.18 -27.54 7.38
CA HIS A 129 41.72 -26.91 6.17
C HIS A 129 42.22 -25.53 6.54
N ILE A 130 43.53 -25.32 6.41
CA ILE A 130 44.17 -24.10 6.90
C ILE A 130 44.37 -23.18 5.70
N GLN A 131 43.78 -22.00 5.76
CA GLN A 131 43.86 -21.03 4.68
C GLN A 131 44.72 -19.85 5.09
N THR A 132 45.60 -19.43 4.19
CA THR A 132 46.48 -18.30 4.48
C THR A 132 46.26 -17.14 3.50
N ARG A 133 45.14 -17.12 2.78
CA ARG A 133 44.91 -16.14 1.75
C ARG A 133 43.41 -15.91 1.62
N TRP A 134 43.04 -14.68 1.27
CA TRP A 134 41.64 -14.29 1.20
C TRP A 134 40.96 -14.96 0.02
N LYS A 135 39.72 -15.37 0.24
CA LYS A 135 38.84 -15.78 -0.85
C LYS A 135 37.41 -15.45 -0.46
N HIS A 136 36.54 -15.38 -1.45
CA HIS A 136 35.15 -15.03 -1.20
C HIS A 136 34.42 -16.22 -0.59
N GLN A 137 34.05 -16.09 0.68
CA GLN A 137 33.11 -17.01 1.32
C GLN A 137 31.72 -16.65 0.83
N VAL A 138 31.09 -17.56 0.07
CA VAL A 138 29.71 -17.37 -0.33
C VAL A 138 28.82 -17.45 0.89
N SER A 139 27.75 -16.66 0.90
CA SER A 139 27.01 -16.36 2.13
C SER A 139 26.17 -17.52 2.64
N ASP A 140 25.95 -18.56 1.84
CA ASP A 140 25.12 -19.68 2.26
C ASP A 140 25.88 -21.00 2.21
N ASN A 141 27.18 -20.97 2.49
CA ASN A 141 27.97 -22.19 2.55
C ASN A 141 28.09 -22.65 3.99
N LYS A 142 27.69 -23.90 4.24
CA LYS A 142 27.70 -24.45 5.59
C LYS A 142 28.95 -25.30 5.77
N ASP A 143 30.10 -24.64 5.80
CA ASP A 143 31.38 -25.29 6.03
C ASP A 143 31.91 -24.91 7.40
N SER A 144 32.46 -25.90 8.11
CA SER A 144 32.96 -25.70 9.46
C SER A 144 34.46 -25.88 9.55
N PHE A 145 35.00 -26.90 8.91
CA PHE A 145 36.40 -27.25 9.07
C PHE A 145 37.34 -26.38 8.25
N TYR A 146 37.34 -25.07 8.50
CA TYR A 146 38.34 -24.19 7.89
C TYR A 146 38.61 -22.98 8.77
N VAL A 147 39.86 -22.54 8.82
CA VAL A 147 40.22 -21.24 9.38
C VAL A 147 41.07 -20.49 8.37
N SER A 148 40.97 -19.18 8.39
CA SER A 148 41.69 -18.31 7.46
C SER A 148 42.56 -17.36 8.25
N LEU A 149 43.88 -17.46 8.07
CA LEU A 149 44.80 -16.58 8.77
C LEU A 149 45.02 -15.26 8.05
N TYR A 150 44.40 -15.05 6.90
CA TYR A 150 44.59 -13.77 6.27
C TYR A 150 43.68 -12.76 6.96
N PRO A 151 44.14 -11.51 7.16
CA PRO A 151 43.27 -10.47 7.73
C PRO A 151 42.03 -10.20 6.90
N ASP A 152 40.87 -10.34 7.53
CA ASP A 152 39.57 -10.24 6.87
C ASP A 152 39.36 -8.82 6.35
N PHE A 153 38.90 -8.71 5.10
CA PHE A 153 38.64 -7.41 4.50
C PHE A 153 37.37 -6.75 5.02
N SER A 154 36.57 -7.45 5.82
CA SER A 154 35.55 -6.76 6.59
C SER A 154 36.18 -5.85 7.62
N SER A 155 37.25 -6.31 8.26
CA SER A 155 38.00 -5.49 9.20
C SER A 155 38.99 -4.59 8.47
N LEU A 156 39.62 -5.13 7.43
CA LEU A 156 40.74 -4.44 6.78
C LEU A 156 40.26 -3.23 5.97
N SER A 157 39.04 -3.27 5.43
CA SER A 157 38.53 -2.12 4.70
C SER A 157 37.80 -1.13 5.62
N ARG A 158 37.71 -1.44 6.91
CA ARG A 158 37.34 -0.42 7.88
C ARG A 158 38.57 0.31 8.39
N ALA A 159 39.75 -0.27 8.16
CA ALA A 159 40.99 0.41 8.51
C ALA A 159 41.33 1.48 7.48
N ILE A 160 41.12 1.17 6.20
CA ILE A 160 41.27 2.16 5.14
C ILE A 160 40.25 3.29 5.28
N LEU A 161 39.02 2.96 5.70
CA LEU A 161 37.99 3.99 5.82
C LEU A 161 38.24 4.89 7.04
N ASP A 162 39.02 4.43 8.00
CA ASP A 162 39.44 5.30 9.10
C ASP A 162 40.50 6.28 8.62
N LEU A 163 41.30 5.88 7.64
CA LEU A 163 42.36 6.75 7.13
C LEU A 163 41.81 7.86 6.25
N VAL A 164 40.75 7.58 5.48
CA VAL A 164 40.19 8.62 4.63
C VAL A 164 39.40 9.62 5.45
N GLN A 165 39.08 9.29 6.71
CA GLN A 165 38.44 10.24 7.60
C GLN A 165 39.45 10.97 8.47
N PHE A 166 40.54 10.29 8.84
CA PHE A 166 41.64 10.95 9.54
C PHE A 166 42.35 11.97 8.66
N PHE A 167 42.47 11.69 7.37
CA PHE A 167 43.09 12.59 6.42
C PHE A 167 42.11 13.61 5.87
N LYS A 168 40.85 13.55 6.31
CA LYS A 168 39.79 14.50 5.99
C LYS A 168 39.52 14.57 4.48
N TRP A 169 39.53 13.41 3.84
CA TRP A 169 39.27 13.34 2.42
C TRP A 169 37.77 13.46 2.15
N LYS A 170 37.44 14.10 1.03
CA LYS A 170 36.05 14.24 0.61
C LYS A 170 35.85 13.81 -0.83
N THR A 171 36.90 13.41 -1.53
CA THR A 171 36.79 12.91 -2.89
C THR A 171 37.91 11.90 -3.10
N VAL A 172 37.54 10.62 -3.17
CA VAL A 172 38.50 9.52 -3.20
C VAL A 172 38.34 8.82 -4.54
N THR A 173 39.38 8.11 -4.97
CA THR A 173 39.34 7.28 -6.18
C THR A 173 39.89 5.90 -5.83
N VAL A 174 39.03 4.88 -5.91
CA VAL A 174 39.45 3.51 -5.68
C VAL A 174 39.81 2.87 -7.01
N VAL A 175 41.03 2.36 -7.10
CA VAL A 175 41.52 1.70 -8.30
C VAL A 175 41.82 0.25 -7.93
N TYR A 176 41.11 -0.69 -8.53
CA TYR A 176 41.32 -2.10 -8.29
C TYR A 176 41.78 -2.77 -9.58
N ASP A 177 42.14 -4.04 -9.47
CA ASP A 177 42.69 -4.78 -10.61
C ASP A 177 41.75 -5.86 -11.14
N ASP A 178 41.27 -6.76 -10.30
CA ASP A 178 40.32 -7.79 -10.73
C ASP A 178 38.98 -7.56 -10.07
N SER A 179 37.93 -8.13 -10.67
CA SER A 179 36.55 -7.89 -10.27
C SER A 179 36.22 -8.36 -8.86
N THR A 180 37.05 -9.22 -8.28
CA THR A 180 36.85 -9.66 -6.91
C THR A 180 37.26 -8.58 -5.91
N GLY A 181 37.94 -7.52 -6.37
CA GLY A 181 38.34 -6.45 -5.47
C GLY A 181 37.23 -5.50 -5.11
N LEU A 182 36.04 -5.73 -5.67
CA LEU A 182 34.86 -4.99 -5.24
C LEU A 182 34.25 -5.64 -4.00
N ILE A 183 34.36 -6.96 -3.91
CA ILE A 183 33.95 -7.68 -2.71
C ILE A 183 34.84 -7.33 -1.53
N ARG A 184 36.14 -7.22 -1.76
CA ARG A 184 37.10 -6.90 -0.70
C ARG A 184 36.89 -5.50 -0.15
N LEU A 185 36.64 -4.53 -1.02
CA LEU A 185 36.51 -3.14 -0.58
C LEU A 185 35.07 -2.67 -0.53
N GLN A 186 34.13 -3.56 -0.20
CA GLN A 186 32.72 -3.18 -0.26
C GLN A 186 32.30 -2.33 0.92
N GLU A 187 33.02 -2.42 2.05
CA GLU A 187 32.70 -1.55 3.17
C GLU A 187 33.18 -0.13 2.93
N LEU A 188 34.13 0.03 2.00
CA LEU A 188 34.59 1.34 1.57
C LEU A 188 33.69 1.89 0.46
N ILE A 189 33.08 1.02 -0.33
CA ILE A 189 32.27 1.43 -1.46
C ILE A 189 30.84 1.74 -1.01
N LYS A 190 30.35 1.08 0.04
CA LYS A 190 29.02 1.32 0.57
C LYS A 190 28.97 2.56 1.48
N ALA A 191 30.06 3.31 1.57
CA ALA A 191 30.07 4.42 2.51
C ALA A 191 30.36 5.79 1.90
N PRO A 192 29.79 6.20 0.76
CA PRO A 192 29.31 7.58 0.66
C PRO A 192 27.87 7.72 1.09
N SER A 193 27.19 6.59 1.32
CA SER A 193 25.82 6.60 1.81
C SER A 193 25.73 6.92 3.30
N ARG A 194 26.82 6.75 4.05
CA ARG A 194 26.85 7.14 5.45
C ARG A 194 27.56 8.48 5.61
N TYR A 195 28.81 8.54 5.16
CA TYR A 195 29.64 9.74 5.34
C TYR A 195 29.54 10.64 4.11
N ASN A 196 30.43 11.62 4.00
CA ASN A 196 30.37 12.60 2.93
C ASN A 196 31.50 12.42 1.92
N LEU A 197 31.84 11.17 1.61
CA LEU A 197 32.82 10.89 0.57
C LEU A 197 32.17 11.02 -0.80
N ARG A 198 33.00 10.98 -1.84
CA ARG A 198 32.53 10.97 -3.22
C ARG A 198 33.47 10.05 -3.99
N LEU A 199 33.08 8.78 -4.10
CA LEU A 199 33.94 7.77 -4.69
C LEU A 199 33.85 7.80 -6.21
N LYS A 200 35.00 7.58 -6.85
CA LYS A 200 35.07 7.26 -8.27
C LYS A 200 35.85 5.95 -8.39
N ILE A 201 35.17 4.94 -8.91
CA ILE A 201 35.72 3.59 -8.89
C ILE A 201 36.24 3.25 -10.28
N ARG A 202 37.53 2.97 -10.37
CA ARG A 202 38.20 2.69 -11.64
C ARG A 202 38.87 1.33 -11.56
N GLN A 203 39.21 0.78 -12.72
CA GLN A 203 39.88 -0.51 -12.79
C GLN A 203 41.15 -0.39 -13.63
N LEU A 204 42.20 -1.06 -13.18
CA LEU A 204 43.43 -1.21 -13.93
C LEU A 204 43.17 -1.96 -15.22
N PRO A 205 43.83 -1.58 -16.33
CA PRO A 205 43.54 -2.20 -17.63
C PRO A 205 43.97 -3.66 -17.70
N ALA A 206 43.02 -4.54 -18.02
CA ALA A 206 43.28 -5.96 -18.15
C ALA A 206 44.11 -6.23 -19.41
N ASP A 207 44.76 -7.40 -19.42
CA ASP A 207 45.54 -7.96 -20.53
C ASP A 207 46.77 -7.11 -20.85
N THR A 208 47.18 -6.25 -19.90
CA THR A 208 48.34 -5.40 -20.06
C THR A 208 48.86 -4.93 -18.70
N LYS A 209 49.95 -4.17 -18.72
CA LYS A 209 50.52 -3.56 -17.53
C LYS A 209 50.49 -2.04 -17.66
N ASP A 210 50.31 -1.54 -18.89
CA ASP A 210 50.37 -0.13 -19.21
C ASP A 210 49.13 0.56 -18.63
N ALA A 211 49.30 1.11 -17.42
CA ALA A 211 48.23 1.81 -16.74
C ALA A 211 48.29 3.31 -17.00
N LYS A 212 49.00 3.73 -18.04
CA LYS A 212 49.08 5.14 -18.39
C LYS A 212 47.78 5.74 -18.93
N PRO A 213 46.95 5.07 -19.76
CA PRO A 213 45.65 5.69 -20.09
C PRO A 213 44.69 5.81 -18.91
N LEU A 214 44.87 5.00 -17.87
CA LEU A 214 44.13 5.20 -16.63
C LEU A 214 44.61 6.46 -15.93
N LEU A 215 45.93 6.64 -15.84
CA LEU A 215 46.50 7.74 -15.06
C LEU A 215 46.30 9.08 -15.75
N LYS A 216 46.11 9.10 -17.07
CA LYS A 216 45.79 10.34 -17.75
C LYS A 216 44.41 10.85 -17.37
N GLU A 217 43.45 9.93 -17.21
CA GLU A 217 42.09 10.32 -16.83
C GLU A 217 42.03 10.76 -15.38
N MET A 218 42.97 10.28 -14.56
CA MET A 218 43.00 10.65 -13.15
C MET A 218 43.71 11.98 -12.93
N LYS A 219 44.68 12.30 -13.78
CA LYS A 219 45.30 13.62 -13.74
C LYS A 219 44.36 14.68 -14.27
N ARG A 220 43.72 14.40 -15.41
CA ARG A 220 42.80 15.34 -16.03
C ARG A 220 41.54 15.54 -15.18
N GLY A 221 41.08 14.50 -14.51
CA GLY A 221 39.93 14.60 -13.65
C GLY A 221 40.24 15.13 -12.26
N LYS A 222 41.50 15.47 -12.00
CA LYS A 222 42.01 16.00 -10.73
C LYS A 222 41.71 15.06 -9.57
N GLU A 223 42.21 13.82 -9.68
CA GLU A 223 42.02 12.79 -8.69
C GLU A 223 43.34 12.66 -7.93
N PHE A 224 43.51 13.49 -6.90
CA PHE A 224 44.76 13.53 -6.16
C PHE A 224 44.83 12.50 -5.05
N HIS A 225 43.69 12.12 -4.47
CA HIS A 225 43.64 11.17 -3.38
C HIS A 225 43.14 9.84 -3.90
N VAL A 226 44.01 8.83 -3.90
CA VAL A 226 43.78 7.58 -4.63
C VAL A 226 44.01 6.40 -3.70
N ILE A 227 43.10 5.43 -3.72
CA ILE A 227 43.32 4.13 -3.07
C ILE A 227 43.59 3.09 -4.14
N PHE A 228 44.69 2.35 -3.98
CA PHE A 228 45.06 1.29 -4.92
C PHE A 228 44.84 -0.07 -4.25
N ASP A 229 43.97 -0.87 -4.83
CA ASP A 229 43.82 -2.26 -4.41
C ASP A 229 44.61 -3.14 -5.38
N CYS A 230 45.85 -3.44 -5.01
CA CYS A 230 46.75 -4.18 -5.87
C CYS A 230 47.53 -5.18 -5.02
N SER A 231 48.33 -6.01 -5.67
CA SER A 231 49.39 -6.71 -4.99
C SER A 231 50.60 -5.79 -4.91
N HIS A 232 51.62 -6.21 -4.16
CA HIS A 232 52.82 -5.39 -4.04
C HIS A 232 53.66 -5.43 -5.32
N GLU A 233 53.46 -6.43 -6.17
CA GLU A 233 54.14 -6.44 -7.46
C GLU A 233 53.52 -5.46 -8.43
N MET A 234 52.19 -5.28 -8.35
CA MET A 234 51.54 -4.35 -9.27
C MET A 234 51.50 -2.94 -8.71
N ALA A 235 51.59 -2.79 -7.40
CA ALA A 235 51.63 -1.44 -6.83
C ALA A 235 52.99 -0.80 -7.04
N ALA A 236 54.02 -1.62 -7.20
CA ALA A 236 55.35 -1.10 -7.47
C ALA A 236 55.50 -0.69 -8.93
N GLY A 237 54.75 -1.36 -9.81
CA GLY A 237 54.89 -1.09 -11.23
C GLY A 237 54.08 0.10 -11.69
N ILE A 238 53.08 0.50 -10.91
CA ILE A 238 52.27 1.64 -11.30
C ILE A 238 52.70 2.88 -10.54
N LEU A 239 53.76 2.78 -9.75
CA LEU A 239 54.40 3.97 -9.22
C LEU A 239 55.46 4.48 -10.17
N LYS A 240 56.01 3.59 -10.99
CA LYS A 240 56.88 4.02 -12.09
C LYS A 240 56.09 4.80 -13.13
N GLN A 241 54.89 4.34 -13.44
CA GLN A 241 54.07 5.02 -14.42
C GLN A 241 53.38 6.24 -13.83
N ALA A 242 53.29 6.33 -12.50
CA ALA A 242 52.84 7.57 -11.90
C ALA A 242 54.00 8.54 -11.73
N LEU A 243 55.23 8.05 -11.85
CA LEU A 243 56.40 8.94 -11.87
C LEU A 243 56.60 9.51 -13.26
N ALA A 244 56.47 8.67 -14.28
CA ALA A 244 56.63 9.06 -15.68
C ALA A 244 55.53 10.01 -16.11
N MET A 245 54.34 9.89 -15.51
CA MET A 245 53.26 10.84 -15.74
C MET A 245 53.38 12.10 -14.91
N GLY A 246 54.33 12.16 -13.99
CA GLY A 246 54.50 13.33 -13.16
C GLY A 246 53.38 13.47 -12.14
N MET A 247 52.84 12.33 -11.71
CA MET A 247 51.83 12.29 -10.67
C MET A 247 52.40 11.95 -9.31
N MET A 248 53.72 11.94 -9.17
CA MET A 248 54.36 11.79 -7.87
C MET A 248 54.83 13.16 -7.40
N THR A 249 53.88 13.97 -6.94
CA THR A 249 54.18 15.32 -6.48
C THR A 249 53.76 15.46 -5.03
N GLU A 250 53.79 16.68 -4.50
CA GLU A 250 53.26 16.95 -3.17
C GLU A 250 51.76 17.20 -3.18
N TYR A 251 51.09 16.98 -4.30
CA TYR A 251 49.63 17.10 -4.39
C TYR A 251 48.93 15.76 -4.25
N TYR A 252 49.63 14.66 -4.49
CA TYR A 252 49.03 13.34 -4.59
C TYR A 252 49.27 12.56 -3.30
N HIS A 253 48.23 11.84 -2.86
CA HIS A 253 48.29 11.00 -1.67
C HIS A 253 47.74 9.64 -2.03
N TYR A 254 48.50 8.60 -1.73
CA TYR A 254 48.19 7.24 -2.16
C TYR A 254 48.04 6.34 -0.96
N ILE A 255 46.88 5.75 -0.80
CA ILE A 255 46.68 4.67 0.17
C ILE A 255 46.76 3.36 -0.58
N PHE A 256 47.52 2.41 -0.05
CA PHE A 256 47.67 1.11 -0.68
C PHE A 256 46.97 0.05 0.17
N THR A 257 46.10 -0.72 -0.46
CA THR A 257 45.37 -1.79 0.22
C THR A 257 46.15 -3.10 0.11
N THR A 258 47.41 -3.07 0.54
CA THR A 258 48.27 -4.25 0.56
C THR A 258 49.13 -4.18 1.81
N LEU A 259 49.43 -5.35 2.37
CA LEU A 259 50.18 -5.44 3.60
C LEU A 259 51.68 -5.61 3.35
N ASP A 260 52.13 -5.34 2.13
CA ASP A 260 53.53 -5.46 1.76
C ASP A 260 54.01 -4.17 1.12
N LEU A 261 53.52 -3.03 1.62
CA LEU A 261 54.02 -1.74 1.22
C LEU A 261 55.42 -1.48 1.78
N PHE A 262 55.76 -2.13 2.90
CA PHE A 262 57.08 -2.07 3.52
C PHE A 262 58.15 -2.77 2.68
N ALA A 263 57.74 -3.50 1.65
CA ALA A 263 58.63 -4.27 0.81
C ALA A 263 58.91 -3.61 -0.53
N LEU A 264 58.53 -2.34 -0.71
CA LEU A 264 58.76 -1.62 -1.95
C LEU A 264 60.01 -0.77 -1.86
N ASP A 265 60.78 -0.75 -2.94
CA ASP A 265 61.91 0.17 -3.07
C ASP A 265 61.37 1.56 -3.31
N VAL A 266 61.45 2.42 -2.30
CA VAL A 266 60.82 3.73 -2.33
C VAL A 266 61.83 4.85 -2.52
N GLU A 267 63.10 4.50 -2.75
CA GLU A 267 64.19 5.45 -3.04
C GLU A 267 63.93 6.45 -4.17
N PRO A 268 63.27 6.12 -5.30
CA PRO A 268 62.95 7.17 -6.27
C PRO A 268 61.87 8.14 -5.81
N TYR A 269 61.06 7.76 -4.82
CA TYR A 269 59.91 8.55 -4.43
C TYR A 269 60.06 9.20 -3.07
N ARG A 270 61.21 9.05 -2.43
CA ARG A 270 61.41 9.47 -1.05
C ARG A 270 61.49 10.98 -0.92
N TYR A 271 61.98 11.65 -1.96
CA TYR A 271 62.19 13.10 -1.92
C TYR A 271 61.14 13.88 -2.70
N SER A 272 60.20 13.21 -3.36
CA SER A 272 59.26 13.89 -4.24
C SER A 272 58.16 14.62 -3.50
N GLY A 273 58.05 14.45 -2.19
CA GLY A 273 56.97 15.07 -1.44
C GLY A 273 55.67 14.31 -1.46
N VAL A 274 55.67 13.08 -2.00
CA VAL A 274 54.46 12.27 -2.08
C VAL A 274 54.20 11.68 -0.71
N ASN A 275 52.94 11.61 -0.32
CA ASN A 275 52.58 10.83 0.85
C ASN A 275 51.93 9.54 0.39
N MET A 276 52.42 8.43 0.93
CA MET A 276 52.08 7.07 0.51
C MET A 276 51.75 6.26 1.76
N THR A 277 50.47 6.24 2.13
CA THR A 277 50.07 5.63 3.39
C THR A 277 49.78 4.15 3.12
N GLY A 278 49.71 3.35 4.19
CA GLY A 278 49.46 1.94 4.04
C GLY A 278 49.43 1.28 5.41
N PHE A 279 49.49 -0.05 5.40
CA PHE A 279 49.43 -0.82 6.63
C PHE A 279 50.54 -1.86 6.63
N ARG A 280 50.69 -2.52 7.76
CA ARG A 280 51.69 -3.57 7.92
C ARG A 280 51.29 -4.43 9.10
N ILE A 281 51.00 -5.70 8.83
CA ILE A 281 50.71 -6.61 9.93
C ILE A 281 51.95 -7.39 10.36
N LEU A 282 52.97 -7.45 9.50
CA LEU A 282 54.21 -8.14 9.82
C LEU A 282 54.96 -7.36 10.89
N ASN A 283 55.03 -7.93 12.09
CA ASN A 283 55.49 -7.24 13.29
C ASN A 283 57.00 -7.08 13.30
N THR A 284 57.53 -6.17 12.49
CA THR A 284 58.98 -6.04 12.30
C THR A 284 59.64 -5.13 13.33
N GLU A 285 59.03 -4.96 14.50
CA GLU A 285 59.71 -4.28 15.59
C GLU A 285 60.04 -5.23 16.72
N ASN A 286 59.45 -6.42 16.74
CA ASN A 286 59.79 -7.45 17.71
C ASN A 286 61.14 -8.03 17.31
N THR A 287 62.00 -8.27 18.31
CA THR A 287 63.33 -8.79 18.04
C THR A 287 63.27 -10.25 17.60
N GLN A 288 62.33 -11.02 18.16
CA GLN A 288 62.19 -12.43 17.79
C GLN A 288 61.65 -12.58 16.38
N VAL A 289 60.84 -11.61 15.93
CA VAL A 289 60.32 -11.65 14.56
C VAL A 289 61.41 -11.25 13.57
N SER A 290 62.17 -10.20 13.90
CA SER A 290 63.21 -9.72 13.00
C SER A 290 64.39 -10.69 12.94
N SER A 291 64.52 -11.57 13.94
CA SER A 291 65.51 -12.62 13.87
C SER A 291 65.13 -13.67 12.83
N ILE A 292 63.83 -13.99 12.75
CA ILE A 292 63.37 -15.03 11.83
C ILE A 292 63.37 -14.51 10.40
N ILE A 293 63.03 -13.23 10.22
CA ILE A 293 63.10 -12.62 8.89
C ILE A 293 64.56 -12.50 8.44
N GLU A 294 65.48 -12.33 9.39
CA GLU A 294 66.90 -12.34 9.07
C GLU A 294 67.35 -13.74 8.66
N LYS A 295 66.83 -14.78 9.33
CA LYS A 295 67.15 -16.14 8.94
C LYS A 295 66.50 -16.52 7.62
N TRP A 296 65.44 -15.80 7.24
CA TRP A 296 64.75 -16.05 5.98
C TRP A 296 65.60 -15.65 4.78
N SER A 297 66.14 -14.43 4.82
CA SER A 297 66.92 -13.90 3.71
C SER A 297 68.26 -14.62 3.56
N MET A 298 68.84 -15.05 4.68
CA MET A 298 70.14 -15.72 4.63
C MET A 298 70.02 -17.15 4.13
N GLU A 299 69.15 -17.95 4.76
CA GLU A 299 69.14 -19.39 4.51
C GLU A 299 68.52 -19.76 3.17
N ARG A 300 67.44 -19.06 2.77
CA ARG A 300 66.85 -19.33 1.46
C ARG A 300 67.79 -18.97 0.32
N LEU A 301 68.03 -17.65 0.13
CA LEU A 301 69.06 -17.07 -0.74
C LEU A 301 68.86 -17.35 -2.23
N GLN A 302 67.87 -18.14 -2.59
CA GLN A 302 67.65 -18.55 -3.98
C GLN A 302 66.71 -17.53 -4.63
N ALA A 303 66.56 -17.59 -5.97
CA ALA A 303 65.75 -16.71 -6.81
C ALA A 303 66.04 -15.24 -6.56
N PRO A 304 67.17 -14.71 -7.04
CA PRO A 304 67.44 -13.28 -6.88
C PRO A 304 66.45 -12.44 -7.67
N PRO A 305 65.93 -11.36 -7.08
CA PRO A 305 64.88 -10.59 -7.74
C PRO A 305 65.40 -9.82 -8.95
N LYS A 306 64.47 -9.43 -9.81
CA LYS A 306 64.77 -8.64 -11.00
C LYS A 306 65.25 -7.27 -10.56
N PRO A 307 66.40 -6.80 -11.06
CA PRO A 307 66.99 -5.56 -10.55
C PRO A 307 66.28 -4.31 -11.03
N ASP A 308 65.48 -4.44 -12.09
CA ASP A 308 64.77 -3.31 -12.69
C ASP A 308 63.37 -3.24 -12.12
N SER A 309 63.07 -4.02 -11.08
CA SER A 309 61.74 -4.01 -10.50
C SER A 309 61.52 -2.92 -9.46
N GLY A 310 62.21 -2.99 -8.32
CA GLY A 310 61.75 -2.26 -7.15
C GLY A 310 60.58 -2.98 -6.53
N LEU A 311 60.58 -3.14 -5.20
CA LEU A 311 60.56 -4.44 -4.51
C LEU A 311 61.96 -4.98 -4.27
N LEU A 312 62.54 -4.50 -3.16
CA LEU A 312 63.88 -4.77 -2.65
C LEU A 312 64.14 -6.26 -2.39
N ASP A 313 65.34 -6.59 -1.91
CA ASP A 313 65.78 -7.97 -1.85
C ASP A 313 65.41 -8.71 -0.57
N GLY A 314 65.84 -8.23 0.60
CA GLY A 314 65.73 -9.00 1.83
C GLY A 314 64.46 -8.78 2.63
N PHE A 315 63.34 -9.35 2.19
CA PHE A 315 62.05 -9.17 2.85
C PHE A 315 61.30 -10.48 2.88
N MET A 316 60.36 -10.61 3.82
CA MET A 316 59.31 -11.61 3.73
C MET A 316 58.05 -10.96 3.20
N THR A 317 57.38 -11.63 2.27
CA THR A 317 56.00 -11.29 1.95
C THR A 317 55.12 -11.59 3.16
N THR A 318 53.98 -10.90 3.24
CA THR A 318 53.00 -11.27 4.24
C THR A 318 52.29 -12.57 3.86
N ASP A 319 52.43 -12.99 2.61
CA ASP A 319 51.88 -14.27 2.18
C ASP A 319 52.68 -15.42 2.74
N ALA A 320 54.00 -15.23 2.89
CA ALA A 320 54.84 -16.28 3.47
C ALA A 320 54.93 -16.13 4.97
N ALA A 321 54.63 -14.95 5.51
CA ALA A 321 54.58 -14.79 6.95
C ALA A 321 53.40 -15.53 7.55
N LEU A 322 52.27 -15.54 6.83
CA LEU A 322 51.07 -16.21 7.33
C LEU A 322 51.15 -17.72 7.17
N MET A 323 51.99 -18.22 6.27
CA MET A 323 52.19 -19.66 6.18
C MET A 323 53.17 -20.14 7.24
N TYR A 324 54.11 -19.28 7.64
CA TYR A 324 54.95 -19.56 8.79
C TYR A 324 54.12 -19.57 10.07
N ASP A 325 53.13 -18.68 10.14
CA ASP A 325 52.25 -18.63 11.30
C ASP A 325 51.27 -19.81 11.32
N ALA A 326 50.86 -20.29 10.14
CA ALA A 326 49.81 -21.30 10.06
C ALA A 326 50.27 -22.64 10.59
N VAL A 327 51.58 -22.91 10.51
CA VAL A 327 52.08 -24.18 11.04
C VAL A 327 52.19 -24.09 12.56
N HIS A 328 52.40 -22.89 13.09
CA HIS A 328 52.58 -22.74 14.53
C HIS A 328 51.25 -22.72 15.27
N VAL A 329 50.21 -22.15 14.66
CA VAL A 329 48.90 -22.10 15.32
C VAL A 329 48.29 -23.50 15.38
N VAL A 330 48.52 -24.31 14.35
CA VAL A 330 48.12 -25.72 14.40
C VAL A 330 48.99 -26.48 15.39
N SER A 331 50.25 -26.08 15.54
CA SER A 331 51.13 -26.77 16.48
C SER A 331 50.80 -26.43 17.93
N VAL A 332 50.07 -25.34 18.16
CA VAL A 332 49.48 -25.10 19.48
C VAL A 332 48.41 -26.15 19.77
N ALA A 333 47.63 -26.50 18.75
CA ALA A 333 46.48 -27.38 18.95
C ALA A 333 46.87 -28.84 19.05
N VAL A 334 48.14 -29.18 18.75
CA VAL A 334 48.56 -30.57 18.91
C VAL A 334 49.33 -30.76 20.22
N GLN A 335 49.74 -29.65 20.86
CA GLN A 335 50.18 -29.73 22.24
C GLN A 335 49.02 -30.03 23.17
N GLN A 336 47.88 -29.41 22.89
CA GLN A 336 46.70 -29.53 23.76
C GLN A 336 45.90 -30.78 23.47
N PHE A 337 46.37 -31.62 22.55
CA PHE A 337 45.65 -32.83 22.17
C PHE A 337 46.65 -33.95 21.94
N PRO A 338 47.00 -34.68 23.00
CA PRO A 338 47.82 -35.89 22.81
C PRO A 338 46.99 -37.05 22.27
N GLN A 339 47.62 -38.23 22.20
CA GLN A 339 47.15 -39.49 21.61
C GLN A 339 46.48 -39.31 20.24
N MET A 340 46.98 -38.35 19.46
CA MET A 340 46.41 -38.05 18.15
C MET A 340 47.12 -38.88 17.09
N THR A 341 46.35 -39.72 16.41
CA THR A 341 46.92 -40.61 15.40
C THR A 341 46.39 -40.19 14.04
N VAL A 342 47.19 -40.48 13.01
CA VAL A 342 46.83 -40.16 11.63
C VAL A 342 46.15 -41.35 10.99
N SER A 343 44.92 -41.14 10.49
CA SER A 343 44.17 -42.19 9.83
C SER A 343 44.27 -42.03 8.32
N SER A 344 43.91 -43.08 7.60
CA SER A 344 43.94 -43.10 6.14
C SER A 344 42.50 -43.00 5.65
N LEU A 345 42.13 -41.82 5.19
CA LEU A 345 40.75 -41.55 4.80
C LEU A 345 40.57 -41.79 3.30
N GLN A 346 39.33 -42.08 2.92
CA GLN A 346 38.99 -42.34 1.53
C GLN A 346 37.91 -41.37 1.06
N CYS A 347 38.10 -40.81 -0.13
CA CYS A 347 37.10 -39.92 -0.70
C CYS A 347 35.96 -40.69 -1.36
N ASN A 348 36.24 -41.89 -1.88
CA ASN A 348 35.20 -42.70 -2.51
C ASN A 348 34.30 -43.36 -1.48
N ARG A 349 34.84 -44.25 -0.65
CA ARG A 349 34.10 -44.85 0.44
C ARG A 349 34.10 -43.86 1.61
N HIS A 350 33.14 -42.96 1.60
CA HIS A 350 33.21 -41.73 2.40
C HIS A 350 32.84 -41.97 3.86
N LYS A 351 33.81 -41.78 4.75
CA LYS A 351 33.59 -41.78 6.18
C LYS A 351 34.38 -40.62 6.81
N PRO A 352 33.82 -39.93 7.80
CA PRO A 352 34.55 -38.81 8.41
C PRO A 352 35.68 -39.29 9.30
N TRP A 353 36.61 -38.39 9.60
CA TRP A 353 37.75 -38.71 10.44
C TRP A 353 37.37 -38.52 11.91
N ARG A 354 37.96 -39.34 12.77
CA ARG A 354 37.51 -39.48 14.15
C ARG A 354 37.80 -38.24 15.00
N PHE A 355 39.07 -37.83 15.05
CA PHE A 355 39.47 -36.81 16.01
C PHE A 355 39.27 -35.40 15.47
N GLY A 356 38.77 -35.27 14.24
CA GLY A 356 38.68 -33.99 13.56
C GLY A 356 37.71 -33.00 14.17
N THR A 357 36.69 -33.48 14.88
CA THR A 357 35.70 -32.59 15.45
C THR A 357 36.26 -31.82 16.64
N ARG A 358 36.99 -32.51 17.51
CA ARG A 358 37.62 -31.84 18.64
C ARG A 358 38.83 -31.03 18.20
N PHE A 359 39.62 -31.57 17.26
CA PHE A 359 40.86 -30.93 16.84
C PHE A 359 40.61 -29.65 16.06
N MET A 360 39.45 -29.55 15.41
CA MET A 360 39.08 -28.29 14.77
C MET A 360 38.73 -27.23 15.81
N SER A 361 38.19 -27.67 16.95
CA SER A 361 37.80 -26.73 18.01
C SER A 361 39.02 -26.18 18.73
N LEU A 362 40.15 -26.90 18.66
CA LEU A 362 41.35 -26.42 19.32
C LEU A 362 42.13 -25.46 18.43
N ILE A 363 42.01 -25.61 17.11
CA ILE A 363 42.60 -24.64 16.20
C ILE A 363 41.85 -23.32 16.25
N LYS A 364 40.52 -23.36 16.31
CA LYS A 364 39.72 -22.15 16.44
C LYS A 364 39.87 -21.46 17.79
N GLU A 365 40.32 -22.18 18.81
CA GLU A 365 40.55 -21.60 20.13
C GLU A 365 42.03 -21.41 20.44
N ALA A 366 42.85 -21.23 19.41
CA ALA A 366 44.29 -21.13 19.61
C ALA A 366 44.75 -19.68 19.52
N HIS A 367 45.58 -19.28 20.48
CA HIS A 367 46.22 -17.97 20.47
C HIS A 367 47.71 -18.15 20.23
N TRP A 368 48.28 -17.25 19.44
CA TRP A 368 49.69 -17.34 19.10
C TRP A 368 50.20 -15.96 18.73
N GLU A 369 51.44 -15.69 19.14
CA GLU A 369 52.15 -14.47 18.79
C GLU A 369 53.16 -14.79 17.70
N GLY A 370 52.73 -14.69 16.45
CA GLY A 370 53.56 -15.09 15.32
C GLY A 370 54.30 -13.89 14.75
N LEU A 371 54.68 -14.03 13.48
CA LEU A 371 55.39 -12.95 12.79
C LEU A 371 54.43 -11.81 12.51
N THR A 372 53.15 -12.12 12.39
CA THR A 372 52.12 -11.14 12.09
C THR A 372 51.41 -10.63 13.34
N GLY A 373 51.80 -11.09 14.53
CA GLY A 373 51.27 -10.56 15.77
C GLY A 373 50.31 -11.52 16.44
N ARG A 374 49.26 -10.95 17.03
CA ARG A 374 48.26 -11.73 17.74
C ARG A 374 47.39 -12.47 16.74
N ILE A 375 47.29 -13.79 16.89
CA ILE A 375 46.53 -14.61 15.96
C ILE A 375 45.34 -15.19 16.72
N THR A 376 44.19 -14.55 16.59
CA THR A 376 42.96 -14.99 17.22
C THR A 376 41.86 -15.12 16.17
N PHE A 377 40.99 -16.10 16.35
CA PHE A 377 39.94 -16.41 15.40
C PHE A 377 38.59 -15.88 15.88
N ASN A 378 37.52 -16.24 15.18
CA ASN A 378 36.27 -15.51 15.28
C ASN A 378 35.16 -16.32 15.93
N LYS A 379 35.25 -17.66 15.91
CA LYS A 379 34.41 -18.64 16.60
C LYS A 379 33.00 -18.75 16.00
N THR A 380 32.64 -17.81 15.14
CA THR A 380 31.44 -17.95 14.32
C THR A 380 31.89 -18.57 13.00
N ASN A 381 32.84 -17.91 12.35
CA ASN A 381 33.58 -18.41 11.21
C ASN A 381 35.07 -18.46 11.56
N GLY A 382 35.89 -19.01 10.68
CA GLY A 382 37.31 -19.07 10.96
C GLY A 382 38.12 -17.92 10.38
N LEU A 383 37.77 -16.69 10.72
CA LEU A 383 38.34 -15.53 10.07
C LEU A 383 39.08 -14.66 11.08
N ARG A 384 40.25 -14.15 10.72
CA ARG A 384 40.92 -13.19 11.57
C ARG A 384 40.26 -11.83 11.43
N THR A 385 39.26 -11.59 12.28
CA THR A 385 38.62 -10.30 12.40
C THR A 385 39.37 -9.38 13.35
N ASP A 386 40.02 -9.92 14.36
CA ASP A 386 40.75 -9.14 15.35
C ASP A 386 42.25 -9.32 15.11
N PHE A 387 42.91 -8.24 14.72
CA PHE A 387 44.34 -8.25 14.45
C PHE A 387 44.92 -6.86 14.69
N ASP A 388 46.24 -6.79 14.76
CA ASP A 388 46.96 -5.55 15.04
C ASP A 388 47.67 -5.08 13.78
N LEU A 389 47.31 -3.91 13.30
CA LEU A 389 47.97 -3.30 12.16
C LEU A 389 48.89 -2.17 12.64
N ASP A 390 49.78 -1.74 11.76
CA ASP A 390 50.70 -0.64 12.03
C ASP A 390 50.70 0.26 10.80
N VAL A 391 49.98 1.37 10.85
CA VAL A 391 49.89 2.24 9.68
C VAL A 391 51.20 2.97 9.43
N ILE A 392 51.79 2.72 8.27
CA ILE A 392 53.08 3.28 7.90
C ILE A 392 52.88 4.30 6.77
N SER A 393 53.75 5.29 6.70
CA SER A 393 53.68 6.29 5.65
C SER A 393 55.06 6.61 5.12
N LEU A 394 55.09 7.39 4.04
CA LEU A 394 56.34 7.76 3.40
C LEU A 394 56.82 9.10 3.94
N LYS A 395 57.99 9.09 4.56
CA LYS A 395 58.68 10.30 4.98
C LYS A 395 59.90 10.48 4.10
N GLU A 396 60.74 11.46 4.42
CA GLU A 396 61.96 11.66 3.64
C GLU A 396 63.08 10.69 4.00
N GLU A 397 62.82 9.77 4.93
CA GLU A 397 63.79 8.73 5.30
C GLU A 397 63.35 7.34 4.87
N GLY A 398 62.17 7.19 4.27
CA GLY A 398 61.64 5.90 3.87
C GLY A 398 60.26 5.70 4.46
N LEU A 399 59.85 4.43 4.55
CA LEU A 399 58.59 4.08 5.19
C LEU A 399 58.75 4.08 6.69
N GLU A 400 57.82 4.72 7.39
CA GLU A 400 57.91 4.89 8.83
C GLU A 400 56.54 4.72 9.46
N LYS A 401 56.49 3.92 10.53
CA LYS A 401 55.28 3.69 11.32
C LYS A 401 54.76 4.96 11.97
N ILE A 402 53.53 5.37 11.64
CA ILE A 402 52.99 6.60 12.19
C ILE A 402 51.69 6.34 12.95
N GLY A 403 51.46 5.12 13.41
CA GLY A 403 50.30 4.84 14.21
C GLY A 403 50.04 3.35 14.33
N THR A 404 48.82 3.03 14.75
CA THR A 404 48.40 1.66 15.01
C THR A 404 46.89 1.60 14.84
N TRP A 405 46.42 0.56 14.14
CA TRP A 405 44.98 0.32 14.01
C TRP A 405 44.63 -0.95 14.76
N ASP A 406 43.45 -0.96 15.38
CA ASP A 406 42.93 -2.09 16.11
C ASP A 406 41.41 -2.03 16.02
N PRO A 407 40.72 -3.17 15.84
CA PRO A 407 39.26 -3.13 15.66
C PRO A 407 38.50 -2.63 16.88
N ALA A 408 39.03 -2.90 18.06
CA ALA A 408 38.41 -2.47 19.31
C ALA A 408 38.61 -0.97 19.49
N SER A 409 39.84 -0.50 19.25
CA SER A 409 40.18 0.89 19.51
C SER A 409 39.93 1.78 18.29
N GLY A 410 40.60 1.50 17.19
CA GLY A 410 40.62 2.39 16.05
C GLY A 410 42.02 2.92 15.80
N LEU A 411 42.10 4.06 15.12
CA LEU A 411 43.39 4.68 14.83
C LEU A 411 43.99 5.32 16.06
N ASN A 412 45.09 4.76 16.55
CA ASN A 412 45.89 5.45 17.54
C ASN A 412 47.08 6.14 16.87
N MET A 413 46.79 7.03 15.93
CA MET A 413 47.87 7.67 15.18
C MET A 413 48.42 8.83 15.98
N THR A 414 49.26 8.52 16.97
CA THR A 414 50.00 9.51 17.73
C THR A 414 51.47 9.41 17.31
N GLU A 415 51.71 8.68 16.22
CA GLU A 415 53.02 8.40 15.65
C GLU A 415 54.00 7.78 16.66
N THR B 33 17.28 -47.68 -32.41
CA THR B 33 17.96 -46.53 -33.00
C THR B 33 19.11 -46.07 -32.11
N HIS B 34 19.52 -44.82 -32.29
CA HIS B 34 20.61 -44.26 -31.49
C HIS B 34 20.08 -43.60 -30.23
N VAL B 35 20.69 -43.92 -29.10
CA VAL B 35 20.39 -43.29 -27.83
C VAL B 35 21.52 -42.32 -27.51
N LEU B 36 21.21 -41.30 -26.73
CA LEU B 36 22.18 -40.25 -26.41
C LEU B 36 21.85 -39.69 -25.03
N ARG B 37 22.63 -40.08 -24.04
CA ARG B 37 22.36 -39.72 -22.66
C ARG B 37 22.94 -38.36 -22.32
N PHE B 38 22.12 -37.52 -21.70
CA PHE B 38 22.57 -36.25 -21.15
C PHE B 38 22.68 -36.38 -19.64
N GLY B 39 23.44 -35.46 -19.03
CA GLY B 39 23.56 -35.45 -17.59
C GLY B 39 23.02 -34.16 -16.99
N GLY B 40 22.49 -34.28 -15.79
CA GLY B 40 21.99 -33.12 -15.08
C GLY B 40 22.27 -33.22 -13.59
N ILE B 41 22.66 -32.11 -12.98
CA ILE B 41 22.88 -32.05 -11.54
C ILE B 41 22.02 -30.90 -11.02
N PHE B 42 21.05 -31.22 -10.17
CA PHE B 42 20.03 -30.26 -9.76
C PHE B 42 19.91 -30.23 -8.25
N GLU B 43 19.04 -29.34 -7.77
CA GLU B 43 18.87 -29.13 -6.33
C GLU B 43 18.06 -30.26 -5.72
N TYR B 44 18.50 -30.74 -4.56
CA TYR B 44 17.78 -31.77 -3.81
C TYR B 44 16.69 -31.12 -2.95
N VAL B 45 15.48 -31.05 -3.50
CA VAL B 45 14.31 -30.61 -2.76
C VAL B 45 13.82 -31.81 -1.97
N GLU B 46 13.72 -31.66 -0.64
CA GLU B 46 13.50 -32.82 0.22
C GLU B 46 12.05 -33.26 0.21
N SER B 47 11.12 -32.37 0.54
CA SER B 47 9.73 -32.76 0.73
C SER B 47 8.88 -32.44 -0.50
N GLY B 48 9.12 -31.29 -1.12
CA GLY B 48 8.32 -30.85 -2.23
C GLY B 48 8.67 -31.56 -3.53
N PRO B 49 8.10 -31.09 -4.63
CA PRO B 49 8.42 -31.68 -5.94
C PRO B 49 9.78 -31.23 -6.44
N MET B 50 10.08 -31.62 -7.68
CA MET B 50 11.33 -31.24 -8.32
C MET B 50 11.34 -29.75 -8.61
N GLY B 51 12.54 -29.21 -8.81
CA GLY B 51 12.70 -27.79 -9.02
C GLY B 51 12.21 -27.34 -10.39
N ALA B 52 12.22 -26.02 -10.58
CA ALA B 52 11.75 -25.46 -11.84
C ALA B 52 12.74 -25.74 -12.97
N GLU B 53 14.02 -25.85 -12.64
CA GLU B 53 15.03 -26.14 -13.66
C GLU B 53 15.07 -27.61 -13.99
N GLU B 54 14.59 -28.46 -13.08
CA GLU B 54 14.60 -29.90 -13.35
C GLU B 54 13.38 -30.33 -14.15
N LEU B 55 12.22 -29.72 -13.88
CA LEU B 55 11.05 -29.91 -14.74
C LEU B 55 11.32 -29.45 -16.15
N ALA B 56 11.97 -28.29 -16.30
CA ALA B 56 12.24 -27.74 -17.62
C ALA B 56 13.25 -28.57 -18.38
N PHE B 57 14.15 -29.24 -17.66
CA PHE B 57 15.06 -30.18 -18.32
C PHE B 57 14.33 -31.44 -18.76
N ARG B 58 13.36 -31.89 -17.95
CA ARG B 58 12.58 -33.06 -18.32
C ARG B 58 11.54 -32.72 -19.39
N PHE B 59 11.04 -31.49 -19.38
CA PHE B 59 10.05 -31.08 -20.38
C PHE B 59 10.69 -30.86 -21.74
N ALA B 60 11.97 -30.48 -21.76
CA ALA B 60 12.64 -30.20 -23.02
C ALA B 60 13.09 -31.49 -23.70
N VAL B 61 13.46 -32.51 -22.91
CA VAL B 61 13.84 -33.79 -23.49
C VAL B 61 12.63 -34.50 -24.06
N ASN B 62 11.50 -34.43 -23.35
CA ASN B 62 10.28 -35.10 -23.79
C ASN B 62 9.66 -34.41 -25.00
N THR B 63 10.02 -33.14 -25.22
CA THR B 63 9.51 -32.41 -26.38
C THR B 63 10.31 -32.76 -27.64
N ILE B 64 11.62 -32.91 -27.50
CA ILE B 64 12.50 -33.13 -28.64
C ILE B 64 12.32 -34.52 -29.23
N ASN B 65 12.30 -35.56 -28.38
CA ASN B 65 12.18 -36.91 -28.91
C ASN B 65 10.76 -37.23 -29.38
N ARG B 66 9.79 -36.41 -28.97
CA ARG B 66 8.45 -36.47 -29.54
C ARG B 66 8.42 -35.83 -30.93
N ASN B 67 9.10 -34.70 -31.09
CA ASN B 67 9.20 -34.00 -32.36
C ASN B 67 9.99 -34.81 -33.37
N ARG B 68 9.73 -34.61 -34.65
CA ARG B 68 10.39 -35.37 -35.70
C ARG B 68 11.28 -34.50 -36.60
N THR B 69 10.95 -33.23 -36.76
CA THR B 69 11.80 -32.31 -37.51
C THR B 69 13.09 -32.05 -36.75
N LEU B 70 13.00 -31.97 -35.43
CA LEU B 70 14.18 -31.80 -34.59
C LEU B 70 14.57 -33.18 -34.05
N LEU B 71 15.78 -33.65 -34.40
CA LEU B 71 16.27 -34.99 -34.12
C LEU B 71 15.31 -36.10 -34.61
N PRO B 72 15.31 -36.40 -35.91
CA PRO B 72 14.43 -37.46 -36.43
C PRO B 72 14.71 -38.85 -35.86
N ASN B 73 15.96 -39.30 -35.86
CA ASN B 73 16.30 -40.59 -35.25
C ASN B 73 17.40 -40.42 -34.21
N THR B 74 17.00 -39.99 -33.01
CA THR B 74 17.86 -39.93 -31.83
C THR B 74 16.95 -39.79 -30.62
N THR B 75 16.96 -40.78 -29.73
CA THR B 75 16.14 -40.75 -28.53
C THR B 75 17.00 -40.29 -27.36
N LEU B 76 16.71 -39.10 -26.83
CA LEU B 76 17.48 -38.56 -25.71
C LEU B 76 16.97 -39.15 -24.40
N THR B 77 17.87 -39.75 -23.64
CA THR B 77 17.61 -40.11 -22.25
C THR B 77 18.44 -39.21 -21.36
N TYR B 78 18.23 -39.29 -20.05
CA TYR B 78 18.90 -38.37 -19.13
C TYR B 78 19.25 -39.08 -17.82
N ASP B 79 20.13 -38.44 -17.06
CA ASP B 79 20.76 -39.03 -15.88
C ASP B 79 20.79 -38.02 -14.73
N THR B 80 19.63 -37.43 -14.40
CA THR B 80 19.56 -36.38 -13.39
C THR B 80 19.95 -36.89 -12.01
N GLN B 81 20.77 -36.10 -11.32
CA GLN B 81 21.21 -36.37 -9.96
C GLN B 81 20.92 -35.14 -9.10
N LYS B 82 20.77 -35.33 -7.80
CA LYS B 82 20.45 -34.25 -6.89
C LYS B 82 21.61 -34.00 -5.94
N ILE B 83 21.97 -32.72 -5.76
CA ILE B 83 22.95 -32.32 -4.76
C ILE B 83 22.35 -31.20 -3.93
N ASN B 84 23.12 -30.69 -2.96
CA ASN B 84 22.70 -29.59 -2.10
C ASN B 84 23.01 -28.22 -2.67
N LEU B 85 23.82 -28.16 -3.75
CA LEU B 85 24.27 -26.96 -4.48
C LEU B 85 25.22 -26.08 -3.68
N TYR B 86 25.48 -26.39 -2.41
CA TYR B 86 26.44 -25.64 -1.62
C TYR B 86 27.56 -26.56 -1.17
N ASP B 87 27.84 -27.59 -1.97
CA ASP B 87 28.79 -28.65 -1.63
C ASP B 87 29.53 -29.00 -2.92
N SER B 88 30.75 -28.49 -3.06
CA SER B 88 31.53 -28.74 -4.27
C SER B 88 32.06 -30.17 -4.30
N PHE B 89 32.11 -30.83 -3.14
CA PHE B 89 32.57 -32.21 -3.10
C PHE B 89 31.46 -33.16 -3.52
N GLU B 90 30.21 -32.84 -3.16
CA GLU B 90 29.09 -33.68 -3.57
C GLU B 90 28.80 -33.49 -5.05
N ALA B 91 29.02 -32.29 -5.58
CA ALA B 91 28.85 -32.01 -6.99
C ALA B 91 29.91 -32.73 -7.83
N SER B 92 31.10 -32.91 -7.25
CA SER B 92 32.18 -33.55 -7.99
C SER B 92 32.03 -35.07 -7.96
N LYS B 93 31.38 -35.59 -6.94
CA LYS B 93 31.08 -37.03 -6.91
C LYS B 93 29.98 -37.37 -7.90
N LYS B 94 28.95 -36.52 -7.97
CA LYS B 94 27.82 -36.79 -8.85
C LYS B 94 28.19 -36.57 -10.30
N ALA B 95 29.16 -35.70 -10.57
CA ALA B 95 29.58 -35.46 -11.95
C ALA B 95 30.41 -36.62 -12.46
N CYS B 96 31.26 -37.21 -11.62
CA CYS B 96 32.05 -38.36 -12.06
C CYS B 96 31.20 -39.62 -12.16
N ASP B 97 30.09 -39.68 -11.42
CA ASP B 97 29.17 -40.81 -11.55
C ASP B 97 28.45 -40.76 -12.89
N GLN B 98 28.09 -39.56 -13.35
CA GLN B 98 27.47 -39.42 -14.66
C GLN B 98 28.50 -39.61 -15.77
N LEU B 99 29.76 -39.27 -15.49
CA LEU B 99 30.83 -39.54 -16.45
C LEU B 99 31.21 -41.01 -16.50
N SER B 100 31.02 -41.75 -15.40
CA SER B 100 31.29 -43.18 -15.40
C SER B 100 30.23 -43.96 -16.17
N LEU B 101 28.95 -43.62 -15.98
CA LEU B 101 27.89 -44.20 -16.77
C LEU B 101 27.97 -43.73 -18.21
N GLY B 102 28.33 -42.47 -18.41
CA GLY B 102 28.54 -41.93 -19.74
C GLY B 102 27.46 -40.96 -20.15
N VAL B 103 27.84 -39.71 -20.39
CA VAL B 103 26.93 -38.68 -20.86
C VAL B 103 27.57 -37.98 -22.05
N ALA B 104 26.74 -37.25 -22.80
CA ALA B 104 27.22 -36.40 -23.88
C ALA B 104 27.47 -34.97 -23.44
N ALA B 105 26.79 -34.52 -22.39
CA ALA B 105 26.98 -33.17 -21.85
C ALA B 105 26.54 -33.18 -20.39
N ILE B 106 27.00 -32.17 -19.65
CA ILE B 106 26.61 -31.94 -18.28
C ILE B 106 25.88 -30.61 -18.22
N PHE B 107 24.63 -30.63 -17.76
CA PHE B 107 23.83 -29.41 -17.72
C PHE B 107 23.96 -28.68 -16.39
N GLY B 108 24.83 -29.15 -15.50
CA GLY B 108 25.45 -28.30 -14.51
C GLY B 108 24.62 -27.94 -13.30
N PRO B 109 25.30 -27.74 -12.18
CA PRO B 109 24.63 -27.13 -11.02
C PRO B 109 24.40 -25.65 -11.24
N SER B 110 23.55 -25.07 -10.38
CA SER B 110 23.12 -23.70 -10.53
C SER B 110 23.61 -22.85 -9.35
N HIS B 111 24.89 -23.02 -9.00
CA HIS B 111 25.51 -22.25 -7.94
C HIS B 111 26.99 -22.09 -8.26
N SER B 112 27.54 -20.93 -7.89
CA SER B 112 28.90 -20.54 -8.29
C SER B 112 29.97 -21.46 -7.74
N SER B 113 29.79 -21.96 -6.52
CA SER B 113 30.77 -22.86 -5.93
C SER B 113 30.68 -24.25 -6.53
N SER B 114 29.46 -24.68 -6.84
CA SER B 114 29.27 -26.04 -7.34
C SER B 114 29.56 -26.14 -8.83
N ALA B 115 29.27 -25.08 -9.58
CA ALA B 115 29.46 -25.13 -11.03
C ALA B 115 30.93 -25.02 -11.39
N ASN B 116 31.72 -24.34 -10.57
CA ASN B 116 33.15 -24.21 -10.83
C ASN B 116 33.88 -25.53 -10.60
N ALA B 117 33.33 -26.40 -9.75
CA ALA B 117 33.93 -27.70 -9.54
C ALA B 117 33.64 -28.65 -10.69
N VAL B 118 32.42 -28.57 -11.24
CA VAL B 118 32.03 -29.46 -12.32
C VAL B 118 32.63 -28.99 -13.64
N GLN B 119 32.83 -27.67 -13.77
CA GLN B 119 33.45 -27.11 -14.97
C GLN B 119 34.87 -27.63 -15.18
N SER B 120 35.62 -27.78 -14.09
CA SER B 120 36.99 -28.26 -14.21
C SER B 120 37.05 -29.76 -14.44
N ILE B 121 35.99 -30.48 -14.05
CA ILE B 121 35.89 -31.89 -14.38
C ILE B 121 35.58 -32.05 -15.87
N CYS B 122 34.67 -31.23 -16.37
CA CYS B 122 34.24 -31.32 -17.76
C CYS B 122 35.33 -30.80 -18.69
N ASN B 123 36.10 -29.81 -18.24
CA ASN B 123 37.26 -29.35 -19.02
C ASN B 123 38.32 -30.43 -19.13
N ALA B 124 38.58 -31.15 -18.04
CA ALA B 124 39.65 -32.14 -18.01
C ALA B 124 39.27 -33.36 -18.84
N LEU B 125 38.04 -33.82 -18.70
CA LEU B 125 37.60 -35.04 -19.38
C LEU B 125 37.00 -34.77 -20.75
N GLY B 126 36.94 -33.54 -21.21
CA GLY B 126 36.55 -33.25 -22.58
C GLY B 126 35.08 -33.08 -22.88
N VAL B 127 34.23 -33.39 -21.90
CA VAL B 127 32.78 -33.35 -22.09
C VAL B 127 32.30 -31.90 -21.97
N PRO B 128 31.37 -31.44 -22.80
CA PRO B 128 30.81 -30.09 -22.64
C PRO B 128 30.05 -29.92 -21.33
N HIS B 129 30.09 -28.70 -20.82
CA HIS B 129 29.39 -28.32 -19.59
C HIS B 129 28.47 -27.16 -19.90
N ILE B 130 27.16 -27.38 -19.76
CA ILE B 130 26.17 -26.41 -20.19
C ILE B 130 25.70 -25.65 -18.95
N GLN B 131 25.88 -24.35 -18.97
CA GLN B 131 25.52 -23.50 -17.84
C GLN B 131 24.33 -22.63 -18.20
N THR B 132 23.36 -22.55 -17.28
CA THR B 132 22.18 -21.75 -17.51
C THR B 132 22.03 -20.63 -16.50
N ARG B 133 23.08 -20.28 -15.78
CA ARG B 133 23.01 -19.32 -14.69
C ARG B 133 24.36 -18.64 -14.55
N TRP B 134 24.32 -17.37 -14.15
CA TRP B 134 25.53 -16.56 -14.07
C TRP B 134 26.41 -17.03 -12.92
N LYS B 135 27.71 -17.02 -13.15
CA LYS B 135 28.69 -17.17 -12.08
C LYS B 135 29.93 -16.40 -12.45
N HIS B 136 30.75 -16.08 -11.45
CA HIS B 136 31.95 -15.30 -11.69
C HIS B 136 33.02 -16.17 -12.35
N GLN B 137 33.31 -15.88 -13.61
CA GLN B 137 34.48 -16.43 -14.28
C GLN B 137 35.69 -15.66 -13.78
N VAL B 138 36.58 -16.35 -13.07
CA VAL B 138 37.83 -15.75 -12.65
C VAL B 138 38.69 -15.50 -13.88
N SER B 139 39.45 -14.40 -13.85
CA SER B 139 40.04 -13.84 -15.06
C SER B 139 41.20 -14.65 -15.62
N ASP B 140 41.75 -15.60 -14.86
CA ASP B 140 42.89 -16.37 -15.33
C ASP B 140 42.59 -17.87 -15.34
N ASN B 141 41.35 -18.24 -15.63
CA ASN B 141 40.98 -19.65 -15.74
C ASN B 141 40.99 -20.06 -17.21
N LYS B 142 41.77 -21.09 -17.51
CA LYS B 142 41.92 -21.58 -18.87
C LYS B 142 41.00 -22.77 -19.09
N ASP B 143 39.70 -22.50 -19.10
CA ASP B 143 38.69 -23.51 -19.36
C ASP B 143 38.04 -23.27 -20.72
N SER B 144 37.83 -24.34 -21.47
CA SER B 144 37.28 -24.25 -22.81
C SER B 144 35.91 -24.89 -22.91
N PHE B 145 35.73 -26.06 -22.31
CA PHE B 145 34.51 -26.85 -22.49
C PHE B 145 33.36 -26.35 -21.64
N TYR B 146 32.93 -25.10 -21.83
CA TYR B 146 31.72 -24.61 -21.18
C TYR B 146 31.06 -23.50 -22.01
N VAL B 147 29.74 -23.48 -22.04
CA VAL B 147 28.97 -22.35 -22.54
C VAL B 147 27.95 -21.94 -21.49
N SER B 148 27.63 -20.67 -21.46
CA SER B 148 26.67 -20.13 -20.50
C SER B 148 25.53 -19.46 -21.24
N LEU B 149 24.33 -19.98 -21.08
CA LEU B 149 23.16 -19.40 -21.74
C LEU B 149 22.54 -18.25 -20.96
N TYR B 150 23.08 -17.91 -19.80
CA TYR B 150 22.51 -16.78 -19.11
C TYR B 150 23.04 -15.51 -19.75
N PRO B 151 22.21 -14.47 -19.89
CA PRO B 151 22.70 -13.18 -20.42
C PRO B 151 23.79 -12.56 -19.58
N ASP B 152 24.93 -12.30 -20.21
CA ASP B 152 26.14 -11.82 -19.54
C ASP B 152 25.89 -10.44 -18.96
N PHE B 153 26.30 -10.24 -17.71
CA PHE B 153 26.15 -8.94 -17.05
C PHE B 153 27.14 -7.89 -17.54
N SER B 154 28.11 -8.27 -18.37
CA SER B 154 28.85 -7.26 -19.10
C SER B 154 27.96 -6.55 -20.10
N SER B 155 27.08 -7.31 -20.76
CA SER B 155 26.09 -6.72 -21.66
C SER B 155 24.87 -6.22 -20.89
N LEU B 156 24.45 -6.97 -19.87
CA LEU B 156 23.20 -6.70 -19.20
C LEU B 156 23.27 -5.44 -18.33
N SER B 157 24.45 -5.11 -17.79
CA SER B 157 24.58 -3.88 -17.01
C SER B 157 24.94 -2.69 -17.89
N ARG B 158 25.11 -2.90 -19.20
CA ARG B 158 25.12 -1.77 -20.12
C ARG B 158 23.72 -1.45 -20.59
N ALA B 159 22.78 -2.38 -20.39
CA ALA B 159 21.39 -2.12 -20.71
C ALA B 159 20.74 -1.26 -19.64
N ILE B 160 21.06 -1.53 -18.37
CA ILE B 160 20.62 -0.68 -17.27
C ILE B 160 21.22 0.71 -17.36
N LEU B 161 22.47 0.81 -17.79
CA LEU B 161 23.13 2.11 -17.86
C LEU B 161 22.60 2.93 -19.04
N ASP B 162 21.99 2.29 -20.03
CA ASP B 162 21.30 3.04 -21.08
C ASP B 162 19.99 3.60 -20.56
N LEU B 163 19.37 2.93 -19.60
CA LEU B 163 18.10 3.40 -19.06
C LEU B 163 18.28 4.58 -18.13
N VAL B 164 19.38 4.62 -17.37
CA VAL B 164 19.59 5.76 -16.47
C VAL B 164 20.03 6.99 -17.24
N GLN B 165 20.40 6.82 -18.51
CA GLN B 165 20.71 7.97 -19.37
C GLN B 165 19.50 8.37 -20.20
N PHE B 166 18.67 7.41 -20.60
CA PHE B 166 17.42 7.71 -21.27
C PHE B 166 16.44 8.40 -20.35
N PHE B 167 16.43 8.05 -19.08
CA PHE B 167 15.56 8.68 -18.09
C PHE B 167 16.18 9.93 -17.50
N LYS B 168 17.38 10.29 -17.94
CA LYS B 168 18.10 11.51 -17.56
C LYS B 168 18.34 11.60 -16.06
N TRP B 169 18.71 10.46 -15.47
CA TRP B 169 19.01 10.42 -14.05
C TRP B 169 20.39 11.00 -13.77
N LYS B 170 20.51 11.66 -12.63
CA LYS B 170 21.78 12.22 -12.20
C LYS B 170 22.14 11.83 -10.77
N THR B 171 21.26 11.08 -10.09
CA THR B 171 21.55 10.58 -8.76
C THR B 171 20.82 9.25 -8.60
N VAL B 172 21.58 8.16 -8.59
CA VAL B 172 21.02 6.81 -8.60
C VAL B 172 21.40 6.14 -7.29
N THR B 173 20.65 5.11 -6.90
CA THR B 173 20.96 4.29 -5.74
C THR B 173 20.88 2.82 -6.14
N VAL B 174 22.01 2.13 -6.10
CA VAL B 174 22.05 0.71 -6.40
C VAL B 174 21.92 -0.06 -5.10
N VAL B 175 20.93 -0.93 -5.02
CA VAL B 175 20.69 -1.78 -3.86
C VAL B 175 20.86 -3.23 -4.29
N TYR B 176 21.85 -3.91 -3.74
CA TYR B 176 22.10 -5.30 -4.03
C TYR B 176 21.88 -6.14 -2.78
N ASP B 177 21.94 -7.47 -2.95
CA ASP B 177 21.67 -8.38 -1.84
C ASP B 177 22.91 -9.13 -1.36
N ASP B 178 23.64 -9.80 -2.24
CA ASP B 178 24.87 -10.49 -1.85
C ASP B 178 26.06 -9.81 -2.50
N SER B 179 27.24 -10.05 -1.92
CA SER B 179 28.47 -9.36 -2.31
C SER B 179 28.91 -9.64 -3.73
N THR B 180 28.40 -10.71 -4.36
CA THR B 180 28.70 -11.00 -5.75
C THR B 180 27.96 -10.06 -6.70
N GLY B 181 26.99 -9.30 -6.20
CA GLY B 181 26.26 -8.37 -7.05
C GLY B 181 27.01 -7.10 -7.36
N LEU B 182 28.21 -6.95 -6.81
CA LEU B 182 29.09 -5.87 -7.21
C LEU B 182 29.86 -6.23 -8.46
N ILE B 183 30.17 -7.53 -8.63
CA ILE B 183 30.78 -8.03 -9.85
C ILE B 183 29.81 -7.92 -11.02
N ARG B 184 28.54 -8.24 -10.78
CA ARG B 184 27.52 -8.19 -11.83
C ARG B 184 27.26 -6.78 -12.32
N LEU B 185 27.20 -5.81 -11.40
CA LEU B 185 26.88 -4.44 -11.77
C LEU B 185 28.10 -3.54 -11.80
N GLN B 186 29.27 -4.07 -12.18
CA GLN B 186 30.48 -3.26 -12.09
C GLN B 186 30.60 -2.27 -13.24
N GLU B 187 29.93 -2.54 -14.36
CA GLU B 187 29.94 -1.57 -15.45
C GLU B 187 29.04 -0.39 -15.14
N LEU B 188 28.10 -0.58 -14.22
CA LEU B 188 27.26 0.50 -13.73
C LEU B 188 27.94 1.27 -12.60
N ILE B 189 28.81 0.60 -11.85
CA ILE B 189 29.47 1.19 -10.70
C ILE B 189 30.72 1.96 -11.13
N LYS B 190 31.38 1.53 -12.20
CA LYS B 190 32.56 2.22 -12.72
C LYS B 190 32.21 3.44 -13.57
N ALA B 191 30.92 3.81 -13.63
CA ALA B 191 30.55 4.90 -14.52
C ALA B 191 29.84 6.09 -13.86
N PRO B 192 30.28 6.60 -12.70
CA PRO B 192 30.29 8.06 -12.53
C PRO B 192 31.61 8.66 -12.97
N SER B 193 32.61 7.82 -13.23
CA SER B 193 33.90 8.28 -13.72
C SER B 193 33.86 8.68 -15.19
N ARG B 194 32.87 8.20 -15.95
CA ARG B 194 32.70 8.62 -17.34
C ARG B 194 31.61 9.67 -17.44
N TYR B 195 30.41 9.32 -16.99
CA TYR B 195 29.24 10.18 -17.11
C TYR B 195 29.06 11.02 -15.85
N ASN B 196 27.91 11.67 -15.70
CA ASN B 196 27.67 12.58 -14.58
C ASN B 196 26.67 11.99 -13.58
N LEU B 197 26.74 10.69 -13.33
CA LEU B 197 25.93 10.07 -12.30
C LEU B 197 26.52 10.35 -10.93
N ARG B 198 25.75 10.01 -9.89
CA ARG B 198 26.21 10.08 -8.51
C ARG B 198 25.63 8.87 -7.78
N LEU B 199 26.40 7.79 -7.74
CA LEU B 199 25.91 6.54 -7.19
C LEU B 199 26.00 6.53 -5.67
N LYS B 200 24.99 5.93 -5.04
CA LYS B 200 25.03 5.54 -3.64
C LYS B 200 24.73 4.05 -3.58
N ILE B 201 25.69 3.28 -3.10
CA ILE B 201 25.60 1.83 -3.18
C ILE B 201 25.23 1.29 -1.81
N ARG B 202 24.10 0.60 -1.73
CA ARG B 202 23.57 0.07 -0.48
C ARG B 202 23.37 -1.42 -0.61
N GLN B 203 23.22 -2.10 0.51
CA GLN B 203 23.01 -3.53 0.53
C GLN B 203 21.79 -3.86 1.37
N LEU B 204 20.99 -4.81 0.89
CA LEU B 204 19.88 -5.37 1.63
C LEU B 204 20.38 -6.05 2.90
N PRO B 205 19.64 -5.95 4.01
CA PRO B 205 20.14 -6.51 5.27
C PRO B 205 20.19 -8.02 5.29
N ALA B 206 21.37 -8.57 5.57
CA ALA B 206 21.58 -10.01 5.64
C ALA B 206 20.88 -10.57 6.88
N ASP B 207 20.64 -11.89 6.84
CA ASP B 207 20.10 -12.72 7.93
C ASP B 207 18.67 -12.32 8.27
N THR B 208 18.00 -11.60 7.37
CA THR B 208 16.62 -11.17 7.56
C THR B 208 15.97 -10.83 6.22
N LYS B 209 14.70 -10.45 6.28
CA LYS B 209 13.95 -10.00 5.12
C LYS B 209 13.48 -8.57 5.32
N ASP B 210 13.52 -8.09 6.56
CA ASP B 210 13.02 -6.78 6.94
C ASP B 210 13.96 -5.71 6.39
N ALA B 211 13.63 -5.20 5.21
CA ALA B 211 14.40 -4.16 4.56
C ALA B 211 13.87 -2.76 4.88
N LYS B 212 13.08 -2.65 5.95
CA LYS B 212 12.56 -1.34 6.36
C LYS B 212 13.61 -0.38 6.93
N PRO B 213 14.62 -0.79 7.72
CA PRO B 213 15.66 0.20 8.09
C PRO B 213 16.52 0.67 6.91
N LEU B 214 16.59 -0.12 5.84
CA LEU B 214 17.22 0.36 4.61
C LEU B 214 16.35 1.43 3.95
N LEU B 215 15.04 1.19 3.89
CA LEU B 215 14.15 2.08 3.15
C LEU B 215 13.91 3.39 3.90
N LYS B 216 14.11 3.40 5.22
CA LYS B 216 14.03 4.66 5.97
C LYS B 216 15.17 5.59 5.59
N GLU B 217 16.37 5.04 5.39
CA GLU B 217 17.53 5.85 5.04
C GLU B 217 17.42 6.35 3.60
N MET B 218 16.67 5.63 2.77
CA MET B 218 16.52 6.02 1.37
C MET B 218 15.42 7.07 1.22
N LYS B 219 14.40 7.03 2.08
CA LYS B 219 13.40 8.08 2.09
C LYS B 219 13.96 9.38 2.67
N ARG B 220 14.67 9.26 3.79
CA ARG B 220 15.26 10.42 4.46
C ARG B 220 16.36 11.04 3.62
N GLY B 221 17.13 10.22 2.91
CA GLY B 221 18.17 10.73 2.05
C GLY B 221 17.70 11.19 0.69
N LYS B 222 16.38 11.12 0.44
CA LYS B 222 15.73 11.52 -0.80
C LYS B 222 16.29 10.76 -2.01
N GLU B 223 16.21 9.44 -1.94
CA GLU B 223 16.70 8.55 -2.99
C GLU B 223 15.49 8.04 -3.75
N PHE B 224 15.06 8.82 -4.74
CA PHE B 224 13.84 8.49 -5.48
C PHE B 224 14.09 7.54 -6.64
N HIS B 225 15.28 7.58 -7.24
CA HIS B 225 15.62 6.74 -8.37
C HIS B 225 16.53 5.61 -7.91
N VAL B 226 16.01 4.38 -7.94
CA VAL B 226 16.64 3.24 -7.27
C VAL B 226 16.78 2.09 -8.24
N ILE B 227 17.96 1.45 -8.27
CA ILE B 227 18.16 0.18 -8.98
C ILE B 227 18.24 -0.94 -7.97
N PHE B 228 17.43 -1.99 -8.14
CA PHE B 228 17.42 -3.15 -7.26
C PHE B 228 18.05 -4.33 -7.98
N ASP B 229 19.15 -4.84 -7.44
CA ASP B 229 19.73 -6.10 -7.92
C ASP B 229 19.26 -7.21 -7.00
N CYS B 230 18.18 -7.88 -7.39
CA CYS B 230 17.56 -8.90 -6.56
C CYS B 230 17.14 -10.06 -7.45
N SER B 231 16.65 -11.12 -6.83
CA SER B 231 15.85 -12.10 -7.56
C SER B 231 14.41 -11.60 -7.60
N HIS B 232 13.57 -12.30 -8.36
CA HIS B 232 12.17 -11.89 -8.44
C HIS B 232 11.40 -12.25 -7.18
N GLU B 233 11.93 -13.18 -6.36
CA GLU B 233 11.29 -13.47 -5.08
C GLU B 233 11.59 -12.37 -4.07
N MET B 234 12.78 -11.77 -4.13
CA MET B 234 13.13 -10.72 -3.18
C MET B 234 12.70 -9.35 -3.67
N ALA B 235 12.55 -9.18 -4.98
CA ALA B 235 12.08 -7.89 -5.49
C ALA B 235 10.59 -7.73 -5.25
N ALA B 236 9.88 -8.84 -5.12
CA ALA B 236 8.45 -8.78 -4.83
C ALA B 236 8.21 -8.50 -3.36
N GLY B 237 9.13 -8.93 -2.51
CA GLY B 237 8.94 -8.79 -1.08
C GLY B 237 9.32 -7.42 -0.56
N ILE B 238 10.15 -6.70 -1.32
CA ILE B 238 10.56 -5.36 -0.89
C ILE B 238 9.75 -4.30 -1.59
N LEU B 239 8.77 -4.70 -2.39
CA LEU B 239 7.77 -3.75 -2.86
C LEU B 239 6.61 -3.65 -1.89
N LYS B 240 6.38 -4.70 -1.11
CA LYS B 240 5.44 -4.61 0.00
C LYS B 240 5.95 -3.67 1.08
N GLN B 241 7.24 -3.73 1.36
CA GLN B 241 7.82 -2.87 2.38
C GLN B 241 8.07 -1.47 1.85
N ALA B 242 8.12 -1.31 0.53
CA ALA B 242 8.14 0.04 -0.02
C ALA B 242 6.73 0.60 -0.16
N LEU B 243 5.72 -0.26 -0.06
CA LEU B 243 4.34 0.20 0.00
C LEU B 243 3.97 0.62 1.42
N ALA B 244 4.38 -0.18 2.40
CA ALA B 244 4.13 0.09 3.81
C ALA B 244 4.87 1.32 4.28
N MET B 245 6.03 1.61 3.69
CA MET B 245 6.76 2.84 3.97
C MET B 245 6.23 4.03 3.18
N GLY B 246 5.29 3.82 2.26
CA GLY B 246 4.77 4.92 1.49
C GLY B 246 5.76 5.45 0.48
N MET B 247 6.63 4.57 0.00
CA MET B 247 7.59 4.89 -1.03
C MET B 247 7.14 4.43 -2.41
N MET B 248 5.89 4.02 -2.55
CA MET B 248 5.32 3.72 -3.86
C MET B 248 4.43 4.90 -4.27
N THR B 249 5.07 5.98 -4.69
CA THR B 249 4.34 7.19 -5.09
C THR B 249 4.68 7.51 -6.54
N GLU B 250 4.25 8.69 -7.01
CA GLU B 250 4.65 9.16 -8.33
C GLU B 250 6.00 9.88 -8.31
N TYR B 251 6.72 9.84 -7.19
CA TYR B 251 8.06 10.41 -7.10
C TYR B 251 9.15 9.37 -7.29
N TYR B 252 8.84 8.09 -7.12
CA TYR B 252 9.83 7.02 -7.07
C TYR B 252 9.84 6.26 -8.38
N HIS B 253 11.04 5.93 -8.86
CA HIS B 253 11.24 5.18 -10.08
C HIS B 253 12.19 4.04 -9.79
N TYR B 254 11.81 2.82 -10.13
CA TYR B 254 12.54 1.62 -9.75
C TYR B 254 12.94 0.86 -11.00
N ILE B 255 14.23 0.68 -11.18
CA ILE B 255 14.74 -0.23 -12.20
C ILE B 255 15.10 -1.53 -11.50
N PHE B 256 14.67 -2.65 -12.08
CA PHE B 256 14.95 -3.96 -11.50
C PHE B 256 15.93 -4.71 -12.40
N THR B 257 17.02 -5.18 -11.81
CA THR B 257 18.03 -5.94 -12.53
C THR B 257 17.71 -7.43 -12.48
N THR B 258 16.50 -7.79 -12.91
CA THR B 258 16.07 -9.18 -12.99
C THR B 258 15.22 -9.33 -14.23
N LEU B 259 15.29 -10.51 -14.84
CA LEU B 259 14.59 -10.79 -16.09
C LEU B 259 13.23 -11.43 -15.84
N ASP B 260 12.74 -11.37 -14.61
CA ASP B 260 11.45 -11.94 -14.25
C ASP B 260 10.59 -10.90 -13.55
N LEU B 261 10.69 -9.65 -14.00
CA LEU B 261 9.80 -8.60 -13.54
C LEU B 261 8.39 -8.77 -14.10
N PHE B 262 8.27 -9.45 -15.24
CA PHE B 262 6.99 -9.78 -15.86
C PHE B 262 6.21 -10.82 -15.06
N ALA B 263 6.84 -11.43 -14.06
CA ALA B 263 6.24 -12.48 -13.25
C ALA B 263 5.78 -11.99 -11.88
N LEU B 264 5.75 -10.68 -11.65
CA LEU B 264 5.32 -10.13 -10.38
C LEU B 264 3.86 -9.71 -10.44
N ASP B 265 3.14 -9.98 -9.36
CA ASP B 265 1.78 -9.48 -9.18
C ASP B 265 1.86 -7.99 -8.88
N VAL B 266 1.49 -7.16 -9.86
CA VAL B 266 1.67 -5.72 -9.76
C VAL B 266 0.36 -4.99 -9.53
N GLU B 267 -0.74 -5.73 -9.31
CA GLU B 267 -2.06 -5.20 -8.98
C GLU B 267 -2.12 -4.21 -7.81
N PRO B 268 -1.38 -4.37 -6.69
CA PRO B 268 -1.40 -3.30 -5.68
C PRO B 268 -0.67 -2.03 -6.09
N TYR B 269 0.20 -2.09 -7.11
CA TYR B 269 1.04 -0.96 -7.45
C TYR B 269 0.67 -0.33 -8.78
N ARG B 270 -0.39 -0.81 -9.43
CA ARG B 270 -0.72 -0.42 -10.79
C ARG B 270 -1.28 1.00 -10.85
N TYR B 271 -1.95 1.43 -9.79
CA TYR B 271 -2.60 2.73 -9.75
C TYR B 271 -1.86 3.78 -8.94
N SER B 272 -0.73 3.42 -8.32
CA SER B 272 -0.05 4.31 -7.40
C SER B 272 0.75 5.39 -8.11
N GLY B 273 0.91 5.32 -9.43
CA GLY B 273 1.72 6.28 -10.14
C GLY B 273 3.20 5.97 -10.15
N VAL B 274 3.59 4.79 -9.67
CA VAL B 274 4.99 4.40 -9.63
C VAL B 274 5.41 3.99 -11.01
N ASN B 275 6.63 4.33 -11.41
CA ASN B 275 7.19 3.76 -12.62
C ASN B 275 8.22 2.72 -12.22
N MET B 276 8.11 1.53 -12.81
CA MET B 276 8.88 0.34 -12.45
C MET B 276 9.43 -0.27 -13.73
N THR B 277 10.63 0.13 -14.09
CA THR B 277 11.19 -0.27 -15.38
C THR B 277 11.93 -1.60 -15.18
N GLY B 278 12.24 -2.29 -16.28
CA GLY B 278 12.93 -3.56 -16.20
C GLY B 278 13.15 -4.10 -17.59
N PHE B 279 13.52 -5.38 -17.63
CA PHE B 279 13.80 -6.03 -18.90
C PHE B 279 13.08 -7.37 -18.94
N ARG B 280 13.13 -8.00 -20.11
CA ARG B 280 12.51 -9.30 -20.32
C ARG B 280 13.15 -9.94 -21.53
N ILE B 281 13.83 -11.07 -21.32
CA ILE B 281 14.39 -11.79 -22.46
C ILE B 281 13.46 -12.90 -22.91
N LEU B 282 12.51 -13.32 -22.07
CA LEU B 282 11.55 -14.35 -22.42
C LEU B 282 10.57 -13.81 -23.45
N ASN B 283 10.67 -14.33 -24.68
CA ASN B 283 10.01 -13.75 -25.84
C ASN B 283 8.52 -14.09 -25.85
N THR B 284 7.74 -13.42 -25.01
CA THR B 284 6.33 -13.78 -24.81
C THR B 284 5.40 -13.08 -25.81
N GLU B 285 5.91 -12.67 -26.97
CA GLU B 285 5.04 -12.19 -28.02
C GLU B 285 5.01 -13.16 -29.20
N ASN B 286 5.95 -14.10 -29.26
CA ASN B 286 5.94 -15.14 -30.27
C ASN B 286 4.85 -16.13 -29.92
N THR B 287 4.10 -16.59 -30.92
CA THR B 287 3.00 -17.52 -30.67
C THR B 287 3.53 -18.90 -30.29
N GLN B 288 4.66 -19.30 -30.89
CA GLN B 288 5.24 -20.61 -30.59
C GLN B 288 5.82 -20.64 -29.18
N VAL B 289 6.29 -19.49 -28.68
CA VAL B 289 6.81 -19.42 -27.32
C VAL B 289 5.67 -19.43 -26.32
N SER B 290 4.60 -18.66 -26.60
CA SER B 290 3.48 -18.57 -25.67
C SER B 290 2.67 -19.87 -25.66
N SER B 291 2.80 -20.69 -26.70
CA SER B 291 2.20 -22.01 -26.67
C SER B 291 2.92 -22.93 -25.69
N ILE B 292 4.24 -22.83 -25.62
CA ILE B 292 5.03 -23.70 -24.74
C ILE B 292 4.87 -23.27 -23.29
N ILE B 293 4.79 -21.96 -23.04
CA ILE B 293 4.55 -21.46 -21.69
C ILE B 293 3.14 -21.83 -21.25
N GLU B 294 2.20 -21.91 -22.19
CA GLU B 294 0.86 -22.39 -21.87
C GLU B 294 0.87 -23.88 -21.52
N LYS B 295 1.69 -24.67 -22.23
CA LYS B 295 1.83 -26.08 -21.91
C LYS B 295 2.58 -26.29 -20.60
N TRP B 296 3.37 -25.29 -20.20
CA TRP B 296 4.12 -25.36 -18.94
C TRP B 296 3.19 -25.30 -17.74
N SER B 297 2.30 -24.32 -17.72
CA SER B 297 1.40 -24.11 -16.58
C SER B 297 0.36 -25.21 -16.48
N MET B 298 -0.07 -25.76 -17.61
CA MET B 298 -1.08 -26.81 -17.60
C MET B 298 -0.51 -28.15 -17.15
N GLU B 299 0.55 -28.60 -17.82
CA GLU B 299 1.04 -29.97 -17.64
C GLU B 299 1.75 -30.18 -16.31
N ARG B 300 2.55 -29.21 -15.87
CA ARG B 300 3.23 -29.32 -14.58
C ARG B 300 2.23 -29.32 -13.42
N LEU B 301 1.58 -28.17 -13.18
CA LEU B 301 0.43 -27.97 -12.29
C LEU B 301 0.73 -28.24 -10.81
N GLN B 302 1.93 -28.69 -10.48
CA GLN B 302 2.28 -29.07 -9.10
C GLN B 302 2.86 -27.84 -8.41
N ALA B 303 3.03 -27.91 -7.08
CA ALA B 303 3.54 -26.85 -6.20
C ALA B 303 2.79 -25.53 -6.38
N PRO B 304 1.57 -25.41 -5.87
CA PRO B 304 0.85 -24.13 -5.98
C PRO B 304 1.53 -23.06 -5.15
N PRO B 305 1.67 -21.85 -5.70
CA PRO B 305 2.43 -20.80 -5.00
C PRO B 305 1.72 -20.30 -3.76
N LYS B 306 2.49 -19.67 -2.87
CA LYS B 306 1.96 -19.07 -1.65
C LYS B 306 1.06 -17.89 -2.02
N PRO B 307 -0.18 -17.85 -1.52
CA PRO B 307 -1.13 -16.83 -1.97
C PRO B 307 -0.83 -15.45 -1.43
N ASP B 308 -0.04 -15.36 -0.37
CA ASP B 308 0.29 -14.09 0.26
C ASP B 308 1.60 -13.54 -0.30
N SER B 309 2.11 -14.15 -1.37
CA SER B 309 3.36 -13.69 -1.95
C SER B 309 3.21 -12.54 -2.93
N GLY B 310 2.57 -12.79 -4.08
CA GLY B 310 2.76 -11.90 -5.21
C GLY B 310 4.09 -12.18 -5.86
N LEU B 311 4.12 -12.28 -7.20
CA LEU B 311 4.54 -13.47 -7.94
C LEU B 311 3.38 -14.42 -8.21
N LEU B 312 2.66 -14.11 -9.30
CA LEU B 312 1.47 -14.76 -9.82
C LEU B 312 1.69 -16.24 -10.16
N ASP B 313 0.66 -16.91 -10.65
CA ASP B 313 0.68 -18.37 -10.77
C ASP B 313 1.24 -18.89 -12.08
N GLY B 314 0.67 -18.52 -13.23
CA GLY B 314 1.01 -19.16 -14.49
C GLY B 314 2.12 -18.52 -15.28
N PHE B 315 3.37 -18.73 -14.87
CA PHE B 315 4.52 -18.11 -15.51
C PHE B 315 5.66 -19.13 -15.61
N MET B 316 6.58 -18.89 -16.55
CA MET B 316 7.89 -19.53 -16.49
C MET B 316 8.89 -18.53 -15.94
N THR B 317 9.74 -18.98 -15.03
CA THR B 317 10.95 -18.24 -14.70
C THR B 317 11.86 -18.19 -15.92
N THR B 318 12.73 -17.18 -15.96
CA THR B 318 13.77 -17.18 -16.99
C THR B 318 14.85 -18.19 -16.66
N ASP B 319 14.87 -18.69 -15.42
CA ASP B 319 15.81 -19.75 -15.05
C ASP B 319 15.39 -21.07 -15.66
N ALA B 320 14.09 -21.30 -15.80
CA ALA B 320 13.61 -22.53 -16.43
C ALA B 320 13.47 -22.36 -17.93
N ALA B 321 13.37 -21.12 -18.42
CA ALA B 321 13.34 -20.89 -19.85
C ALA B 321 14.70 -21.19 -20.48
N LEU B 322 15.77 -20.89 -19.75
CA LEU B 322 17.12 -21.11 -20.28
C LEU B 322 17.52 -22.57 -20.20
N MET B 323 16.90 -23.35 -19.31
CA MET B 323 17.17 -24.78 -19.28
C MET B 323 16.37 -25.50 -20.37
N TYR B 324 15.20 -24.97 -20.73
CA TYR B 324 14.48 -25.46 -21.90
C TYR B 324 15.25 -25.15 -23.17
N ASP B 325 15.91 -23.98 -23.21
CA ASP B 325 16.72 -23.61 -24.36
C ASP B 325 18.01 -24.40 -24.43
N ALA B 326 18.57 -24.78 -23.27
CA ALA B 326 19.89 -25.41 -23.24
C ALA B 326 19.87 -26.80 -23.83
N VAL B 327 18.72 -27.48 -23.77
CA VAL B 327 18.63 -28.82 -24.35
C VAL B 327 18.49 -28.71 -25.85
N HIS B 328 17.89 -27.61 -26.34
CA HIS B 328 17.66 -27.46 -27.76
C HIS B 328 18.90 -26.99 -28.51
N VAL B 329 19.73 -26.16 -27.87
CA VAL B 329 20.94 -25.67 -28.53
C VAL B 329 21.96 -26.79 -28.64
N VAL B 330 22.02 -27.68 -27.65
CA VAL B 330 22.84 -28.87 -27.76
C VAL B 330 22.24 -29.84 -28.79
N SER B 331 20.92 -29.86 -28.93
CA SER B 331 20.28 -30.75 -29.89
C SER B 331 20.48 -30.26 -31.33
N VAL B 332 20.83 -28.99 -31.51
CA VAL B 332 21.29 -28.51 -32.81
C VAL B 332 22.63 -29.16 -33.14
N ALA B 333 23.50 -29.27 -32.14
CA ALA B 333 24.86 -29.74 -32.39
C ALA B 333 24.95 -31.25 -32.54
N VAL B 334 23.87 -31.98 -32.26
CA VAL B 334 23.90 -33.42 -32.48
C VAL B 334 23.22 -33.79 -33.80
N GLN B 335 22.48 -32.85 -34.39
CA GLN B 335 22.06 -33.01 -35.77
C GLN B 335 23.25 -32.87 -36.71
N GLN B 336 24.14 -31.95 -36.42
CA GLN B 336 25.27 -31.64 -37.27
C GLN B 336 26.43 -32.58 -37.05
N PHE B 337 26.26 -33.57 -36.17
CA PHE B 337 27.33 -34.49 -35.84
C PHE B 337 26.76 -35.90 -35.66
N PRO B 338 26.64 -36.66 -36.75
CA PRO B 338 26.24 -38.07 -36.62
C PRO B 338 27.41 -38.92 -36.12
N GLN B 339 27.18 -40.24 -36.11
CA GLN B 339 28.04 -41.31 -35.58
C GLN B 339 28.63 -40.99 -34.20
N MET B 340 27.87 -40.26 -33.39
CA MET B 340 28.32 -39.86 -32.06
C MET B 340 27.93 -40.91 -31.03
N THR B 341 28.94 -41.50 -30.39
CA THR B 341 28.69 -42.56 -29.42
C THR B 341 29.07 -42.06 -28.04
N VAL B 342 28.43 -42.63 -27.02
CA VAL B 342 28.68 -42.27 -25.64
C VAL B 342 29.72 -43.21 -25.05
N SER B 343 30.81 -42.64 -24.54
CA SER B 343 31.87 -43.43 -23.93
C SER B 343 31.74 -43.37 -22.41
N SER B 344 32.43 -44.28 -21.74
CA SER B 344 32.42 -44.37 -20.28
C SER B 344 33.77 -43.85 -19.78
N LEU B 345 33.75 -42.61 -19.28
CA LEU B 345 34.98 -41.94 -18.86
C LEU B 345 35.24 -42.18 -17.39
N GLN B 346 36.52 -42.07 -17.01
CA GLN B 346 36.93 -42.28 -15.63
C GLN B 346 37.66 -41.04 -15.11
N CYS B 347 37.31 -40.62 -13.90
CA CYS B 347 38.00 -39.48 -13.29
C CYS B 347 39.32 -39.88 -12.66
N ASN B 348 39.44 -41.12 -12.20
CA ASN B 348 40.69 -41.59 -11.61
C ASN B 348 41.75 -41.88 -12.66
N ARG B 349 41.50 -42.86 -13.53
CA ARG B 349 42.39 -43.14 -14.65
C ARG B 349 42.05 -42.16 -15.77
N HIS B 350 42.68 -40.99 -15.71
CA HIS B 350 42.22 -39.83 -16.45
C HIS B 350 42.62 -39.87 -17.93
N LYS B 351 41.63 -39.96 -18.81
CA LYS B 351 41.81 -39.83 -20.25
C LYS B 351 40.70 -38.96 -20.81
N PRO B 352 40.99 -38.08 -21.77
CA PRO B 352 39.93 -37.23 -22.34
C PRO B 352 39.01 -38.02 -23.25
N TRP B 353 37.83 -37.43 -23.51
CA TRP B 353 36.84 -38.06 -24.37
C TRP B 353 37.13 -37.70 -25.83
N ARG B 354 36.81 -38.63 -26.73
CA ARG B 354 37.27 -38.56 -28.11
C ARG B 354 36.59 -37.45 -28.90
N PHE B 355 35.26 -37.46 -28.94
CA PHE B 355 34.54 -36.57 -29.85
C PHE B 355 34.29 -35.19 -29.25
N GLY B 356 34.74 -34.97 -28.01
CA GLY B 356 34.43 -33.76 -27.28
C GLY B 356 35.02 -32.49 -27.84
N THR B 357 36.13 -32.60 -28.57
CA THR B 357 36.79 -31.41 -29.09
C THR B 357 35.99 -30.80 -30.25
N ARG B 358 35.51 -31.65 -31.16
CA ARG B 358 34.68 -31.16 -32.26
C ARG B 358 33.28 -30.81 -31.78
N PHE B 359 32.73 -31.61 -30.86
CA PHE B 359 31.35 -31.42 -30.43
C PHE B 359 31.19 -30.15 -29.59
N MET B 360 32.26 -29.71 -28.92
CA MET B 360 32.22 -28.43 -28.24
C MET B 360 32.22 -27.28 -29.23
N SER B 361 32.85 -27.47 -30.39
CA SER B 361 32.90 -26.41 -31.40
C SER B 361 31.55 -26.24 -32.09
N LEU B 362 30.72 -27.28 -32.07
CA LEU B 362 29.41 -27.19 -32.71
C LEU B 362 28.39 -26.56 -31.78
N ILE B 363 28.56 -26.72 -30.45
CA ILE B 363 27.70 -26.03 -29.51
C ILE B 363 28.00 -24.54 -29.49
N LYS B 364 29.28 -24.16 -29.57
CA LYS B 364 29.65 -22.75 -29.63
C LYS B 364 29.26 -22.09 -30.95
N GLU B 365 29.06 -22.87 -32.00
CA GLU B 365 28.64 -22.33 -33.30
C GLU B 365 27.18 -22.60 -33.59
N ALA B 366 26.35 -22.74 -32.57
CA ALA B 366 24.95 -23.10 -32.75
C ALA B 366 24.06 -21.87 -32.61
N HIS B 367 23.14 -21.72 -33.55
CA HIS B 367 22.12 -20.68 -33.49
C HIS B 367 20.76 -21.33 -33.26
N TRP B 368 19.94 -20.69 -32.43
CA TRP B 368 18.64 -21.24 -32.08
C TRP B 368 17.71 -20.12 -31.66
N GLU B 369 16.45 -20.24 -32.05
CA GLU B 369 15.39 -19.32 -31.66
C GLU B 369 14.56 -19.99 -30.59
N GLY B 370 14.95 -19.81 -29.32
CA GLY B 370 14.31 -20.49 -28.22
C GLY B 370 13.23 -19.62 -27.59
N LEU B 371 12.92 -19.93 -26.33
CA LEU B 371 11.92 -19.15 -25.60
C LEU B 371 12.47 -17.78 -25.27
N THR B 372 13.79 -17.68 -25.16
CA THR B 372 14.45 -16.43 -24.83
C THR B 372 14.95 -15.68 -26.05
N GLY B 373 14.72 -16.19 -27.25
CA GLY B 373 15.03 -15.46 -28.46
C GLY B 373 16.24 -16.04 -29.17
N ARG B 374 17.05 -15.14 -29.74
CA ARG B 374 18.23 -15.52 -30.49
C ARG B 374 19.31 -15.99 -29.51
N ILE B 375 19.82 -17.20 -29.73
CA ILE B 375 20.82 -17.79 -28.83
C ILE B 375 22.11 -17.93 -29.61
N THR B 376 23.00 -16.96 -29.45
CA THR B 376 24.30 -16.96 -30.10
C THR B 376 25.39 -16.78 -29.05
N PHE B 377 26.53 -17.42 -29.28
CA PHE B 377 27.63 -17.42 -28.33
C PHE B 377 28.73 -16.47 -28.80
N ASN B 378 29.88 -16.50 -28.11
CA ASN B 378 30.83 -15.40 -28.17
C ASN B 378 32.13 -15.80 -28.86
N LYS B 379 32.47 -17.10 -28.89
CA LYS B 379 33.57 -17.73 -29.63
C LYS B 379 34.94 -17.41 -29.04
N THR B 380 35.01 -16.44 -28.14
CA THR B 380 36.19 -16.23 -27.31
C THR B 380 35.98 -17.03 -26.03
N ASN B 381 34.88 -16.72 -25.35
CA ASN B 381 34.35 -17.48 -24.24
C ASN B 381 32.95 -17.97 -24.59
N GLY B 382 32.35 -18.79 -23.74
CA GLY B 382 31.03 -19.30 -24.02
C GLY B 382 29.91 -18.49 -23.38
N LEU B 383 29.83 -17.21 -23.67
CA LEU B 383 28.93 -16.31 -22.97
C LEU B 383 27.95 -15.68 -23.94
N ARG B 384 26.69 -15.59 -23.56
CA ARG B 384 25.73 -14.84 -24.38
C ARG B 384 25.94 -13.35 -24.18
N THR B 385 26.79 -12.78 -25.02
CA THR B 385 26.99 -11.34 -25.07
C THR B 385 25.97 -10.67 -25.97
N ASP B 386 25.50 -11.34 -27.01
CA ASP B 386 24.56 -10.79 -27.97
C ASP B 386 23.20 -11.45 -27.74
N PHE B 387 22.23 -10.65 -27.31
CA PHE B 387 20.88 -11.13 -27.04
C PHE B 387 19.89 -9.98 -27.21
N ASP B 388 18.62 -10.33 -27.28
CA ASP B 388 17.54 -9.38 -27.51
C ASP B 388 16.72 -9.22 -26.23
N LEU B 389 16.70 -8.01 -25.70
CA LEU B 389 15.90 -7.68 -24.52
C LEU B 389 14.68 -6.90 -24.96
N ASP B 390 13.70 -6.81 -24.07
CA ASP B 390 12.47 -6.05 -24.28
C ASP B 390 12.20 -5.24 -23.02
N VAL B 391 12.53 -3.95 -23.02
CA VAL B 391 12.36 -3.15 -21.82
C VAL B 391 10.89 -2.89 -21.53
N ILE B 392 10.42 -3.37 -20.38
CA ILE B 392 9.03 -3.26 -19.98
C ILE B 392 8.90 -2.29 -18.82
N SER B 393 7.77 -1.62 -18.70
CA SER B 393 7.53 -0.69 -17.61
C SER B 393 6.12 -0.85 -17.07
N LEU B 394 5.86 -0.17 -15.97
CA LEU B 394 4.58 -0.23 -15.31
C LEU B 394 3.68 0.91 -15.77
N LYS B 395 2.57 0.55 -16.41
CA LYS B 395 1.53 1.49 -16.78
C LYS B 395 0.33 1.25 -15.88
N GLU B 396 -0.80 1.91 -16.16
CA GLU B 396 -2.00 1.68 -15.38
C GLU B 396 -2.76 0.42 -15.80
N GLU B 397 -2.24 -0.33 -16.75
CA GLU B 397 -2.82 -1.60 -17.17
C GLU B 397 -1.96 -2.80 -16.80
N GLY B 398 -0.79 -2.59 -16.21
CA GLY B 398 0.12 -3.66 -15.86
C GLY B 398 1.49 -3.40 -16.45
N LEU B 399 2.29 -4.46 -16.60
CA LEU B 399 3.58 -4.36 -17.25
C LEU B 399 3.40 -4.35 -18.76
N GLU B 400 4.08 -3.42 -19.42
CA GLU B 400 3.92 -3.23 -20.85
C GLU B 400 5.27 -2.93 -21.49
N LYS B 401 5.56 -3.62 -22.59
CA LYS B 401 6.76 -3.43 -23.38
C LYS B 401 6.85 -2.03 -23.99
N ILE B 402 7.89 -1.27 -23.63
CA ILE B 402 8.01 0.10 -24.14
C ILE B 402 9.31 0.30 -24.91
N GLY B 403 9.90 -0.77 -25.41
CA GLY B 403 11.09 -0.63 -26.22
C GLY B 403 11.80 -1.95 -26.41
N THR B 404 13.05 -1.85 -26.84
CA THR B 404 13.89 -3.00 -27.16
C THR B 404 15.34 -2.59 -27.00
N TRP B 405 16.12 -3.45 -26.33
CA TRP B 405 17.56 -3.23 -26.22
C TRP B 405 18.29 -4.30 -27.01
N ASP B 406 19.41 -3.90 -27.64
CA ASP B 406 20.26 -4.78 -28.43
C ASP B 406 21.67 -4.24 -28.33
N PRO B 407 22.69 -5.10 -28.20
CA PRO B 407 24.07 -4.61 -28.01
C PRO B 407 24.61 -3.85 -29.20
N ALA B 408 24.18 -4.23 -30.40
CA ALA B 408 24.61 -3.56 -31.62
C ALA B 408 23.95 -2.20 -31.73
N SER B 409 22.64 -2.15 -31.49
CA SER B 409 21.86 -0.94 -31.68
C SER B 409 21.84 -0.06 -30.43
N GLY B 410 21.30 -0.59 -29.33
CA GLY B 410 21.01 0.20 -28.16
C GLY B 410 19.53 0.25 -27.89
N LEU B 411 19.10 1.27 -27.16
CA LEU B 411 17.69 1.43 -26.83
C LEU B 411 16.89 1.90 -28.04
N ASN B 412 16.03 1.05 -28.56
CA ASN B 412 15.03 1.49 -29.52
C ASN B 412 13.69 1.74 -28.83
N MET B 413 13.69 2.63 -27.85
CA MET B 413 12.48 2.86 -27.06
C MET B 413 11.57 3.82 -27.81
N THR B 414 10.87 3.30 -28.81
CA THR B 414 9.84 4.05 -29.52
C THR B 414 8.49 3.46 -29.13
N GLU B 415 8.51 2.64 -28.07
CA GLU B 415 7.35 1.94 -27.51
C GLU B 415 6.61 1.09 -28.54
N THR C 33 -73.92 5.68 -11.13
CA THR C 33 -72.70 5.37 -11.86
C THR C 33 -71.61 4.91 -10.91
N HIS C 34 -70.36 5.00 -11.36
CA HIS C 34 -69.22 4.60 -10.55
C HIS C 34 -68.71 5.76 -9.72
N VAL C 35 -68.51 5.52 -8.43
CA VAL C 35 -67.89 6.48 -7.53
C VAL C 35 -66.46 6.04 -7.27
N LEU C 36 -65.60 6.99 -6.95
CA LEU C 36 -64.19 6.72 -6.74
C LEU C 36 -63.64 7.72 -5.72
N ARG C 37 -63.44 7.26 -4.49
CA ARG C 37 -63.03 8.14 -3.41
C ARG C 37 -61.52 8.32 -3.38
N PHE C 38 -61.09 9.57 -3.27
CA PHE C 38 -59.70 9.90 -3.04
C PHE C 38 -59.50 10.30 -1.59
N GLY C 39 -58.26 10.25 -1.13
CA GLY C 39 -57.94 10.68 0.21
C GLY C 39 -57.00 11.86 0.23
N GLY C 40 -57.17 12.69 1.24
CA GLY C 40 -56.29 13.83 1.42
C GLY C 40 -56.00 14.09 2.87
N ILE C 41 -54.76 14.42 3.19
CA ILE C 41 -54.36 14.80 4.55
C ILE C 41 -53.70 16.16 4.46
N PHE C 42 -54.31 17.16 5.10
CA PHE C 42 -53.92 18.54 4.93
C PHE C 42 -53.70 19.21 6.29
N GLU C 43 -53.28 20.46 6.24
CA GLU C 43 -52.95 21.21 7.45
C GLU C 43 -54.21 21.66 8.18
N TYR C 44 -54.22 21.51 9.50
CA TYR C 44 -55.33 21.97 10.33
C TYR C 44 -55.16 23.45 10.65
N VAL C 45 -55.77 24.30 9.82
CA VAL C 45 -55.83 25.73 10.09
C VAL C 45 -56.99 25.95 11.07
N GLU C 46 -56.68 26.57 12.21
CA GLU C 46 -57.64 26.59 13.32
C GLU C 46 -58.73 27.63 13.09
N SER C 47 -58.36 28.89 12.89
CA SER C 47 -59.33 29.98 12.85
C SER C 47 -59.67 30.37 11.42
N GLY C 48 -58.66 30.42 10.55
CA GLY C 48 -58.86 30.87 9.19
C GLY C 48 -59.50 29.82 8.31
N PRO C 49 -59.56 30.09 7.01
CA PRO C 49 -60.13 29.12 6.08
C PRO C 49 -59.17 27.97 5.79
N MET C 50 -59.56 27.11 4.85
CA MET C 50 -58.73 25.99 4.45
C MET C 50 -57.49 26.48 3.73
N GLY C 51 -56.47 25.62 3.67
CA GLY C 51 -55.21 25.99 3.06
C GLY C 51 -55.29 26.08 1.55
N ALA C 52 -54.19 26.54 0.96
CA ALA C 52 -54.13 26.71 -0.48
C ALA C 52 -54.07 25.35 -1.19
N GLU C 53 -53.50 24.36 -0.53
CA GLU C 53 -53.42 23.03 -1.15
C GLU C 53 -54.73 22.26 -0.97
N GLU C 54 -55.55 22.67 0.00
CA GLU C 54 -56.82 21.97 0.21
C GLU C 54 -57.91 22.54 -0.69
N LEU C 55 -57.90 23.86 -0.91
CA LEU C 55 -58.77 24.46 -1.92
C LEU C 55 -58.48 23.91 -3.31
N ALA C 56 -57.19 23.78 -3.65
CA ALA C 56 -56.80 23.30 -4.97
C ALA C 56 -57.14 21.83 -5.15
N PHE C 57 -57.17 21.06 -4.07
CA PHE C 57 -57.64 19.69 -4.16
C PHE C 57 -59.14 19.64 -4.34
N ARG C 58 -59.87 20.57 -3.71
CA ARG C 58 -61.32 20.61 -3.87
C ARG C 58 -61.71 21.23 -5.20
N PHE C 59 -60.89 22.15 -5.71
CA PHE C 59 -61.18 22.80 -6.99
C PHE C 59 -60.90 21.86 -8.16
N ALA C 60 -59.96 20.93 -7.98
CA ALA C 60 -59.61 20.02 -9.06
C ALA C 60 -60.61 18.89 -9.18
N VAL C 61 -61.18 18.45 -8.05
CA VAL C 61 -62.18 17.39 -8.09
C VAL C 61 -63.47 17.92 -8.69
N ASN C 62 -63.84 19.16 -8.33
CA ASN C 62 -65.07 19.75 -8.82
C ASN C 62 -64.98 20.12 -10.30
N THR C 63 -63.76 20.25 -10.81
CA THR C 63 -63.57 20.57 -12.22
C THR C 63 -63.68 19.30 -13.08
N ILE C 64 -63.15 18.18 -12.58
CA ILE C 64 -63.10 16.95 -13.35
C ILE C 64 -64.48 16.32 -13.51
N ASN C 65 -65.25 16.22 -12.41
CA ASN C 65 -66.56 15.58 -12.51
C ASN C 65 -67.59 16.48 -13.17
N ARG C 66 -67.29 17.78 -13.30
CA ARG C 66 -68.08 18.68 -14.12
C ARG C 66 -67.78 18.47 -15.60
N ASN C 67 -66.50 18.29 -15.93
CA ASN C 67 -66.05 18.03 -17.30
C ASN C 67 -66.53 16.68 -17.77
N ARG C 68 -66.70 16.51 -19.09
CA ARG C 68 -67.20 15.27 -19.66
C ARG C 68 -66.18 14.55 -20.53
N THR C 69 -65.26 15.30 -21.16
CA THR C 69 -64.18 14.68 -21.93
C THR C 69 -63.22 13.96 -20.99
N LEU C 70 -62.97 14.54 -19.82
CA LEU C 70 -62.12 13.92 -18.82
C LEU C 70 -63.03 13.24 -17.81
N LEU C 71 -62.90 11.90 -17.69
CA LEU C 71 -63.78 11.06 -16.89
C LEU C 71 -65.27 11.23 -17.22
N PRO C 72 -65.74 10.65 -18.34
CA PRO C 72 -67.17 10.77 -18.70
C PRO C 72 -68.14 10.18 -17.68
N ASN C 73 -67.91 8.95 -17.22
CA ASN C 73 -68.76 8.37 -16.18
C ASN C 73 -67.91 7.87 -15.01
N THR C 74 -67.54 8.81 -14.14
CA THR C 74 -66.88 8.53 -12.86
C THR C 74 -67.01 9.80 -12.02
N THR C 75 -67.70 9.70 -10.90
CA THR C 75 -67.87 10.85 -9.99
C THR C 75 -66.87 10.72 -8.85
N LEU C 76 -65.92 11.63 -8.81
CA LEU C 76 -64.90 11.61 -7.76
C LEU C 76 -65.43 12.27 -6.49
N THR C 77 -65.38 11.54 -5.39
CA THR C 77 -65.60 12.12 -4.07
C THR C 77 -64.26 12.09 -3.33
N TYR C 78 -64.23 12.72 -2.15
CA TYR C 78 -62.97 12.86 -1.43
C TYR C 78 -63.19 12.74 0.08
N ASP C 79 -62.09 12.53 0.81
CA ASP C 79 -62.10 12.19 2.21
C ASP C 79 -61.03 12.99 2.96
N THR C 80 -61.04 14.32 2.81
CA THR C 80 -60.00 15.17 3.39
C THR C 80 -60.02 15.13 4.91
N GLN C 81 -58.83 15.01 5.50
CA GLN C 81 -58.62 15.02 6.94
C GLN C 81 -57.57 16.07 7.27
N LYS C 82 -57.60 16.57 8.49
CA LYS C 82 -56.68 17.62 8.92
C LYS C 82 -55.74 17.08 9.99
N ILE C 83 -54.45 17.36 9.85
CA ILE C 83 -53.46 17.06 10.88
C ILE C 83 -52.65 18.32 11.16
N ASN C 84 -51.67 18.22 12.07
CA ASN C 84 -50.81 19.33 12.41
C ASN C 84 -49.56 19.41 11.54
N LEU C 85 -49.29 18.39 10.72
CA LEU C 85 -48.17 18.21 9.80
C LEU C 85 -46.81 18.06 10.48
N TYR C 86 -46.76 18.17 11.80
CA TYR C 86 -45.52 17.95 12.53
C TYR C 86 -45.70 16.79 13.51
N ASP C 87 -46.58 15.85 13.16
CA ASP C 87 -46.97 14.76 14.03
C ASP C 87 -47.13 13.52 13.13
N SER C 88 -46.12 12.66 13.15
CA SER C 88 -46.15 11.47 12.31
C SER C 88 -47.13 10.43 12.85
N PHE C 89 -47.49 10.54 14.13
CA PHE C 89 -48.45 9.61 14.71
C PHE C 89 -49.87 10.01 14.35
N GLU C 90 -50.14 11.31 14.27
CA GLU C 90 -51.46 11.78 13.88
C GLU C 90 -51.69 11.56 12.39
N ALA C 91 -50.63 11.68 11.59
CA ALA C 91 -50.71 11.41 10.17
C ALA C 91 -50.95 9.94 9.88
N SER C 92 -50.43 9.07 10.75
CA SER C 92 -50.58 7.63 10.53
C SER C 92 -51.96 7.15 11.00
N LYS C 93 -52.56 7.86 11.94
CA LYS C 93 -53.93 7.54 12.34
C LYS C 93 -54.92 7.98 11.28
N LYS C 94 -54.70 9.15 10.69
CA LYS C 94 -55.62 9.69 9.70
C LYS C 94 -55.49 8.95 8.38
N ALA C 95 -54.31 8.39 8.10
CA ALA C 95 -54.13 7.63 6.87
C ALA C 95 -54.81 6.27 6.95
N CYS C 96 -54.78 5.63 8.11
CA CYS C 96 -55.44 4.34 8.26
C CYS C 96 -56.96 4.51 8.35
N ASP C 97 -57.42 5.68 8.78
CA ASP C 97 -58.86 5.95 8.79
C ASP C 97 -59.39 6.10 7.37
N GLN C 98 -58.60 6.72 6.48
CA GLN C 98 -58.99 6.83 5.08
C GLN C 98 -58.84 5.49 4.38
N LEU C 99 -57.90 4.66 4.84
CA LEU C 99 -57.76 3.32 4.30
C LEU C 99 -58.86 2.38 4.80
N SER C 100 -59.40 2.64 5.99
CA SER C 100 -60.50 1.83 6.50
C SER C 100 -61.81 2.13 5.78
N LEU C 101 -62.10 3.41 5.54
CA LEU C 101 -63.25 3.78 4.74
C LEU C 101 -63.04 3.38 3.28
N GLY C 102 -61.81 3.52 2.81
CA GLY C 102 -61.47 3.09 1.46
C GLY C 102 -61.22 4.25 0.51
N VAL C 103 -60.00 4.34 0.01
CA VAL C 103 -59.63 5.36 -0.97
C VAL C 103 -58.91 4.68 -2.12
N ALA C 104 -58.82 5.40 -3.24
CA ALA C 104 -58.03 4.95 -4.38
C ALA C 104 -56.61 5.47 -4.35
N ALA C 105 -56.37 6.62 -3.71
CA ALA C 105 -55.04 7.18 -3.58
C ALA C 105 -55.01 8.08 -2.35
N ILE C 106 -53.81 8.36 -1.87
CA ILE C 106 -53.57 9.28 -0.77
C ILE C 106 -52.77 10.45 -1.31
N PHE C 107 -53.32 11.65 -1.18
CA PHE C 107 -52.65 12.84 -1.71
C PHE C 107 -51.74 13.51 -0.70
N GLY C 108 -51.58 12.91 0.48
CA GLY C 108 -50.39 13.07 1.28
C GLY C 108 -50.28 14.34 2.07
N PRO C 109 -49.60 14.28 3.21
CA PRO C 109 -49.21 15.49 3.93
C PRO C 109 -48.09 16.21 3.21
N SER C 110 -47.86 17.46 3.61
CA SER C 110 -46.91 18.34 2.95
C SER C 110 -45.75 18.68 3.88
N HIS C 111 -45.23 17.67 4.56
CA HIS C 111 -44.08 17.84 5.45
C HIS C 111 -43.28 16.55 5.47
N SER C 112 -41.95 16.67 5.58
CA SER C 112 -41.03 15.56 5.42
C SER C 112 -41.21 14.47 6.47
N SER C 113 -41.53 14.87 7.71
CA SER C 113 -41.72 13.88 8.76
C SER C 113 -43.07 13.19 8.63
N SER C 114 -44.09 13.93 8.18
CA SER C 114 -45.43 13.36 8.09
C SER C 114 -45.61 12.54 6.83
N ALA C 115 -44.97 12.94 5.73
CA ALA C 115 -45.15 12.23 4.46
C ALA C 115 -44.41 10.92 4.45
N ASN C 116 -43.30 10.83 5.20
CA ASN C 116 -42.55 9.58 5.27
C ASN C 116 -43.29 8.52 6.05
N ALA C 117 -44.16 8.94 6.97
CA ALA C 117 -44.96 7.98 7.72
C ALA C 117 -46.10 7.42 6.89
N VAL C 118 -46.72 8.29 6.06
CA VAL C 118 -47.85 7.87 5.25
C VAL C 118 -47.37 7.08 4.03
N GLN C 119 -46.16 7.39 3.55
CA GLN C 119 -45.57 6.66 2.43
C GLN C 119 -45.37 5.19 2.74
N SER C 120 -44.96 4.89 3.97
CA SER C 120 -44.72 3.49 4.34
C SER C 120 -46.03 2.76 4.60
N ILE C 121 -47.08 3.50 4.94
CA ILE C 121 -48.41 2.89 5.05
C ILE C 121 -48.94 2.55 3.66
N CYS C 122 -48.75 3.47 2.72
CA CYS C 122 -49.26 3.29 1.36
C CYS C 122 -48.44 2.25 0.61
N ASN C 123 -47.15 2.16 0.91
CA ASN C 123 -46.32 1.10 0.33
C ASN C 123 -46.74 -0.26 0.82
N ALA C 124 -47.06 -0.39 2.11
CA ALA C 124 -47.39 -1.68 2.70
C ALA C 124 -48.77 -2.15 2.23
N LEU C 125 -49.74 -1.24 2.20
CA LEU C 125 -51.11 -1.60 1.85
C LEU C 125 -51.39 -1.50 0.36
N GLY C 126 -50.43 -1.11 -0.46
CA GLY C 126 -50.59 -1.16 -1.90
C GLY C 126 -51.20 0.04 -2.58
N VAL C 127 -51.72 0.99 -1.79
CA VAL C 127 -52.42 2.15 -2.35
C VAL C 127 -51.39 3.19 -2.79
N PRO C 128 -51.58 3.86 -3.93
CA PRO C 128 -50.66 4.92 -4.33
C PRO C 128 -50.67 6.10 -3.37
N HIS C 129 -49.52 6.76 -3.27
CA HIS C 129 -49.33 7.93 -2.43
C HIS C 129 -48.82 9.07 -3.29
N ILE C 130 -49.62 10.12 -3.42
CA ILE C 130 -49.34 11.20 -4.36
C ILE C 130 -48.72 12.35 -3.57
N GLN C 131 -47.51 12.72 -3.94
CA GLN C 131 -46.77 13.76 -3.25
C GLN C 131 -46.66 14.99 -4.15
N THR C 132 -46.91 16.16 -3.56
CA THR C 132 -46.82 17.40 -4.32
C THR C 132 -45.76 18.34 -3.76
N ARG C 133 -44.84 17.86 -2.95
CA ARG C 133 -43.87 18.70 -2.27
C ARG C 133 -42.61 17.89 -2.03
N TRP C 134 -41.47 18.58 -2.06
CA TRP C 134 -40.17 17.93 -1.95
C TRP C 134 -39.96 17.40 -0.53
N LYS C 135 -39.36 16.23 -0.42
CA LYS C 135 -38.86 15.73 0.84
C LYS C 135 -37.64 14.87 0.56
N HIS C 136 -36.81 14.67 1.57
CA HIS C 136 -35.61 13.88 1.40
C HIS C 136 -35.94 12.40 1.34
N GLN C 137 -35.76 11.82 0.15
CA GLN C 137 -35.77 10.38 -0.01
C GLN C 137 -34.44 9.84 0.51
N VAL C 138 -34.50 9.07 1.59
CA VAL C 138 -33.29 8.41 2.10
C VAL C 138 -32.87 7.35 1.09
N SER C 139 -31.55 7.16 0.97
CA SER C 139 -30.98 6.46 -0.17
C SER C 139 -31.22 4.96 -0.16
N ASP C 140 -31.63 4.38 0.97
CA ASP C 140 -31.83 2.93 1.05
C ASP C 140 -33.27 2.59 1.44
N ASN C 141 -34.24 3.37 0.98
CA ASN C 141 -35.63 3.08 1.24
C ASN C 141 -36.23 2.37 0.02
N LYS C 142 -36.79 1.19 0.24
CA LYS C 142 -37.35 0.37 -0.82
C LYS C 142 -38.86 0.59 -0.88
N ASP C 143 -39.26 1.79 -1.28
CA ASP C 143 -40.66 2.15 -1.45
C ASP C 143 -40.98 2.29 -2.93
N SER C 144 -42.13 1.76 -3.33
CA SER C 144 -42.54 1.78 -4.73
C SER C 144 -43.77 2.64 -4.96
N PHE C 145 -44.77 2.54 -4.09
CA PHE C 145 -46.06 3.19 -4.31
C PHE C 145 -46.04 4.66 -3.96
N TYR C 146 -45.21 5.46 -4.63
CA TYR C 146 -45.27 6.90 -4.48
C TYR C 146 -44.78 7.61 -5.74
N VAL C 147 -45.40 8.73 -6.10
CA VAL C 147 -44.87 9.64 -7.10
C VAL C 147 -44.85 11.03 -6.51
N SER C 148 -43.90 11.85 -6.94
CA SER C 148 -43.74 13.20 -6.46
C SER C 148 -43.83 14.17 -7.64
N LEU C 149 -44.84 15.04 -7.61
CA LEU C 149 -45.02 16.01 -8.68
C LEU C 149 -44.20 17.26 -8.47
N TYR C 150 -43.47 17.37 -7.38
CA TYR C 150 -42.65 18.56 -7.24
C TYR C 150 -41.40 18.40 -8.10
N PRO C 151 -40.93 19.46 -8.76
CA PRO C 151 -39.68 19.39 -9.52
C PRO C 151 -38.49 19.01 -8.67
N ASP C 152 -37.81 17.93 -9.06
CA ASP C 152 -36.70 17.36 -8.31
C ASP C 152 -35.54 18.34 -8.26
N PHE C 153 -34.96 18.52 -7.07
CA PHE C 153 -33.81 19.41 -6.90
C PHE C 153 -32.52 18.83 -7.44
N SER C 154 -32.50 17.55 -7.85
CA SER C 154 -31.39 17.08 -8.66
C SER C 154 -31.38 17.77 -10.01
N SER C 155 -32.57 17.96 -10.59
CA SER C 155 -32.68 18.71 -11.84
C SER C 155 -32.72 20.20 -11.59
N LEU C 156 -33.40 20.62 -10.53
CA LEU C 156 -33.66 22.03 -10.29
C LEU C 156 -32.40 22.78 -9.87
N SER C 157 -31.46 22.12 -9.19
CA SER C 157 -30.21 22.79 -8.83
C SER C 157 -29.16 22.65 -9.91
N ARG C 158 -29.47 21.96 -11.00
CA ARG C 158 -28.64 22.08 -12.19
C ARG C 158 -29.12 23.22 -13.07
N ALA C 159 -30.34 23.70 -12.84
CA ALA C 159 -30.84 24.86 -13.55
C ALA C 159 -30.24 26.14 -12.98
N ILE C 160 -30.11 26.21 -11.66
CA ILE C 160 -29.43 27.33 -11.01
C ILE C 160 -27.95 27.35 -11.39
N LEU C 161 -27.32 26.18 -11.51
CA LEU C 161 -25.90 26.14 -11.82
C LEU C 161 -25.63 26.48 -13.29
N ASP C 162 -26.65 26.38 -14.14
CA ASP C 162 -26.51 26.89 -15.50
C ASP C 162 -26.58 28.41 -15.53
N LEU C 163 -27.29 29.00 -14.58
CA LEU C 163 -27.42 30.46 -14.54
C LEU C 163 -26.16 31.11 -14.01
N VAL C 164 -25.46 30.47 -13.05
CA VAL C 164 -24.25 31.08 -12.53
C VAL C 164 -23.10 30.94 -13.52
N GLN C 165 -23.27 30.10 -14.54
CA GLN C 165 -22.29 29.99 -15.61
C GLN C 165 -22.65 30.87 -16.80
N PHE C 166 -23.95 31.04 -17.06
CA PHE C 166 -24.39 31.97 -18.08
C PHE C 166 -24.13 33.41 -17.69
N PHE C 167 -24.22 33.73 -16.41
CA PHE C 167 -23.95 35.07 -15.91
C PHE C 167 -22.48 35.27 -15.60
N LYS C 168 -21.65 34.24 -15.82
CA LYS C 168 -20.19 34.28 -15.68
C LYS C 168 -19.76 34.65 -14.27
N TRP C 169 -20.46 34.08 -13.29
CA TRP C 169 -20.12 34.33 -11.89
C TRP C 169 -18.92 33.50 -11.49
N LYS C 170 -18.10 34.07 -10.61
CA LYS C 170 -16.93 33.39 -10.08
C LYS C 170 -16.87 33.44 -8.56
N THR C 171 -17.82 34.11 -7.92
CA THR C 171 -17.89 34.15 -6.46
C THR C 171 -19.37 34.29 -6.09
N VAL C 172 -19.94 33.22 -5.55
CA VAL C 172 -21.37 33.14 -5.29
C VAL C 172 -21.55 33.01 -3.78
N THR C 173 -22.73 33.36 -3.28
CA THR C 173 -23.08 33.19 -1.87
C THR C 173 -24.45 32.53 -1.82
N VAL C 174 -24.50 31.30 -1.30
CA VAL C 174 -25.76 30.58 -1.11
C VAL C 174 -26.27 30.85 0.29
N VAL C 175 -27.49 31.36 0.40
CA VAL C 175 -28.14 31.64 1.66
C VAL C 175 -29.38 30.75 1.76
N TYR C 176 -29.39 29.84 2.72
CA TYR C 176 -30.52 28.96 2.94
C TYR C 176 -31.14 29.26 4.30
N ASP C 177 -32.28 28.62 4.57
CA ASP C 177 -33.00 28.86 5.81
C ASP C 177 -32.98 27.70 6.79
N ASP C 178 -33.34 26.49 6.37
CA ASP C 178 -33.28 25.32 7.23
C ASP C 178 -32.22 24.36 6.71
N SER C 179 -31.77 23.47 7.61
CA SER C 179 -30.64 22.57 7.34
C SER C 179 -30.91 21.58 6.22
N THR C 180 -32.17 21.36 5.85
CA THR C 180 -32.50 20.49 4.74
C THR C 180 -32.20 21.15 3.39
N GLY C 181 -31.94 22.45 3.38
CA GLY C 181 -31.64 23.15 2.13
C GLY C 181 -30.23 22.91 1.64
N LEU C 182 -29.43 22.16 2.39
CA LEU C 182 -28.14 21.72 1.90
C LEU C 182 -28.29 20.47 1.04
N ILE C 183 -29.27 19.63 1.38
CA ILE C 183 -29.61 18.47 0.56
C ILE C 183 -30.18 18.91 -0.78
N ARG C 184 -31.04 19.94 -0.79
CA ARG C 184 -31.66 20.44 -2.01
C ARG C 184 -30.64 21.06 -2.95
N LEU C 185 -29.69 21.82 -2.44
CA LEU C 185 -28.73 22.51 -3.27
C LEU C 185 -27.37 21.83 -3.29
N GLN C 186 -27.31 20.51 -3.19
CA GLN C 186 -26.02 19.85 -3.06
C GLN C 186 -25.31 19.73 -4.40
N GLU C 187 -26.04 19.78 -5.50
CA GLU C 187 -25.38 19.77 -6.81
C GLU C 187 -24.74 21.12 -7.11
N LEU C 188 -25.22 22.17 -6.43
CA LEU C 188 -24.61 23.49 -6.52
C LEU C 188 -23.44 23.63 -5.55
N ILE C 189 -23.48 22.90 -4.44
CA ILE C 189 -22.45 22.99 -3.41
C ILE C 189 -21.26 22.10 -3.74
N LYS C 190 -21.49 20.99 -4.44
CA LYS C 190 -20.41 20.09 -4.84
C LYS C 190 -19.67 20.57 -6.09
N ALA C 191 -19.98 21.78 -6.56
CA ALA C 191 -19.36 22.22 -7.81
C ALA C 191 -18.59 23.53 -7.74
N PRO C 192 -17.73 23.78 -6.73
CA PRO C 192 -16.45 24.42 -7.03
C PRO C 192 -15.36 23.41 -7.29
N SER C 193 -15.65 22.13 -7.04
CA SER C 193 -14.71 21.06 -7.32
C SER C 193 -14.63 20.72 -8.81
N ARG C 194 -15.64 21.08 -9.59
CA ARG C 194 -15.59 20.91 -11.03
C ARG C 194 -15.24 22.21 -11.72
N TYR C 195 -16.04 23.24 -11.49
CA TYR C 195 -15.88 24.52 -12.15
C TYR C 195 -15.04 25.46 -11.30
N ASN C 196 -15.02 26.75 -11.64
CA ASN C 196 -14.18 27.73 -10.96
C ASN C 196 -14.99 28.69 -10.09
N LEU C 197 -16.04 28.19 -9.45
CA LEU C 197 -16.79 29.00 -8.51
C LEU C 197 -16.04 29.10 -7.19
N ARG C 198 -16.54 29.98 -6.32
CA ARG C 198 -16.03 30.12 -4.96
C ARG C 198 -17.22 30.39 -4.04
N LEU C 199 -17.78 29.32 -3.49
CA LEU C 199 -19.00 29.42 -2.72
C LEU C 199 -18.72 29.88 -1.28
N LYS C 200 -19.63 30.71 -0.77
CA LYS C 200 -19.70 31.02 0.65
C LYS C 200 -21.12 30.70 1.09
N ILE C 201 -21.25 29.75 2.00
CA ILE C 201 -22.55 29.22 2.36
C ILE C 201 -22.97 29.79 3.70
N ARG C 202 -24.10 30.50 3.71
CA ARG C 202 -24.60 31.18 4.89
C ARG C 202 -26.01 30.70 5.19
N GLN C 203 -26.47 30.95 6.40
CA GLN C 203 -27.82 30.55 6.81
C GLN C 203 -28.54 31.75 7.38
N LEU C 204 -29.83 31.87 7.05
CA LEU C 204 -30.72 32.84 7.63
C LEU C 204 -30.86 32.59 9.12
N PRO C 205 -30.95 33.66 9.94
CA PRO C 205 -30.97 33.47 11.40
C PRO C 205 -32.26 32.82 11.89
N ALA C 206 -32.11 31.71 12.61
CA ALA C 206 -33.24 30.98 13.17
C ALA C 206 -33.86 31.77 14.32
N ASP C 207 -35.12 31.43 14.63
CA ASP C 207 -35.91 31.94 15.75
C ASP C 207 -36.20 33.44 15.60
N THR C 208 -36.05 33.97 14.38
CA THR C 208 -36.31 35.36 14.09
C THR C 208 -36.56 35.56 12.60
N LYS C 209 -36.84 36.81 12.22
CA LYS C 209 -37.00 37.21 10.83
C LYS C 209 -35.96 38.25 10.46
N ASP C 210 -35.33 38.86 11.46
CA ASP C 210 -34.38 39.95 11.29
C ASP C 210 -33.09 39.39 10.67
N ALA C 211 -33.01 39.45 9.35
CA ALA C 211 -31.85 38.99 8.62
C ALA C 211 -30.86 40.11 8.35
N LYS C 212 -30.96 41.21 9.10
CA LYS C 212 -30.02 42.32 8.95
C LYS C 212 -28.59 42.03 9.42
N PRO C 213 -28.33 41.30 10.53
CA PRO C 213 -26.92 40.95 10.80
C PRO C 213 -26.30 40.01 9.80
N LEU C 214 -27.11 39.24 9.07
CA LEU C 214 -26.59 38.47 7.94
C LEU C 214 -26.20 39.39 6.80
N LEU C 215 -27.06 40.37 6.49
CA LEU C 215 -26.84 41.22 5.32
C LEU C 215 -25.71 42.22 5.54
N LYS C 216 -25.38 42.53 6.80
CA LYS C 216 -24.22 43.37 7.08
C LYS C 216 -22.93 42.66 6.72
N GLU C 217 -22.85 41.35 7.00
CA GLU C 217 -21.65 40.58 6.70
C GLU C 217 -21.51 40.35 5.21
N MET C 218 -22.62 40.39 4.48
CA MET C 218 -22.59 40.18 3.03
C MET C 218 -22.25 41.47 2.29
N LYS C 219 -22.63 42.62 2.86
CA LYS C 219 -22.21 43.89 2.29
C LYS C 219 -20.74 44.16 2.57
N ARG C 220 -20.31 43.91 3.81
CA ARG C 220 -18.92 44.13 4.20
C ARG C 220 -17.98 43.15 3.50
N GLY C 221 -18.43 41.92 3.29
CA GLY C 221 -17.63 40.93 2.60
C GLY C 221 -17.69 41.03 1.09
N LYS C 222 -18.42 42.02 0.56
CA LYS C 222 -18.61 42.29 -0.87
C LYS C 222 -19.18 41.08 -1.60
N GLU C 223 -20.35 40.63 -1.15
CA GLU C 223 -21.03 39.48 -1.71
C GLU C 223 -22.18 40.03 -2.55
N PHE C 224 -21.89 40.35 -3.81
CA PHE C 224 -22.87 40.97 -4.68
C PHE C 224 -23.77 39.96 -5.39
N HIS C 225 -23.25 38.76 -5.65
CA HIS C 225 -24.01 37.73 -6.35
C HIS C 225 -24.46 36.67 -5.36
N VAL C 226 -25.77 36.59 -5.13
CA VAL C 226 -26.33 35.85 -4.01
C VAL C 226 -27.41 34.91 -4.51
N ILE C 227 -27.40 33.65 -4.06
CA ILE C 227 -28.51 32.73 -4.27
C ILE C 227 -29.28 32.57 -2.96
N PHE C 228 -30.59 32.76 -3.01
CA PHE C 228 -31.45 32.61 -1.83
C PHE C 228 -32.27 31.34 -1.97
N ASP C 229 -32.10 30.40 -1.05
CA ASP C 229 -32.98 29.24 -0.96
C ASP C 229 -34.02 29.52 0.12
N CYS C 230 -35.17 30.01 -0.29
CA CYS C 230 -36.22 30.42 0.64
C CYS C 230 -37.56 29.99 0.08
N SER C 231 -38.62 30.19 0.85
CA SER C 231 -39.95 30.21 0.30
C SER C 231 -40.23 31.60 -0.24
N HIS C 232 -41.37 31.76 -0.92
CA HIS C 232 -41.71 33.07 -1.47
C HIS C 232 -42.18 34.02 -0.38
N GLU C 233 -42.59 33.50 0.78
CA GLU C 233 -42.93 34.37 1.89
C GLU C 233 -41.68 34.93 2.55
N MET C 234 -40.60 34.14 2.60
CA MET C 234 -39.38 34.63 3.24
C MET C 234 -38.48 35.35 2.26
N ALA C 235 -38.61 35.08 0.96
CA ALA C 235 -37.82 35.82 -0.02
C ALA C 235 -38.36 37.22 -0.21
N ALA C 236 -39.65 37.42 0.07
CA ALA C 236 -40.24 38.75 -0.02
C ALA C 236 -39.87 39.60 1.19
N GLY C 237 -39.66 38.95 2.33
CA GLY C 237 -39.40 39.69 3.55
C GLY C 237 -37.94 40.10 3.69
N ILE C 238 -37.04 39.42 2.97
CA ILE C 238 -35.63 39.78 3.06
C ILE C 238 -35.23 40.63 1.88
N LEU C 239 -36.18 41.01 1.03
CA LEU C 239 -35.91 42.06 0.06
C LEU C 239 -36.23 43.43 0.63
N LYS C 240 -37.12 43.48 1.63
CA LYS C 240 -37.31 44.70 2.39
C LYS C 240 -36.08 45.04 3.21
N GLN C 241 -35.46 44.04 3.81
CA GLN C 241 -34.28 44.26 4.62
C GLN C 241 -33.04 44.42 3.75
N ALA C 242 -33.09 43.98 2.49
CA ALA C 242 -32.01 44.30 1.57
C ALA C 242 -32.23 45.67 0.95
N LEU C 243 -33.45 46.21 1.06
CA LEU C 243 -33.70 47.57 0.63
C LEU C 243 -33.29 48.56 1.71
N ALA C 244 -33.62 48.24 2.96
CA ALA C 244 -33.29 49.08 4.10
C ALA C 244 -31.78 49.12 4.35
N MET C 245 -31.08 48.05 3.98
CA MET C 245 -29.63 48.03 4.04
C MET C 245 -28.98 48.68 2.82
N GLY C 246 -29.76 49.05 1.81
CA GLY C 246 -29.21 49.66 0.63
C GLY C 246 -28.43 48.68 -0.22
N MET C 247 -28.84 47.41 -0.17
CA MET C 247 -28.27 46.36 -1.00
C MET C 247 -29.11 46.07 -2.23
N MET C 248 -30.10 46.90 -2.53
CA MET C 248 -30.84 46.80 -3.78
C MET C 248 -30.32 47.87 -4.74
N THR C 249 -29.15 47.61 -5.31
CA THR C 249 -28.52 48.57 -6.23
C THR C 249 -28.32 47.90 -7.58
N GLU C 250 -27.59 48.56 -8.47
CA GLU C 250 -27.21 47.94 -9.74
C GLU C 250 -25.94 47.11 -9.61
N TYR C 251 -25.44 46.88 -8.40
CA TYR C 251 -24.29 46.03 -8.17
C TYR C 251 -24.68 44.61 -7.76
N TYR C 252 -25.91 44.42 -7.27
CA TYR C 252 -26.34 43.18 -6.65
C TYR C 252 -27.20 42.40 -7.62
N HIS C 253 -26.98 41.08 -7.67
CA HIS C 253 -27.75 40.17 -8.51
C HIS C 253 -28.21 39.00 -7.65
N TYR C 254 -29.51 38.72 -7.68
CA TYR C 254 -30.12 37.76 -6.78
C TYR C 254 -30.77 36.66 -7.60
N ILE C 255 -30.34 35.42 -7.40
CA ILE C 255 -31.05 34.27 -7.93
C ILE C 255 -31.88 33.69 -6.79
N PHE C 256 -33.14 33.38 -7.08
CA PHE C 256 -34.03 32.83 -6.08
C PHE C 256 -34.35 31.39 -6.43
N THR C 257 -34.14 30.48 -5.47
CA THR C 257 -34.42 29.07 -5.66
C THR C 257 -35.85 28.76 -5.22
N THR C 258 -36.81 29.48 -5.80
CA THR C 258 -38.22 29.26 -5.55
C THR C 258 -38.98 29.46 -6.85
N LEU C 259 -40.06 28.71 -7.02
CA LEU C 259 -40.83 28.73 -8.25
C LEU C 259 -41.99 29.70 -8.16
N ASP C 260 -41.98 30.58 -7.16
CA ASP C 260 -43.05 31.56 -6.96
C ASP C 260 -42.45 32.96 -6.86
N LEU C 261 -41.39 33.22 -7.64
CA LEU C 261 -40.84 34.56 -7.76
C LEU C 261 -41.77 35.48 -8.55
N PHE C 262 -42.59 34.90 -9.43
CA PHE C 262 -43.59 35.62 -10.20
C PHE C 262 -44.74 36.13 -9.33
N ALA C 263 -44.80 35.72 -8.07
CA ALA C 263 -45.86 36.09 -7.15
C ALA C 263 -45.43 37.16 -6.15
N LEU C 264 -44.28 37.80 -6.36
CA LEU C 264 -43.81 38.84 -5.47
C LEU C 264 -44.16 40.22 -6.00
N ASP C 265 -44.57 41.10 -5.09
CA ASP C 265 -44.77 42.51 -5.43
C ASP C 265 -43.40 43.16 -5.59
N VAL C 266 -43.03 43.46 -6.83
CA VAL C 266 -41.69 43.92 -7.15
C VAL C 266 -41.65 45.41 -7.49
N GLU C 267 -42.78 46.10 -7.31
CA GLU C 267 -42.91 47.55 -7.50
C GLU C 267 -41.89 48.41 -6.74
N PRO C 268 -41.49 48.13 -5.49
CA PRO C 268 -40.42 48.94 -4.89
C PRO C 268 -39.05 48.70 -5.50
N TYR C 269 -38.84 47.59 -6.20
CA TYR C 269 -37.51 47.22 -6.66
C TYR C 269 -37.37 47.30 -8.17
N ARG C 270 -38.40 47.76 -8.88
CA ARG C 270 -38.45 47.70 -10.32
C ARG C 270 -37.51 48.73 -10.96
N TYR C 271 -37.29 49.85 -10.28
CA TYR C 271 -36.48 50.93 -10.81
C TYR C 271 -35.08 51.02 -10.21
N SER C 272 -34.76 50.15 -9.25
CA SER C 272 -33.50 50.28 -8.52
C SER C 272 -32.30 49.78 -9.31
N GLY C 273 -32.50 49.15 -10.46
CA GLY C 273 -31.41 48.60 -11.22
C GLY C 273 -30.96 47.22 -10.77
N VAL C 274 -31.70 46.59 -9.87
CA VAL C 274 -31.36 45.27 -9.36
C VAL C 274 -31.73 44.25 -10.41
N ASN C 275 -30.92 43.22 -10.58
CA ASN C 275 -31.32 42.09 -11.38
C ASN C 275 -31.66 40.94 -10.43
N MET C 276 -32.84 40.34 -10.64
CA MET C 276 -33.43 39.35 -9.75
C MET C 276 -33.89 38.18 -10.60
N THR C 277 -33.03 37.18 -10.78
CA THR C 277 -33.32 36.10 -11.69
C THR C 277 -34.06 35.00 -10.92
N GLY C 278 -34.69 34.08 -11.64
CA GLY C 278 -35.43 33.01 -11.01
C GLY C 278 -36.01 32.10 -12.05
N PHE C 279 -36.95 31.27 -11.62
CA PHE C 279 -37.58 30.31 -12.50
C PHE C 279 -39.08 30.36 -12.31
N ARG C 280 -39.80 29.64 -13.17
CA ARG C 280 -41.24 29.56 -13.10
C ARG C 280 -41.69 28.33 -13.86
N ILE C 281 -42.29 27.38 -13.16
CA ILE C 281 -42.83 26.21 -13.84
C ILE C 281 -44.31 26.37 -14.13
N LEU C 282 -44.98 27.31 -13.46
CA LEU C 282 -46.40 27.57 -13.70
C LEU C 282 -46.57 28.24 -15.06
N ASN C 283 -47.17 27.51 -16.00
CA ASN C 283 -47.19 27.88 -17.40
C ASN C 283 -48.20 28.99 -17.68
N THR C 284 -47.86 30.22 -17.30
CA THR C 284 -48.82 31.34 -17.35
C THR C 284 -48.84 32.04 -18.70
N GLU C 285 -48.42 31.36 -19.76
CA GLU C 285 -48.60 31.91 -21.11
C GLU C 285 -49.63 31.12 -21.89
N ASN C 286 -50.00 29.94 -21.43
CA ASN C 286 -51.07 29.15 -22.04
C ASN C 286 -52.40 29.80 -21.67
N THR C 287 -53.31 29.89 -22.62
CA THR C 287 -54.60 30.52 -22.38
C THR C 287 -55.47 29.65 -21.47
N GLN C 288 -55.37 28.33 -21.63
CA GLN C 288 -56.16 27.42 -20.79
C GLN C 288 -55.67 27.42 -19.35
N VAL C 289 -54.38 27.68 -19.14
CA VAL C 289 -53.85 27.75 -17.78
C VAL C 289 -54.24 29.07 -17.13
N SER C 290 -54.14 30.18 -17.89
CA SER C 290 -54.46 31.49 -17.34
C SER C 290 -55.97 31.65 -17.12
N SER C 291 -56.78 30.83 -17.78
CA SER C 291 -58.21 30.81 -17.50
C SER C 291 -58.48 30.18 -16.14
N ILE C 292 -57.74 29.14 -15.78
CA ILE C 292 -57.97 28.44 -14.52
C ILE C 292 -57.44 29.27 -13.36
N ILE C 293 -56.32 29.95 -13.56
CA ILE C 293 -55.77 30.84 -12.53
C ILE C 293 -56.70 32.04 -12.34
N GLU C 294 -57.38 32.45 -13.41
CA GLU C 294 -58.39 33.51 -13.29
C GLU C 294 -59.61 33.02 -12.51
N LYS C 295 -60.00 31.76 -12.72
CA LYS C 295 -61.11 31.18 -11.95
C LYS C 295 -60.70 30.94 -10.50
N TRP C 296 -59.40 30.82 -10.24
CA TRP C 296 -58.89 30.61 -8.89
C TRP C 296 -59.09 31.85 -8.03
N SER C 297 -58.68 33.01 -8.53
CA SER C 297 -58.74 34.26 -7.78
C SER C 297 -60.18 34.72 -7.57
N MET C 298 -61.04 34.46 -8.56
CA MET C 298 -62.43 34.88 -8.47
C MET C 298 -63.23 34.02 -7.50
N GLU C 299 -63.22 32.70 -7.72
CA GLU C 299 -64.13 31.81 -7.00
C GLU C 299 -63.75 31.61 -5.54
N ARG C 300 -62.45 31.48 -5.26
CA ARG C 300 -62.02 31.33 -3.87
C ARG C 300 -62.32 32.59 -3.05
N LEU C 301 -61.59 33.68 -3.33
CA LEU C 301 -61.84 35.05 -2.86
C LEU C 301 -61.68 35.23 -1.35
N GLN C 302 -61.43 34.14 -0.61
CA GLN C 302 -61.36 34.19 0.86
C GLN C 302 -59.91 34.45 1.25
N ALA C 303 -59.67 34.76 2.54
CA ALA C 303 -58.37 35.07 3.14
C ALA C 303 -57.63 36.17 2.38
N PRO C 304 -58.03 37.43 2.51
CA PRO C 304 -57.30 38.52 1.85
C PRO C 304 -55.91 38.68 2.44
N PRO C 305 -54.89 38.85 1.59
CA PRO C 305 -53.51 38.89 2.09
C PRO C 305 -53.22 40.14 2.91
N LYS C 306 -52.16 40.07 3.71
CA LYS C 306 -51.70 41.19 4.52
C LYS C 306 -51.19 42.28 3.59
N PRO C 307 -51.66 43.52 3.75
CA PRO C 307 -51.32 44.58 2.77
C PRO C 307 -49.90 45.08 2.91
N ASP C 308 -49.27 44.83 4.05
CA ASP C 308 -47.91 45.30 4.32
C ASP C 308 -46.90 44.22 3.96
N SER C 309 -47.35 43.16 3.29
CA SER C 309 -46.45 42.08 2.92
C SER C 309 -45.70 42.32 1.62
N GLY C 310 -46.41 42.35 0.49
CA GLY C 310 -45.74 42.14 -0.79
C GLY C 310 -45.44 40.68 -0.98
N LEU C 311 -45.73 40.12 -2.17
CA LEU C 311 -46.68 39.01 -2.37
C LEU C 311 -48.08 39.52 -2.61
N LEU C 312 -48.33 39.86 -3.88
CA LEU C 312 -49.57 40.40 -4.45
C LEU C 312 -50.79 39.50 -4.23
N ASP C 313 -51.94 39.93 -4.73
CA ASP C 313 -53.21 39.28 -4.39
C ASP C 313 -53.60 38.11 -5.29
N GLY C 314 -53.75 38.34 -6.60
CA GLY C 314 -54.33 37.34 -7.47
C GLY C 314 -53.37 36.38 -8.14
N PHE C 315 -52.88 35.39 -7.38
CA PHE C 315 -51.91 34.44 -7.90
C PHE C 315 -52.23 33.04 -7.39
N MET C 316 -51.75 32.03 -8.10
CA MET C 316 -51.65 30.68 -7.53
C MET C 316 -50.21 30.45 -7.09
N THR C 317 -50.05 29.87 -5.91
CA THR C 317 -48.78 29.28 -5.54
C THR C 317 -48.49 28.10 -6.46
N THR C 318 -47.21 27.76 -6.61
CA THR C 318 -46.87 26.52 -7.29
C THR C 318 -47.17 25.32 -6.42
N ASP C 319 -47.38 25.54 -5.12
CA ASP C 319 -47.77 24.46 -4.22
C ASP C 319 -49.21 24.05 -4.47
N ALA C 320 -50.06 25.00 -4.85
CA ALA C 320 -51.45 24.68 -5.16
C ALA C 320 -51.63 24.33 -6.62
N ALA C 321 -50.69 24.75 -7.47
CA ALA C 321 -50.74 24.34 -8.87
C ALA C 321 -50.44 22.86 -9.03
N LEU C 322 -49.54 22.33 -8.20
CA LEU C 322 -49.17 20.93 -8.29
C LEU C 322 -50.22 20.03 -7.65
N MET C 323 -51.04 20.55 -6.75
CA MET C 323 -52.15 19.76 -6.22
C MET C 323 -53.33 19.75 -7.18
N TYR C 324 -53.49 20.82 -7.96
CA TYR C 324 -54.45 20.80 -9.06
C TYR C 324 -54.01 19.83 -10.14
N ASP C 325 -52.70 19.73 -10.37
CA ASP C 325 -52.19 18.78 -11.35
C ASP C 325 -52.25 17.35 -10.85
N ALA C 326 -52.11 17.14 -9.53
CA ALA C 326 -52.00 15.79 -8.99
C ALA C 326 -53.31 15.03 -9.10
N VAL C 327 -54.44 15.74 -9.11
CA VAL C 327 -55.72 15.07 -9.25
C VAL C 327 -55.95 14.70 -10.71
N HIS C 328 -55.38 15.47 -11.63
CA HIS C 328 -55.60 15.21 -13.06
C HIS C 328 -54.71 14.08 -13.58
N VAL C 329 -53.48 13.96 -13.06
CA VAL C 329 -52.58 12.90 -13.51
C VAL C 329 -53.08 11.54 -13.02
N VAL C 330 -53.65 11.49 -11.82
CA VAL C 330 -54.30 10.28 -11.36
C VAL C 330 -55.59 10.03 -12.14
N SER C 331 -56.27 11.09 -12.59
CA SER C 331 -57.50 10.91 -13.35
C SER C 331 -57.22 10.42 -14.77
N VAL C 332 -55.98 10.59 -15.25
CA VAL C 332 -55.56 9.92 -16.49
C VAL C 332 -55.53 8.42 -16.27
N ALA C 333 -55.04 7.99 -15.10
CA ALA C 333 -54.82 6.58 -14.84
C ALA C 333 -56.11 5.83 -14.50
N VAL C 334 -57.21 6.54 -14.27
CA VAL C 334 -58.48 5.86 -14.02
C VAL C 334 -59.33 5.81 -15.28
N GLN C 335 -58.98 6.60 -16.30
CA GLN C 335 -59.55 6.40 -17.63
C GLN C 335 -59.01 5.11 -18.24
N GLN C 336 -57.73 4.84 -18.03
CA GLN C 336 -57.06 3.70 -18.65
C GLN C 336 -57.27 2.42 -17.86
N PHE C 337 -58.06 2.48 -16.79
CA PHE C 337 -58.29 1.33 -15.94
C PHE C 337 -59.73 1.31 -15.48
N PRO C 338 -60.63 0.71 -16.27
CA PRO C 338 -62.00 0.52 -15.81
C PRO C 338 -62.10 -0.62 -14.81
N GLN C 339 -63.35 -0.96 -14.44
CA GLN C 339 -63.75 -1.92 -13.41
C GLN C 339 -62.97 -1.79 -12.10
N MET C 340 -62.58 -0.57 -11.76
CA MET C 340 -61.81 -0.31 -10.56
C MET C 340 -62.73 -0.05 -9.38
N THR C 341 -62.65 -0.90 -8.37
CA THR C 341 -63.52 -0.77 -7.21
C THR C 341 -62.68 -0.39 -6.00
N VAL C 342 -63.31 0.28 -5.05
CA VAL C 342 -62.65 0.72 -3.82
C VAL C 342 -62.86 -0.33 -2.73
N SER C 343 -61.77 -0.83 -2.18
CA SER C 343 -61.83 -1.82 -1.11
C SER C 343 -61.60 -1.14 0.23
N SER C 344 -61.93 -1.86 1.30
CA SER C 344 -61.78 -1.36 2.67
C SER C 344 -60.60 -2.09 3.29
N LEU C 345 -59.46 -1.40 3.37
CA LEU C 345 -58.22 -2.01 3.83
C LEU C 345 -58.06 -1.81 5.33
N GLN C 346 -57.29 -2.69 5.95
CA GLN C 346 -57.04 -2.64 7.38
C GLN C 346 -55.54 -2.56 7.64
N CYS C 347 -55.15 -1.66 8.55
CA CYS C 347 -53.74 -1.56 8.91
C CYS C 347 -53.34 -2.61 9.94
N ASN C 348 -54.27 -3.05 10.79
CA ASN C 348 -53.96 -4.07 11.78
C ASN C 348 -53.88 -5.46 11.16
N ARG C 349 -54.99 -5.97 10.61
CA ARG C 349 -54.98 -7.22 9.88
C ARG C 349 -54.49 -6.93 8.46
N HIS C 350 -53.17 -6.98 8.30
CA HIS C 350 -52.51 -6.39 7.15
C HIS C 350 -52.60 -7.27 5.90
N LYS C 351 -53.30 -6.78 4.89
CA LYS C 351 -53.34 -7.41 3.57
C LYS C 351 -53.21 -6.33 2.51
N PRO C 352 -52.47 -6.55 1.42
CA PRO C 352 -52.34 -5.52 0.38
C PRO C 352 -53.62 -5.39 -0.44
N TRP C 353 -53.73 -4.26 -1.15
CA TRP C 353 -54.88 -4.00 -1.98
C TRP C 353 -54.67 -4.61 -3.36
N ARG C 354 -55.78 -5.04 -3.98
CA ARG C 354 -55.71 -5.90 -5.16
C ARG C 354 -55.20 -5.16 -6.40
N PHE C 355 -55.88 -4.06 -6.75
CA PHE C 355 -55.60 -3.42 -8.04
C PHE C 355 -54.44 -2.44 -7.96
N GLY C 356 -53.83 -2.28 -6.80
CA GLY C 356 -52.82 -1.27 -6.58
C GLY C 356 -51.53 -1.45 -7.34
N THR C 357 -51.21 -2.70 -7.71
CA THR C 357 -49.95 -2.96 -8.41
C THR C 357 -50.02 -2.46 -9.85
N ARG C 358 -51.13 -2.72 -10.54
CA ARG C 358 -51.28 -2.22 -11.90
C ARG C 358 -51.57 -0.72 -11.91
N PHE C 359 -52.37 -0.25 -10.96
CA PHE C 359 -52.81 1.14 -10.94
C PHE C 359 -51.66 2.09 -10.61
N MET C 360 -50.66 1.61 -9.88
CA MET C 360 -49.46 2.41 -9.65
C MET C 360 -48.63 2.51 -10.92
N SER C 361 -48.68 1.49 -11.77
CA SER C 361 -47.92 1.51 -13.02
C SER C 361 -48.54 2.46 -14.04
N LEU C 362 -49.83 2.75 -13.89
CA LEU C 362 -50.49 3.66 -14.82
C LEU C 362 -50.29 5.12 -14.41
N ILE C 363 -50.12 5.37 -13.11
CA ILE C 363 -49.79 6.72 -12.66
C ILE C 363 -48.36 7.07 -13.04
N LYS C 364 -47.43 6.13 -12.91
CA LYS C 364 -46.05 6.36 -13.32
C LYS C 364 -45.88 6.48 -14.83
N GLU C 365 -46.82 5.96 -15.61
CA GLU C 365 -46.77 6.07 -17.06
C GLU C 365 -47.76 7.08 -17.61
N ALA C 366 -48.11 8.09 -16.82
CA ALA C 366 -49.12 9.05 -17.22
C ALA C 366 -48.48 10.34 -17.69
N HIS C 367 -48.94 10.85 -18.82
CA HIS C 367 -48.54 12.16 -19.34
C HIS C 367 -49.72 13.11 -19.25
N TRP C 368 -49.43 14.36 -18.88
CA TRP C 368 -50.48 15.35 -18.72
C TRP C 368 -49.88 16.74 -18.90
N GLU C 369 -50.66 17.61 -19.53
CA GLU C 369 -50.32 19.01 -19.71
C GLU C 369 -51.13 19.83 -18.72
N GLY C 370 -50.58 20.02 -17.52
CA GLY C 370 -51.29 20.69 -16.45
C GLY C 370 -50.96 22.17 -16.41
N LEU C 371 -51.16 22.76 -15.23
CA LEU C 371 -50.87 24.17 -15.05
C LEU C 371 -49.37 24.39 -15.03
N THR C 372 -48.63 23.36 -14.64
CA THR C 372 -47.18 23.43 -14.56
C THR C 372 -46.49 22.87 -15.79
N GLY C 373 -47.23 22.43 -16.80
CA GLY C 373 -46.65 22.03 -18.06
C GLY C 373 -46.68 20.52 -18.24
N ARG C 374 -45.61 20.00 -18.85
CA ARG C 374 -45.49 18.58 -19.12
C ARG C 374 -45.22 17.83 -17.82
N ILE C 375 -46.05 16.84 -17.52
CA ILE C 375 -45.93 16.09 -16.28
C ILE C 375 -45.54 14.66 -16.64
N THR C 376 -44.25 14.37 -16.57
CA THR C 376 -43.73 13.03 -16.85
C THR C 376 -42.87 12.57 -15.68
N PHE C 377 -42.92 11.27 -15.42
CA PHE C 377 -42.23 10.68 -14.28
C PHE C 377 -40.96 9.97 -14.73
N ASN C 378 -40.31 9.25 -13.81
CA ASN C 378 -38.92 8.87 -13.98
C ASN C 378 -38.74 7.36 -14.18
N LYS C 379 -39.70 6.55 -13.72
CA LYS C 379 -39.85 5.09 -13.93
C LYS C 379 -38.80 4.28 -13.15
N THR C 380 -37.79 4.95 -12.60
CA THR C 380 -36.90 4.34 -11.62
C THR C 380 -37.48 4.64 -10.26
N ASN C 381 -37.64 5.94 -10.00
CA ASN C 381 -38.36 6.48 -8.86
C ASN C 381 -39.53 7.32 -9.37
N GLY C 382 -40.38 7.80 -8.48
CA GLY C 382 -41.50 8.62 -8.90
C GLY C 382 -41.24 10.11 -8.85
N LEU C 383 -40.22 10.59 -9.53
CA LEU C 383 -39.77 11.97 -9.37
C LEU C 383 -39.86 12.69 -10.70
N ARG C 384 -40.33 13.93 -10.68
CA ARG C 384 -40.29 14.75 -11.90
C ARG C 384 -38.87 15.25 -12.13
N THR C 385 -38.10 14.45 -12.87
CA THR C 385 -36.77 14.85 -13.32
C THR C 385 -36.83 15.66 -14.62
N ASP C 386 -37.81 15.40 -15.47
CA ASP C 386 -37.95 16.08 -16.75
C ASP C 386 -39.14 17.03 -16.66
N PHE C 387 -38.86 18.34 -16.74
CA PHE C 387 -39.87 19.37 -16.68
C PHE C 387 -39.39 20.60 -17.44
N ASP C 388 -40.32 21.51 -17.70
CA ASP C 388 -40.05 22.72 -18.47
C ASP C 388 -40.10 23.93 -17.55
N LEU C 389 -38.98 24.63 -17.43
CA LEU C 389 -38.91 25.85 -16.65
C LEU C 389 -38.89 27.05 -17.59
N ASP C 390 -39.13 28.23 -17.04
CA ASP C 390 -39.11 29.49 -17.77
C ASP C 390 -38.35 30.49 -16.93
N VAL C 391 -37.07 30.74 -17.25
CA VAL C 391 -36.27 31.64 -16.43
C VAL C 391 -36.71 33.09 -16.61
N ILE C 392 -37.16 33.70 -15.52
CA ILE C 392 -37.68 35.06 -15.53
C ILE C 392 -36.71 35.97 -14.79
N SER C 393 -36.67 37.24 -15.16
CA SER C 393 -35.81 38.20 -14.51
C SER C 393 -36.54 39.52 -14.30
N LEU C 394 -35.90 40.41 -13.56
CA LEU C 394 -36.46 41.71 -13.24
C LEU C 394 -35.99 42.74 -14.25
N LYS C 395 -36.94 43.32 -14.99
CA LYS C 395 -36.69 44.43 -15.87
C LYS C 395 -37.34 45.67 -15.27
N GLU C 396 -37.36 46.78 -16.01
CA GLU C 396 -38.01 47.99 -15.50
C GLU C 396 -39.52 47.96 -15.68
N GLU C 397 -40.08 46.87 -16.20
CA GLU C 397 -41.52 46.71 -16.33
C GLU C 397 -42.08 45.63 -15.40
N GLY C 398 -41.23 44.94 -14.64
CA GLY C 398 -41.65 43.86 -13.77
C GLY C 398 -40.87 42.60 -14.07
N LEU C 399 -41.42 41.45 -13.68
CA LEU C 399 -40.81 40.17 -13.99
C LEU C 399 -41.14 39.79 -15.42
N GLU C 400 -40.12 39.35 -16.16
CA GLU C 400 -40.26 39.05 -17.57
C GLU C 400 -39.47 37.81 -17.92
N LYS C 401 -40.10 36.89 -18.65
CA LYS C 401 -39.47 35.67 -19.15
C LYS C 401 -38.33 35.94 -20.12
N ILE C 402 -37.12 35.51 -19.78
CA ILE C 402 -35.96 35.78 -20.63
C ILE C 402 -35.29 34.50 -21.08
N GLY C 403 -36.00 33.39 -21.06
CA GLY C 403 -35.44 32.15 -21.58
C GLY C 403 -36.26 30.95 -21.16
N THR C 404 -35.64 29.78 -21.28
CA THR C 404 -36.28 28.50 -21.02
C THR C 404 -35.20 27.49 -20.63
N TRP C 405 -35.45 26.73 -19.57
CA TRP C 405 -34.55 25.66 -19.19
C TRP C 405 -35.23 24.32 -19.42
N ASP C 406 -34.46 23.32 -19.84
CA ASP C 406 -34.94 21.97 -20.08
C ASP C 406 -33.77 21.04 -19.81
N PRO C 407 -34.00 19.86 -19.18
CA PRO C 407 -32.88 18.98 -18.83
C PRO C 407 -32.15 18.40 -20.03
N ALA C 408 -32.88 18.18 -21.11
CA ALA C 408 -32.31 17.65 -22.34
C ALA C 408 -31.47 18.72 -23.03
N SER C 409 -32.03 19.92 -23.13
CA SER C 409 -31.38 20.99 -23.87
C SER C 409 -30.44 21.83 -23.00
N GLY C 410 -30.97 22.45 -21.97
CA GLY C 410 -30.24 23.44 -21.20
C GLY C 410 -30.88 24.80 -21.33
N LEU C 411 -30.09 25.84 -21.08
CA LEU C 411 -30.58 27.21 -21.18
C LEU C 411 -30.75 27.63 -22.63
N ASN C 412 -31.99 27.84 -23.04
CA ASN C 412 -32.25 28.50 -24.31
C ASN C 412 -32.57 29.98 -24.07
N MET C 413 -31.65 30.69 -23.44
CA MET C 413 -31.90 32.09 -23.09
C MET C 413 -31.64 32.97 -24.30
N THR C 414 -32.59 32.99 -25.22
CA THR C 414 -32.56 33.90 -26.36
C THR C 414 -33.65 34.94 -26.15
N GLU C 415 -34.17 34.97 -24.92
CA GLU C 415 -35.25 35.87 -24.46
C GLU C 415 -36.50 35.77 -25.32
N THR D 33 -40.24 -9.56 43.73
CA THR D 33 -39.88 -8.14 43.80
C THR D 33 -40.54 -7.36 42.67
N HIS D 34 -39.99 -6.20 42.37
CA HIS D 34 -40.51 -5.36 41.30
C HIS D 34 -39.85 -5.69 39.98
N VAL D 35 -40.66 -5.87 38.95
CA VAL D 35 -40.18 -6.06 37.59
C VAL D 35 -40.41 -4.76 36.82
N LEU D 36 -39.60 -4.55 35.79
CA LEU D 36 -39.65 -3.31 35.02
C LEU D 36 -39.21 -3.62 33.59
N ARG D 37 -40.18 -3.67 32.68
CA ARG D 37 -39.91 -4.08 31.32
C ARG D 37 -39.48 -2.89 30.47
N PHE D 38 -38.39 -3.08 29.72
CA PHE D 38 -37.94 -2.11 28.73
C PHE D 38 -38.31 -2.62 27.34
N GLY D 39 -38.33 -1.71 26.37
CA GLY D 39 -38.60 -2.09 25.00
C GLY D 39 -37.43 -1.79 24.10
N GLY D 40 -37.27 -2.61 23.08
CA GLY D 40 -36.23 -2.41 22.10
C GLY D 40 -36.68 -2.78 20.72
N ILE D 41 -36.31 -1.98 19.72
CA ILE D 41 -36.62 -2.27 18.33
C ILE D 41 -35.29 -2.25 17.57
N PHE D 42 -34.90 -3.39 17.02
CA PHE D 42 -33.57 -3.56 16.46
C PHE D 42 -33.66 -4.13 15.05
N GLU D 43 -32.48 -4.26 14.42
CA GLU D 43 -32.41 -4.72 13.04
C GLU D 43 -32.64 -6.21 12.94
N TYR D 44 -33.44 -6.62 11.95
CA TYR D 44 -33.70 -8.03 11.68
C TYR D 44 -32.57 -8.61 10.82
N VAL D 45 -31.57 -9.19 11.48
CA VAL D 45 -30.52 -9.91 10.79
C VAL D 45 -31.06 -11.32 10.52
N GLU D 46 -31.05 -11.72 9.24
CA GLU D 46 -31.78 -12.92 8.84
C GLU D 46 -31.01 -14.19 9.19
N SER D 47 -29.77 -14.31 8.71
CA SER D 47 -29.03 -15.56 8.84
C SER D 47 -28.05 -15.51 10.00
N GLY D 48 -27.37 -14.38 10.17
CA GLY D 48 -26.34 -14.25 11.18
C GLY D 48 -26.92 -14.06 12.57
N PRO D 49 -26.04 -13.77 13.52
CA PRO D 49 -26.50 -13.52 14.89
C PRO D 49 -27.13 -12.14 15.05
N MET D 50 -27.44 -11.80 16.30
CA MET D 50 -28.03 -10.50 16.59
C MET D 50 -27.01 -9.39 16.37
N GLY D 51 -27.50 -8.16 16.22
CA GLY D 51 -26.63 -7.04 15.93
C GLY D 51 -25.80 -6.61 17.14
N ALA D 52 -24.89 -5.67 16.88
CA ALA D 52 -24.02 -5.19 17.94
C ALA D 52 -24.78 -4.34 18.94
N GLU D 53 -25.85 -3.67 18.50
CA GLU D 53 -26.64 -2.85 19.42
C GLU D 53 -27.62 -3.70 20.21
N GLU D 54 -27.94 -4.89 19.70
CA GLU D 54 -28.88 -5.76 20.42
C GLU D 54 -28.17 -6.60 21.48
N LEU D 55 -26.94 -7.05 21.18
CA LEU D 55 -26.11 -7.68 22.19
C LEU D 55 -25.80 -6.72 23.34
N ALA D 56 -25.49 -5.46 23.00
CA ALA D 56 -25.15 -4.48 24.02
C ALA D 56 -26.36 -4.10 24.87
N PHE D 57 -27.56 -4.19 24.29
CA PHE D 57 -28.75 -3.99 25.09
C PHE D 57 -29.00 -5.18 26.01
N ARG D 58 -28.69 -6.39 25.54
CA ARG D 58 -28.86 -7.57 26.37
C ARG D 58 -27.74 -7.69 27.40
N PHE D 59 -26.55 -7.19 27.07
CA PHE D 59 -25.42 -7.26 27.99
C PHE D 59 -25.57 -6.24 29.11
N ALA D 60 -26.25 -5.12 28.82
CA ALA D 60 -26.40 -4.07 29.83
C ALA D 60 -27.49 -4.41 30.82
N VAL D 61 -28.54 -5.11 30.37
CA VAL D 61 -29.60 -5.51 31.28
C VAL D 61 -29.12 -6.60 32.21
N ASN D 62 -28.32 -7.54 31.68
CA ASN D 62 -27.83 -8.66 32.47
C ASN D 62 -26.74 -8.21 33.45
N THR D 63 -26.14 -7.06 33.20
CA THR D 63 -25.13 -6.53 34.11
C THR D 63 -25.78 -5.81 35.29
N ILE D 64 -26.87 -5.08 35.03
CA ILE D 64 -27.51 -4.26 36.05
C ILE D 64 -28.23 -5.12 37.09
N ASN D 65 -29.02 -6.10 36.65
CA ASN D 65 -29.76 -6.92 37.60
C ASN D 65 -28.87 -7.92 38.32
N ARG D 66 -27.66 -8.16 37.82
CA ARG D 66 -26.64 -8.90 38.54
C ARG D 66 -26.02 -8.04 39.63
N ASN D 67 -25.75 -6.78 39.32
CA ASN D 67 -25.18 -5.82 40.25
C ASN D 67 -26.19 -5.50 41.36
N ARG D 68 -25.68 -5.11 42.54
CA ARG D 68 -26.54 -4.84 43.69
C ARG D 68 -26.51 -3.37 44.11
N THR D 69 -25.38 -2.68 43.89
CA THR D 69 -25.30 -1.26 44.18
C THR D 69 -26.18 -0.47 43.21
N LEU D 70 -26.22 -0.91 41.95
CA LEU D 70 -27.08 -0.30 40.96
C LEU D 70 -28.36 -1.14 40.85
N LEU D 71 -29.51 -0.53 41.17
CA LEU D 71 -30.80 -1.19 41.29
C LEU D 71 -30.78 -2.40 42.23
N PRO D 72 -30.80 -2.18 43.56
CA PRO D 72 -30.81 -3.30 44.51
C PRO D 72 -32.00 -4.23 44.39
N ASN D 73 -33.23 -3.70 44.37
CA ASN D 73 -34.41 -4.54 44.18
C ASN D 73 -35.25 -4.03 43.01
N THR D 74 -34.82 -4.41 41.80
CA THR D 74 -35.57 -4.19 40.56
C THR D 74 -34.95 -5.10 39.51
N THR D 75 -35.74 -6.04 39.00
CA THR D 75 -35.27 -6.96 37.96
C THR D 75 -35.76 -6.47 36.61
N LEU D 76 -34.82 -6.06 35.76
CA LEU D 76 -35.16 -5.56 34.44
C LEU D 76 -35.35 -6.71 33.47
N THR D 77 -36.51 -6.76 32.83
CA THR D 77 -36.74 -7.64 31.70
C THR D 77 -36.87 -6.77 30.45
N TYR D 78 -36.93 -7.40 29.28
CA TYR D 78 -36.93 -6.64 28.03
C TYR D 78 -37.83 -7.31 26.99
N ASP D 79 -38.15 -6.56 25.95
CA ASP D 79 -39.16 -6.92 24.97
C ASP D 79 -38.65 -6.60 23.55
N THR D 80 -37.46 -7.09 23.21
CA THR D 80 -36.83 -6.77 21.93
C THR D 80 -37.64 -7.30 20.75
N GLN D 81 -37.80 -6.45 19.74
CA GLN D 81 -38.48 -6.79 18.49
C GLN D 81 -37.55 -6.45 17.33
N LYS D 82 -37.74 -7.10 16.20
CA LYS D 82 -36.91 -6.90 15.02
C LYS D 82 -37.72 -6.27 13.90
N ILE D 83 -37.15 -5.25 13.26
CA ILE D 83 -37.73 -4.64 12.06
C ILE D 83 -36.65 -4.57 11.00
N ASN D 84 -37.00 -4.03 9.83
CA ASN D 84 -36.07 -3.87 8.73
C ASN D 84 -35.31 -2.55 8.76
N LEU D 85 -35.72 -1.62 9.63
CA LEU D 85 -35.17 -0.28 9.87
C LEU D 85 -35.37 0.69 8.70
N TYR D 86 -35.93 0.23 7.59
CA TYR D 86 -36.25 1.11 6.47
C TYR D 86 -37.74 1.09 6.21
N ASP D 87 -38.53 0.85 7.26
CA ASP D 87 -39.98 0.67 7.16
C ASP D 87 -40.58 1.34 8.39
N SER D 88 -41.12 2.55 8.18
CA SER D 88 -41.71 3.31 9.28
C SER D 88 -43.03 2.71 9.71
N PHE D 89 -43.66 1.92 8.84
CA PHE D 89 -44.93 1.29 9.19
C PHE D 89 -44.69 0.04 10.04
N GLU D 90 -43.61 -0.68 9.78
CA GLU D 90 -43.29 -1.86 10.59
C GLU D 90 -42.76 -1.44 11.95
N ALA D 91 -42.06 -0.31 12.01
CA ALA D 91 -41.57 0.23 13.27
C ALA D 91 -42.71 0.73 14.14
N SER D 92 -43.77 1.22 13.51
CA SER D 92 -44.90 1.75 14.26
C SER D 92 -45.82 0.63 14.75
N LYS D 93 -45.82 -0.50 14.06
CA LYS D 93 -46.56 -1.65 14.54
C LYS D 93 -45.85 -2.31 15.73
N LYS D 94 -44.53 -2.39 15.65
CA LYS D 94 -43.76 -3.04 16.71
C LYS D 94 -43.69 -2.16 17.95
N ALA D 95 -43.78 -0.85 17.77
CA ALA D 95 -43.77 0.06 18.93
C ALA D 95 -45.08 0.00 19.70
N CYS D 96 -46.20 -0.12 18.98
CA CYS D 96 -47.49 -0.21 19.66
C CYS D 96 -47.70 -1.58 20.29
N ASP D 97 -47.01 -2.61 19.76
CA ASP D 97 -47.07 -3.93 20.38
C ASP D 97 -46.34 -3.94 21.71
N GLN D 98 -45.21 -3.22 21.79
CA GLN D 98 -44.50 -3.10 23.06
C GLN D 98 -45.24 -2.19 24.02
N LEU D 99 -45.97 -1.21 23.48
CA LEU D 99 -46.81 -0.36 24.31
C LEU D 99 -48.07 -1.07 24.79
N SER D 100 -48.55 -2.06 24.04
CA SER D 100 -49.72 -2.83 24.48
C SER D 100 -49.36 -3.79 25.59
N LEU D 101 -48.22 -4.48 25.46
CA LEU D 101 -47.73 -5.33 26.55
C LEU D 101 -47.28 -4.48 27.73
N GLY D 102 -46.68 -3.33 27.44
CA GLY D 102 -46.30 -2.40 28.48
C GLY D 102 -44.81 -2.33 28.69
N VAL D 103 -44.22 -1.16 28.45
CA VAL D 103 -42.80 -0.93 28.68
C VAL D 103 -42.66 0.36 29.47
N ALA D 104 -41.46 0.54 30.05
CA ALA D 104 -41.12 1.78 30.72
C ALA D 104 -40.40 2.76 29.79
N ALA D 105 -39.73 2.26 28.76
CA ALA D 105 -39.04 3.11 27.79
C ALA D 105 -38.91 2.33 26.49
N ILE D 106 -38.68 3.08 25.41
CA ILE D 106 -38.41 2.51 24.09
C ILE D 106 -36.99 2.90 23.71
N PHE D 107 -36.15 1.90 23.45
CA PHE D 107 -34.77 2.16 23.11
C PHE D 107 -34.53 2.31 21.61
N GLY D 108 -35.60 2.27 20.82
CA GLY D 108 -35.62 2.93 19.53
C GLY D 108 -34.93 2.22 18.39
N PRO D 109 -35.43 2.43 17.18
CA PRO D 109 -34.69 2.01 15.99
C PRO D 109 -33.50 2.92 15.74
N SER D 110 -32.62 2.45 14.86
CA SER D 110 -31.36 3.13 14.60
C SER D 110 -31.31 3.64 13.16
N HIS D 111 -32.40 4.25 12.72
CA HIS D 111 -32.47 4.84 11.39
C HIS D 111 -33.41 6.04 11.44
N SER D 112 -33.10 7.06 10.64
CA SER D 112 -33.77 8.36 10.70
C SER D 112 -35.25 8.28 10.35
N SER D 113 -35.61 7.42 9.40
CA SER D 113 -37.00 7.28 9.01
C SER D 113 -37.78 6.48 10.04
N SER D 114 -37.14 5.48 10.64
CA SER D 114 -37.84 4.61 11.57
C SER D 114 -37.93 5.24 12.96
N ALA D 115 -36.90 6.00 13.35
CA ALA D 115 -36.89 6.57 14.70
C ALA D 115 -37.85 7.74 14.81
N ASN D 116 -38.09 8.45 13.70
CA ASN D 116 -39.02 9.58 13.71
C ASN D 116 -40.46 9.11 13.83
N ALA D 117 -40.74 7.88 13.41
CA ALA D 117 -42.08 7.34 13.54
C ALA D 117 -42.34 6.90 14.98
N VAL D 118 -41.34 6.31 15.63
CA VAL D 118 -41.51 5.81 16.99
C VAL D 118 -41.45 6.96 17.98
N GLN D 119 -40.71 8.02 17.66
CA GLN D 119 -40.63 9.21 18.51
C GLN D 119 -41.99 9.88 18.68
N SER D 120 -42.79 9.91 17.61
CA SER D 120 -44.09 10.55 17.70
C SER D 120 -45.10 9.66 18.40
N ILE D 121 -44.86 8.35 18.40
CA ILE D 121 -45.69 7.45 19.20
C ILE D 121 -45.38 7.61 20.68
N CYS D 122 -44.09 7.72 21.00
CA CYS D 122 -43.66 7.84 22.38
C CYS D 122 -44.00 9.23 22.95
N ASN D 123 -43.96 10.25 22.09
CA ASN D 123 -44.40 11.58 22.51
C ASN D 123 -45.88 11.61 22.83
N ALA D 124 -46.69 10.95 22.01
CA ALA D 124 -48.14 10.98 22.17
C ALA D 124 -48.57 10.18 23.39
N LEU D 125 -47.99 9.01 23.58
CA LEU D 125 -48.38 8.12 24.67
C LEU D 125 -47.60 8.35 25.96
N GLY D 126 -46.67 9.29 25.98
CA GLY D 126 -46.02 9.68 27.21
C GLY D 126 -44.79 8.91 27.63
N VAL D 127 -44.49 7.82 26.94
CA VAL D 127 -43.38 6.94 27.29
C VAL D 127 -42.07 7.55 26.78
N PRO D 128 -40.98 7.51 27.52
CA PRO D 128 -39.69 7.99 27.00
C PRO D 128 -39.18 7.16 25.83
N HIS D 129 -38.47 7.83 24.93
CA HIS D 129 -37.87 7.22 23.77
C HIS D 129 -36.37 7.48 23.79
N ILE D 130 -35.58 6.43 23.90
CA ILE D 130 -34.15 6.54 24.12
C ILE D 130 -33.46 6.33 22.79
N GLN D 131 -32.72 7.33 22.34
CA GLN D 131 -32.04 7.28 21.05
C GLN D 131 -30.54 7.19 21.27
N THR D 132 -29.90 6.30 20.51
CA THR D 132 -28.45 6.11 20.63
C THR D 132 -27.73 6.43 19.32
N ARG D 133 -28.37 7.13 18.39
CA ARG D 133 -27.81 7.36 17.08
C ARG D 133 -28.36 8.67 16.54
N TRP D 134 -27.55 9.36 15.75
CA TRP D 134 -27.89 10.68 15.24
C TRP D 134 -29.00 10.58 14.20
N LYS D 135 -29.92 11.53 14.24
CA LYS D 135 -30.89 11.71 13.17
C LYS D 135 -31.23 13.19 13.09
N HIS D 136 -31.74 13.62 11.94
CA HIS D 136 -32.07 15.02 11.76
C HIS D 136 -33.35 15.36 12.51
N GLN D 137 -33.21 16.17 13.55
CA GLN D 137 -34.34 16.81 14.20
C GLN D 137 -34.80 17.96 13.32
N VAL D 138 -36.00 17.85 12.77
CA VAL D 138 -36.57 18.96 12.01
C VAL D 138 -36.88 20.10 12.96
N SER D 139 -36.70 21.33 12.48
CA SER D 139 -36.60 22.50 13.34
C SER D 139 -37.91 22.91 13.98
N ASP D 140 -39.05 22.41 13.50
CA ASP D 140 -40.34 22.79 14.05
C ASP D 140 -41.11 21.60 14.59
N ASN D 141 -40.42 20.62 15.15
CA ASN D 141 -41.07 19.47 15.75
C ASN D 141 -41.17 19.69 17.26
N LYS D 142 -42.39 19.61 17.79
CA LYS D 142 -42.65 19.84 19.20
C LYS D 142 -42.74 18.50 19.92
N ASP D 143 -41.61 17.81 20.01
CA ASP D 143 -41.50 16.55 20.72
C ASP D 143 -40.69 16.74 21.99
N SER D 144 -41.16 16.13 23.08
CA SER D 144 -40.52 16.26 24.37
C SER D 144 -39.92 14.94 24.86
N PHE D 145 -40.65 13.85 24.72
CA PHE D 145 -40.25 12.58 25.30
C PHE D 145 -39.18 11.86 24.50
N TYR D 146 -38.01 12.47 24.32
CA TYR D 146 -36.89 11.78 23.71
C TYR D 146 -35.56 12.35 24.21
N VAL D 147 -34.57 11.49 24.41
CA VAL D 147 -33.19 11.91 24.62
C VAL D 147 -32.30 11.15 23.64
N SER D 148 -31.22 11.77 23.22
CA SER D 148 -30.28 11.18 22.27
C SER D 148 -28.91 11.12 22.91
N LEU D 149 -28.39 9.91 23.09
CA LEU D 149 -27.07 9.73 23.67
C LEU D 149 -25.96 9.83 22.64
N TYR D 150 -26.27 10.03 21.38
CA TYR D 150 -25.18 10.19 20.44
C TYR D 150 -24.63 11.60 20.55
N PRO D 151 -23.31 11.79 20.45
CA PRO D 151 -22.74 13.14 20.45
C PRO D 151 -23.25 14.01 19.32
N ASP D 152 -23.83 15.16 19.67
CA ASP D 152 -24.47 16.06 18.73
C ASP D 152 -23.45 16.63 17.76
N PHE D 153 -23.78 16.63 16.47
CA PHE D 153 -22.89 17.17 15.45
C PHE D 153 -22.85 18.69 15.43
N SER D 154 -23.70 19.36 16.20
CA SER D 154 -23.48 20.78 16.45
C SER D 154 -22.21 20.98 17.27
N SER D 155 -22.00 20.10 18.26
CA SER D 155 -20.76 20.14 19.03
C SER D 155 -19.64 19.41 18.32
N LEU D 156 -19.96 18.29 17.66
CA LEU D 156 -18.94 17.42 17.11
C LEU D 156 -18.28 18.02 15.89
N SER D 157 -18.98 18.85 15.11
CA SER D 157 -18.36 19.50 13.96
C SER D 157 -17.72 20.83 14.34
N ARG D 158 -17.81 21.22 15.60
CA ARG D 158 -16.95 22.29 16.09
C ARG D 158 -15.65 21.73 16.62
N ALA D 159 -15.60 20.41 16.86
CA ALA D 159 -14.36 19.76 17.27
C ALA D 159 -13.45 19.55 16.06
N ILE D 160 -14.04 19.17 14.93
CA ILE D 160 -13.29 19.07 13.68
C ILE D 160 -12.79 20.44 13.23
N LEU D 161 -13.59 21.49 13.42
CA LEU D 161 -13.18 22.81 12.98
C LEU D 161 -12.10 23.40 13.88
N ASP D 162 -11.95 22.89 15.10
CA ASP D 162 -10.81 23.28 15.92
C ASP D 162 -9.54 22.61 15.44
N LEU D 163 -9.66 21.43 14.84
CA LEU D 163 -8.49 20.71 14.34
C LEU D 163 -7.96 21.32 13.05
N VAL D 164 -8.83 21.83 12.20
CA VAL D 164 -8.34 22.43 10.95
C VAL D 164 -7.74 23.80 11.21
N GLN D 165 -7.97 24.36 12.39
CA GLN D 165 -7.31 25.61 12.78
C GLN D 165 -6.05 25.35 13.60
N PHE D 166 -6.03 24.29 14.39
CA PHE D 166 -4.82 23.88 15.09
C PHE D 166 -3.75 23.38 14.13
N PHE D 167 -4.15 22.72 13.06
CA PHE D 167 -3.23 22.22 12.04
C PHE D 167 -2.92 23.28 10.99
N LYS D 168 -3.51 24.47 11.12
CA LYS D 168 -3.27 25.65 10.28
C LYS D 168 -3.58 25.36 8.81
N TRP D 169 -4.69 24.66 8.59
CA TRP D 169 -5.12 24.36 7.23
C TRP D 169 -5.78 25.57 6.60
N LYS D 170 -5.58 25.73 5.30
CA LYS D 170 -6.19 26.81 4.54
C LYS D 170 -6.90 26.30 3.29
N THR D 171 -6.85 25.00 3.02
CA THR D 171 -7.57 24.41 1.89
C THR D 171 -7.93 22.98 2.28
N VAL D 172 -9.22 22.75 2.53
CA VAL D 172 -9.70 21.48 3.07
C VAL D 172 -10.60 20.87 2.00
N THR D 173 -10.79 19.54 2.08
CA THR D 173 -11.72 18.82 1.21
C THR D 173 -12.58 17.92 2.08
N VAL D 174 -13.87 18.21 2.13
CA VAL D 174 -14.82 17.38 2.87
C VAL D 174 -15.41 16.34 1.92
N VAL D 175 -15.28 15.07 2.27
CA VAL D 175 -15.82 13.96 1.49
C VAL D 175 -16.84 13.25 2.36
N TYR D 176 -18.10 13.27 1.92
CA TYR D 176 -19.17 12.60 2.63
C TYR D 176 -19.74 11.48 1.76
N ASP D 177 -20.63 10.69 2.34
CA ASP D 177 -21.20 9.55 1.64
C ASP D 177 -22.66 9.71 1.27
N ASP D 178 -23.54 10.04 2.22
CA ASP D 178 -24.94 10.27 1.92
C ASP D 178 -25.29 11.73 2.15
N SER D 179 -26.39 12.16 1.52
CA SER D 179 -26.78 13.57 1.50
C SER D 179 -27.12 14.15 2.86
N THR D 180 -27.36 13.30 3.86
CA THR D 180 -27.59 13.76 5.22
C THR D 180 -26.31 14.21 5.90
N GLY D 181 -25.14 13.90 5.31
CA GLY D 181 -23.88 14.31 5.89
C GLY D 181 -23.54 15.78 5.67
N LEU D 182 -24.40 16.49 4.94
CA LEU D 182 -24.26 17.94 4.84
C LEU D 182 -24.91 18.61 6.04
N ILE D 183 -25.98 18.02 6.57
CA ILE D 183 -26.60 18.49 7.79
C ILE D 183 -25.68 18.30 8.99
N ARG D 184 -24.98 17.16 9.04
CA ARG D 184 -24.07 16.85 10.14
C ARG D 184 -22.87 17.79 10.16
N LEU D 185 -22.30 18.10 9.00
CA LEU D 185 -21.10 18.92 8.94
C LEU D 185 -21.39 20.35 8.51
N GLN D 186 -22.55 20.90 8.88
CA GLN D 186 -22.92 22.22 8.36
C GLN D 186 -22.19 23.33 9.10
N GLU D 187 -21.74 23.08 10.33
CA GLU D 187 -20.96 24.10 11.03
C GLU D 187 -19.55 24.19 10.47
N LEU D 188 -19.10 23.13 9.80
CA LEU D 188 -17.83 23.12 9.09
C LEU D 188 -17.96 23.71 7.69
N ILE D 189 -19.15 23.60 7.09
CA ILE D 189 -19.38 24.06 5.74
C ILE D 189 -19.73 25.56 5.72
N LYS D 190 -20.36 26.05 6.79
CA LYS D 190 -20.70 27.47 6.87
C LYS D 190 -19.52 28.33 7.32
N ALA D 191 -18.32 27.75 7.42
CA ALA D 191 -17.20 28.52 7.94
C ALA D 191 -15.98 28.61 7.03
N PRO D 192 -16.11 28.88 5.72
CA PRO D 192 -15.16 29.80 5.09
C PRO D 192 -15.67 31.22 5.11
N SER D 193 -16.93 31.42 5.51
CA SER D 193 -17.51 32.75 5.64
C SER D 193 -17.02 33.48 6.89
N ARG D 194 -16.52 32.75 7.89
CA ARG D 194 -15.93 33.37 9.07
C ARG D 194 -14.42 33.38 8.97
N TYR D 195 -13.82 32.19 8.82
CA TYR D 195 -12.38 32.04 8.81
C TYR D 195 -11.86 32.06 7.37
N ASN D 196 -10.60 31.67 7.18
CA ASN D 196 -9.96 31.74 5.87
C ASN D 196 -9.75 30.36 5.25
N LEU D 197 -10.69 29.45 5.44
CA LEU D 197 -10.65 28.16 4.79
C LEU D 197 -11.08 28.28 3.34
N ARG D 198 -10.88 27.21 2.58
CA ARG D 198 -11.35 27.11 1.21
C ARG D 198 -11.82 25.67 0.99
N LEU D 199 -13.11 25.44 1.21
CA LEU D 199 -13.66 24.10 1.17
C LEU D 199 -13.93 23.65 -0.26
N LYS D 200 -13.67 22.38 -0.51
CA LYS D 200 -14.14 21.68 -1.70
C LYS D 200 -14.91 20.47 -1.23
N ILE D 201 -16.20 20.43 -1.55
CA ILE D 201 -17.09 19.42 -0.99
C ILE D 201 -17.37 18.36 -2.04
N ARG D 202 -17.00 17.13 -1.74
CA ARG D 202 -17.13 16.01 -2.66
C ARG D 202 -17.96 14.92 -2.02
N GLN D 203 -18.45 13.99 -2.84
CA GLN D 203 -19.25 12.89 -2.35
C GLN D 203 -18.68 11.57 -2.86
N LEU D 204 -18.67 10.57 -1.99
CA LEU D 204 -18.33 9.21 -2.35
C LEU D 204 -19.31 8.67 -3.38
N PRO D 205 -18.85 7.87 -4.36
CA PRO D 205 -19.75 7.42 -5.42
C PRO D 205 -20.80 6.44 -4.95
N ALA D 206 -22.06 6.76 -5.18
CA ALA D 206 -23.19 5.91 -4.80
C ALA D 206 -23.22 4.67 -5.68
N ASP D 207 -23.91 3.63 -5.19
CA ASP D 207 -24.21 2.37 -5.85
C ASP D 207 -22.93 1.57 -6.12
N THR D 208 -21.85 1.91 -5.42
CA THR D 208 -20.57 1.21 -5.56
C THR D 208 -19.70 1.44 -4.33
N LYS D 209 -18.52 0.83 -4.34
CA LYS D 209 -17.52 1.01 -3.30
C LYS D 209 -16.25 1.59 -3.89
N ASP D 210 -16.12 1.52 -5.22
CA ASP D 210 -14.92 1.94 -5.94
C ASP D 210 -14.83 3.47 -5.91
N ALA D 211 -14.09 3.97 -4.92
CA ALA D 211 -13.88 5.40 -4.75
C ALA D 211 -12.61 5.87 -5.45
N LYS D 212 -12.08 5.07 -6.38
CA LYS D 212 -10.88 5.47 -7.12
C LYS D 212 -11.09 6.62 -8.11
N PRO D 213 -12.21 6.76 -8.85
CA PRO D 213 -12.36 7.99 -9.65
C PRO D 213 -12.51 9.26 -8.82
N LEU D 214 -12.96 9.14 -7.58
CA LEU D 214 -12.93 10.28 -6.67
C LEU D 214 -11.51 10.64 -6.29
N LEU D 215 -10.69 9.62 -5.97
CA LEU D 215 -9.35 9.86 -5.46
C LEU D 215 -8.39 10.34 -6.55
N LYS D 216 -8.70 10.04 -7.83
CA LYS D 216 -7.90 10.58 -8.92
C LYS D 216 -8.07 12.09 -9.03
N GLU D 217 -9.30 12.58 -8.82
CA GLU D 217 -9.55 14.02 -8.91
C GLU D 217 -8.96 14.76 -7.72
N MET D 218 -8.78 14.05 -6.60
CA MET D 218 -8.22 14.67 -5.41
C MET D 218 -6.70 14.69 -5.46
N LYS D 219 -6.09 13.70 -6.12
CA LYS D 219 -4.66 13.73 -6.34
C LYS D 219 -4.28 14.78 -7.38
N ARG D 220 -5.02 14.80 -8.49
CA ARG D 220 -4.77 15.75 -9.57
C ARG D 220 -5.05 17.18 -9.14
N GLY D 221 -6.07 17.37 -8.31
CA GLY D 221 -6.39 18.70 -7.81
C GLY D 221 -5.56 19.13 -6.63
N LYS D 222 -4.61 18.29 -6.19
CA LYS D 222 -3.69 18.53 -5.08
C LYS D 222 -4.46 18.80 -3.78
N GLU D 223 -5.29 17.84 -3.39
CA GLU D 223 -6.11 17.93 -2.19
C GLU D 223 -5.45 17.03 -1.15
N PHE D 224 -4.50 17.58 -0.41
CA PHE D 224 -3.73 16.81 0.54
C PHE D 224 -4.39 16.71 1.90
N HIS D 225 -5.17 17.73 2.29
CA HIS D 225 -5.82 17.76 3.59
C HIS D 225 -7.31 17.46 3.41
N VAL D 226 -7.75 16.31 3.90
CA VAL D 226 -9.05 15.74 3.56
C VAL D 226 -9.80 15.39 4.85
N ILE D 227 -11.09 15.76 4.92
CA ILE D 227 -11.98 15.28 5.97
C ILE D 227 -12.93 14.24 5.38
N PHE D 228 -13.00 13.07 6.01
CA PHE D 228 -13.89 12.00 5.56
C PHE D 228 -15.04 11.87 6.54
N ASP D 229 -16.26 12.08 6.05
CA ASP D 229 -17.46 11.78 6.83
C ASP D 229 -17.98 10.41 6.40
N CYS D 230 -17.58 9.38 7.13
CA CYS D 230 -17.93 8.01 6.78
C CYS D 230 -18.27 7.25 8.04
N SER D 231 -18.70 6.01 7.89
CA SER D 231 -18.67 5.07 8.98
C SER D 231 -17.28 4.44 9.05
N HIS D 232 -17.03 3.67 10.10
CA HIS D 232 -15.72 3.04 10.24
C HIS D 232 -15.55 1.87 9.27
N GLU D 233 -16.66 1.33 8.76
CA GLU D 233 -16.56 0.29 7.73
C GLU D 233 -16.18 0.89 6.39
N MET D 234 -16.64 2.10 6.09
CA MET D 234 -16.32 2.72 4.81
C MET D 234 -15.03 3.51 4.87
N ALA D 235 -14.63 3.97 6.06
CA ALA D 235 -13.37 4.68 6.17
C ALA D 235 -12.20 3.71 6.09
N ALA D 236 -12.43 2.45 6.43
CA ALA D 236 -11.38 1.45 6.34
C ALA D 236 -11.21 0.98 4.91
N GLY D 237 -12.28 1.03 4.12
CA GLY D 237 -12.23 0.52 2.76
C GLY D 237 -11.67 1.53 1.78
N ILE D 238 -11.70 2.82 2.14
CA ILE D 238 -11.16 3.84 1.24
C ILE D 238 -9.76 4.24 1.66
N LEU D 239 -9.20 3.58 2.67
CA LEU D 239 -7.78 3.71 2.93
C LEU D 239 -6.99 2.68 2.15
N LYS D 240 -7.63 1.56 1.78
CA LYS D 240 -7.02 0.63 0.85
C LYS D 240 -6.91 1.24 -0.53
N GLN D 241 -7.93 1.97 -0.96
CA GLN D 241 -7.92 2.59 -2.27
C GLN D 241 -7.09 3.87 -2.27
N ALA D 242 -6.84 4.45 -1.09
CA ALA D 242 -5.89 5.55 -1.02
C ALA D 242 -4.47 5.03 -0.89
N LEU D 243 -4.31 3.74 -0.56
CA LEU D 243 -3.00 3.12 -0.59
C LEU D 243 -2.63 2.68 -2.00
N ALA D 244 -3.59 2.09 -2.71
CA ALA D 244 -3.40 1.64 -4.08
C ALA D 244 -3.20 2.80 -5.03
N MET D 245 -3.78 3.96 -4.72
CA MET D 245 -3.53 5.18 -5.48
C MET D 245 -2.24 5.88 -5.08
N GLY D 246 -1.58 5.42 -4.02
CA GLY D 246 -0.36 6.06 -3.58
C GLY D 246 -0.60 7.41 -2.95
N MET D 247 -1.77 7.55 -2.33
CA MET D 247 -2.12 8.76 -1.59
C MET D 247 -1.91 8.60 -0.10
N MET D 248 -1.26 7.54 0.34
CA MET D 248 -0.86 7.39 1.74
C MET D 248 0.62 7.72 1.85
N THR D 249 0.94 9.02 1.81
CA THR D 249 2.32 9.48 1.88
C THR D 249 2.48 10.39 3.08
N GLU D 250 3.64 11.05 3.19
CA GLU D 250 3.83 12.06 4.22
C GLU D 250 3.32 13.43 3.78
N TYR D 251 2.61 13.52 2.66
CA TYR D 251 2.00 14.76 2.20
C TYR D 251 0.53 14.87 2.58
N TYR D 252 -0.12 13.74 2.87
CA TYR D 252 -1.56 13.66 3.04
C TYR D 252 -1.91 13.60 4.53
N HIS D 253 -2.93 14.34 4.92
CA HIS D 253 -3.43 14.36 6.29
C HIS D 253 -4.93 14.15 6.25
N TYR D 254 -5.41 13.19 7.04
CA TYR D 254 -6.80 12.74 6.98
C TYR D 254 -7.44 12.92 8.33
N ILE D 255 -8.49 13.72 8.39
CA ILE D 255 -9.33 13.79 9.58
C ILE D 255 -10.56 12.92 9.31
N PHE D 256 -10.92 12.08 10.27
CA PHE D 256 -12.07 11.21 10.13
C PHE D 256 -13.17 11.66 11.07
N THR D 257 -14.36 11.88 10.53
CA THR D 257 -15.51 12.28 11.33
C THR D 257 -16.29 11.05 11.81
N THR D 258 -15.58 10.14 12.48
CA THR D 258 -16.17 8.95 13.07
C THR D 258 -15.49 8.68 14.40
N LEU D 259 -16.25 8.15 15.35
CA LEU D 259 -15.76 7.92 16.70
C LEU D 259 -15.23 6.50 16.86
N ASP D 260 -14.98 5.81 15.76
CA ASP D 260 -14.48 4.44 15.78
C ASP D 260 -13.23 4.34 14.90
N LEU D 261 -12.41 5.39 14.90
CA LEU D 261 -11.12 5.35 14.24
C LEU D 261 -10.13 4.48 15.00
N PHE D 262 -10.34 4.32 16.31
CA PHE D 262 -9.54 3.44 17.17
C PHE D 262 -9.78 1.97 16.86
N ALA D 263 -10.77 1.64 16.04
CA ALA D 263 -11.14 0.28 15.71
C ALA D 263 -10.65 -0.14 14.34
N LEU D 264 -9.78 0.63 13.70
CA LEU D 264 -9.27 0.30 12.38
C LEU D 264 -7.90 -0.38 12.49
N ASP D 265 -7.70 -1.40 11.67
CA ASP D 265 -6.39 -2.02 11.53
C ASP D 265 -5.49 -1.08 10.74
N VAL D 266 -4.54 -0.46 11.44
CA VAL D 266 -3.73 0.60 10.85
C VAL D 266 -2.30 0.14 10.56
N GLU D 267 -2.03 -1.15 10.74
CA GLU D 267 -0.75 -1.79 10.44
C GLU D 267 -0.19 -1.55 9.02
N PRO D 268 -0.99 -1.54 7.93
CA PRO D 268 -0.39 -1.18 6.64
C PRO D 268 -0.02 0.29 6.51
N TYR D 269 -0.56 1.17 7.36
CA TYR D 269 -0.38 2.60 7.20
C TYR D 269 0.48 3.21 8.29
N ARG D 270 1.02 2.40 9.19
CA ARG D 270 1.69 2.89 10.38
C ARG D 270 3.06 3.48 10.05
N TYR D 271 3.70 2.98 8.99
CA TYR D 271 5.05 3.40 8.63
C TYR D 271 5.08 4.33 7.43
N SER D 272 3.94 4.62 6.82
CA SER D 272 3.92 5.38 5.57
C SER D 272 4.14 6.87 5.77
N GLY D 273 4.16 7.35 7.01
CA GLY D 273 4.29 8.78 7.26
C GLY D 273 3.01 9.56 7.16
N VAL D 274 1.87 8.88 7.05
CA VAL D 274 0.57 9.53 6.94
C VAL D 274 0.18 9.99 8.33
N ASN D 275 -0.45 11.16 8.41
CA ASN D 275 -1.08 11.56 9.66
C ASN D 275 -2.59 11.42 9.49
N MET D 276 -3.21 10.75 10.45
CA MET D 276 -4.62 10.34 10.40
C MET D 276 -5.27 10.73 11.72
N THR D 277 -5.84 11.91 11.78
CA THR D 277 -6.34 12.44 13.03
C THR D 277 -7.80 11.99 13.19
N GLY D 278 -8.34 12.10 14.39
CA GLY D 278 -9.71 11.68 14.64
C GLY D 278 -10.06 11.93 16.10
N PHE D 279 -11.17 11.32 16.52
CA PHE D 279 -11.65 11.50 17.87
C PHE D 279 -12.01 10.13 18.45
N ARG D 280 -12.31 10.13 19.74
CA ARG D 280 -12.70 8.92 20.44
C ARG D 280 -13.44 9.32 21.69
N ILE D 281 -14.72 8.95 21.79
CA ILE D 281 -15.46 9.21 23.01
C ILE D 281 -15.46 8.00 23.93
N LEU D 282 -15.15 6.81 23.40
CA LEU D 282 -15.10 5.59 24.20
C LEU D 282 -13.88 5.65 25.12
N ASN D 283 -14.14 5.78 26.42
CA ASN D 283 -13.12 6.09 27.40
C ASN D 283 -12.25 4.89 27.72
N THR D 284 -11.34 4.53 26.82
CA THR D 284 -10.56 3.29 26.94
C THR D 284 -9.30 3.47 27.77
N GLU D 285 -9.24 4.45 28.65
CA GLU D 285 -8.14 4.55 29.59
C GLU D 285 -8.61 4.28 31.02
N ASN D 286 -9.92 4.29 31.26
CA ASN D 286 -10.48 3.93 32.55
C ASN D 286 -10.39 2.42 32.68
N THR D 287 -10.01 1.94 33.87
CA THR D 287 -9.86 0.50 34.10
C THR D 287 -11.22 -0.18 34.13
N GLN D 288 -12.24 0.49 34.67
CA GLN D 288 -13.57 -0.09 34.73
C GLN D 288 -14.20 -0.19 33.35
N VAL D 289 -13.84 0.72 32.44
CA VAL D 289 -14.36 0.67 31.08
C VAL D 289 -13.65 -0.43 30.29
N SER D 290 -12.33 -0.54 30.44
CA SER D 290 -11.56 -1.54 29.71
C SER D 290 -11.83 -2.94 30.23
N SER D 291 -12.36 -3.05 31.44
CA SER D 291 -12.79 -4.36 31.95
C SER D 291 -14.06 -4.81 31.23
N ILE D 292 -14.97 -3.88 30.95
CA ILE D 292 -16.24 -4.23 30.32
C ILE D 292 -16.03 -4.53 28.83
N ILE D 293 -15.13 -3.78 28.19
CA ILE D 293 -14.79 -4.05 26.79
C ILE D 293 -14.07 -5.40 26.68
N GLU D 294 -13.31 -5.77 27.72
CA GLU D 294 -12.69 -7.08 27.76
C GLU D 294 -13.73 -8.19 27.92
N LYS D 295 -14.76 -7.93 28.73
CA LYS D 295 -15.85 -8.89 28.87
C LYS D 295 -16.71 -8.96 27.62
N TRP D 296 -16.68 -7.90 26.80
CA TRP D 296 -17.43 -7.86 25.56
C TRP D 296 -16.88 -8.84 24.54
N SER D 297 -15.56 -8.78 24.31
CA SER D 297 -14.91 -9.62 23.30
C SER D 297 -14.91 -11.08 23.71
N MET D 298 -14.81 -11.36 25.00
CA MET D 298 -14.76 -12.74 25.47
C MET D 298 -16.14 -13.41 25.42
N GLU D 299 -17.13 -12.78 26.06
CA GLU D 299 -18.42 -13.43 26.26
C GLU D 299 -19.26 -13.53 24.99
N ARG D 300 -19.25 -12.48 24.16
CA ARG D 300 -19.99 -12.54 22.90
C ARG D 300 -19.41 -13.59 21.96
N LEU D 301 -18.20 -13.34 21.43
CA LEU D 301 -17.34 -14.26 20.69
C LEU D 301 -17.92 -14.74 19.36
N GLN D 302 -19.16 -14.34 19.02
CA GLN D 302 -19.84 -14.81 17.83
C GLN D 302 -19.53 -13.83 16.69
N ALA D 303 -19.87 -14.20 15.45
CA ALA D 303 -19.66 -13.45 14.21
C ALA D 303 -18.21 -13.00 14.05
N PRO D 304 -17.29 -13.91 13.70
CA PRO D 304 -15.90 -13.50 13.47
C PRO D 304 -15.79 -12.60 12.26
N PRO D 305 -15.02 -11.52 12.35
CA PRO D 305 -14.96 -10.54 11.26
C PRO D 305 -14.26 -11.09 10.02
N LYS D 306 -14.53 -10.45 8.88
CA LYS D 306 -13.90 -10.80 7.61
C LYS D 306 -12.41 -10.50 7.69
N PRO D 307 -11.54 -11.46 7.37
CA PRO D 307 -10.10 -11.26 7.59
C PRO D 307 -9.46 -10.32 6.58
N ASP D 308 -10.12 -10.07 5.47
CA ASP D 308 -9.60 -9.23 4.40
C ASP D 308 -10.12 -7.80 4.58
N SER D 309 -10.76 -7.51 5.71
CA SER D 309 -11.31 -6.19 5.94
C SER D 309 -10.30 -5.20 6.50
N GLY D 310 -9.84 -5.40 7.73
CA GLY D 310 -9.23 -4.31 8.48
C GLY D 310 -10.31 -3.39 9.00
N LEU D 311 -10.23 -3.00 10.28
CA LEU D 311 -11.24 -3.27 11.31
C LEU D 311 -10.99 -4.59 12.04
N LEU D 312 -10.11 -4.49 13.03
CA LEU D 312 -9.61 -5.56 13.91
C LEU D 312 -10.72 -6.29 14.67
N ASP D 313 -10.34 -7.27 15.48
CA ASP D 313 -11.30 -8.18 16.07
C ASP D 313 -11.90 -7.72 17.39
N GLY D 314 -11.09 -7.49 18.42
CA GLY D 314 -11.60 -7.27 19.77
C GLY D 314 -11.88 -5.83 20.15
N PHE D 315 -12.99 -5.27 19.66
CA PHE D 315 -13.34 -3.88 19.92
C PHE D 315 -14.83 -3.77 20.18
N MET D 316 -15.24 -2.69 20.86
CA MET D 316 -16.63 -2.25 20.84
C MET D 316 -16.76 -1.10 19.86
N THR D 317 -17.81 -1.14 19.05
CA THR D 317 -18.24 0.05 18.33
C THR D 317 -18.72 1.08 19.34
N THR D 318 -18.68 2.36 18.93
CA THR D 318 -19.30 3.38 19.75
C THR D 318 -20.82 3.32 19.64
N ASP D 319 -21.33 2.60 18.63
CA ASP D 319 -22.76 2.40 18.50
C ASP D 319 -23.28 1.44 19.58
N ALA D 320 -22.45 0.46 19.95
CA ALA D 320 -22.83 -0.47 21.00
C ALA D 320 -22.42 0.04 22.38
N ALA D 321 -21.46 0.96 22.43
CA ALA D 321 -21.10 1.57 23.70
C ALA D 321 -22.21 2.48 24.21
N LEU D 322 -22.90 3.17 23.28
CA LEU D 322 -23.96 4.08 23.68
C LEU D 322 -25.24 3.35 24.02
N MET D 323 -25.42 2.12 23.53
CA MET D 323 -26.58 1.33 23.95
C MET D 323 -26.33 0.68 25.30
N TYR D 324 -25.07 0.37 25.61
CA TYR D 324 -24.72 -0.05 26.96
C TYR D 324 -24.90 1.10 27.95
N ASP D 325 -24.62 2.32 27.51
CA ASP D 325 -24.81 3.49 28.37
C ASP D 325 -26.27 3.85 28.51
N ALA D 326 -27.09 3.59 27.48
CA ALA D 326 -28.47 4.04 27.48
C ALA D 326 -29.31 3.29 28.49
N VAL D 327 -28.94 2.05 28.82
CA VAL D 327 -29.68 1.28 29.81
C VAL D 327 -29.31 1.77 31.20
N HIS D 328 -28.08 2.25 31.36
CA HIS D 328 -27.63 2.68 32.69
C HIS D 328 -28.13 4.06 33.06
N VAL D 329 -28.25 4.97 32.08
CA VAL D 329 -28.74 6.31 32.37
C VAL D 329 -30.23 6.28 32.71
N VAL D 330 -30.98 5.39 32.07
CA VAL D 330 -32.37 5.18 32.46
C VAL D 330 -32.44 4.48 33.81
N SER D 331 -31.46 3.63 34.13
CA SER D 331 -31.47 2.93 35.40
C SER D 331 -31.10 3.86 36.56
N VAL D 332 -30.47 5.00 36.26
CA VAL D 332 -30.33 6.05 37.26
C VAL D 332 -31.69 6.63 37.61
N ALA D 333 -32.55 6.80 36.59
CA ALA D 333 -33.83 7.48 36.79
C ALA D 333 -34.88 6.58 37.43
N VAL D 334 -34.61 5.27 37.55
CA VAL D 334 -35.56 4.41 38.22
C VAL D 334 -35.14 4.14 39.66
N GLN D 335 -33.89 4.47 40.01
CA GLN D 335 -33.51 4.53 41.41
C GLN D 335 -34.17 5.73 42.09
N GLN D 336 -34.24 6.85 41.38
CA GLN D 336 -34.76 8.10 41.94
C GLN D 336 -36.27 8.17 41.88
N PHE D 337 -36.92 7.11 41.40
CA PHE D 337 -38.36 7.09 41.26
C PHE D 337 -38.90 5.71 41.62
N PRO D 338 -39.19 5.48 42.91
CA PRO D 338 -39.85 4.23 43.30
C PRO D 338 -41.33 4.27 42.96
N GLN D 339 -42.05 3.23 43.41
CA GLN D 339 -43.46 2.91 43.15
C GLN D 339 -43.85 3.06 41.68
N MET D 340 -42.92 2.77 40.78
CA MET D 340 -43.16 2.90 39.36
C MET D 340 -43.70 1.61 38.79
N THR D 341 -44.92 1.67 38.25
CA THR D 341 -45.58 0.48 37.73
C THR D 341 -45.70 0.61 36.22
N VAL D 342 -45.74 -0.53 35.54
CA VAL D 342 -45.86 -0.59 34.09
C VAL D 342 -47.33 -0.71 33.71
N SER D 343 -47.82 0.23 32.90
CA SER D 343 -49.20 0.21 32.44
C SER D 343 -49.26 -0.35 31.02
N SER D 344 -50.47 -0.72 30.60
CA SER D 344 -50.71 -1.26 29.27
C SER D 344 -51.40 -0.18 28.45
N LEU D 345 -50.64 0.47 27.58
CA LEU D 345 -51.14 1.59 26.81
C LEU D 345 -51.69 1.13 25.47
N GLN D 346 -52.59 1.92 24.91
CA GLN D 346 -53.22 1.61 23.63
C GLN D 346 -53.00 2.75 22.65
N CYS D 347 -52.62 2.40 21.42
CA CYS D 347 -52.43 3.41 20.39
C CYS D 347 -53.76 3.83 19.76
N ASN D 348 -54.74 2.92 19.71
CA ASN D 348 -56.04 3.25 19.15
C ASN D 348 -56.87 4.10 20.09
N ARG D 349 -57.24 3.57 21.25
CA ARG D 349 -57.92 4.34 22.28
C ARG D 349 -56.87 5.15 23.04
N HIS D 350 -56.56 6.32 22.53
CA HIS D 350 -55.35 7.04 22.90
C HIS D 350 -55.49 7.76 24.23
N LYS D 351 -54.71 7.33 25.22
CA LYS D 351 -54.57 8.02 26.51
C LYS D 351 -53.09 8.04 26.89
N PRO D 352 -52.60 9.14 27.46
CA PRO D 352 -51.18 9.20 27.84
C PRO D 352 -50.90 8.35 29.08
N TRP D 353 -49.63 8.05 29.29
CA TRP D 353 -49.21 7.26 30.44
C TRP D 353 -48.99 8.16 31.64
N ARG D 354 -49.25 7.63 32.83
CA ARG D 354 -49.37 8.45 34.04
C ARG D 354 -48.03 8.99 34.50
N PHE D 355 -47.05 8.12 34.72
CA PHE D 355 -45.81 8.53 35.37
C PHE D 355 -44.79 9.08 34.39
N GLY D 356 -45.13 9.12 33.10
CA GLY D 356 -44.19 9.49 32.06
C GLY D 356 -43.70 10.91 32.08
N THR D 357 -44.50 11.82 32.66
CA THR D 357 -44.11 13.22 32.67
C THR D 357 -42.98 13.48 33.66
N ARG D 358 -43.07 12.89 34.85
CA ARG D 358 -41.99 13.03 35.83
C ARG D 358 -40.79 12.18 35.45
N PHE D 359 -41.04 10.97 34.94
CA PHE D 359 -39.96 10.03 34.64
C PHE D 359 -39.11 10.50 33.47
N MET D 360 -39.68 11.28 32.56
CA MET D 360 -38.88 11.89 31.50
C MET D 360 -37.98 12.98 32.05
N SER D 361 -38.43 13.66 33.11
CA SER D 361 -37.63 14.74 33.71
C SER D 361 -36.45 14.18 34.48
N LEU D 362 -36.53 12.92 34.91
CA LEU D 362 -35.42 12.32 35.64
C LEU D 362 -34.38 11.75 34.71
N ILE D 363 -34.78 11.32 33.50
CA ILE D 363 -33.81 10.89 32.50
C ILE D 363 -33.04 12.09 31.97
N LYS D 364 -33.70 13.22 31.73
CA LYS D 364 -33.03 14.43 31.28
C LYS D 364 -32.13 15.04 32.34
N GLU D 365 -32.37 14.75 33.62
CA GLU D 365 -31.53 15.25 34.70
C GLU D 365 -30.61 14.18 35.27
N ALA D 366 -30.22 13.21 34.46
CA ALA D 366 -29.41 12.10 34.94
C ALA D 366 -27.96 12.28 34.52
N HIS D 367 -27.05 12.07 35.47
CA HIS D 367 -25.62 12.06 35.21
C HIS D 367 -25.10 10.65 35.39
N TRP D 368 -24.18 10.26 34.52
CA TRP D 368 -23.63 8.90 34.55
C TRP D 368 -22.27 8.91 33.91
N GLU D 369 -21.36 8.11 34.48
CA GLU D 369 -20.02 7.89 33.95
C GLU D 369 -20.00 6.52 33.28
N GLY D 370 -20.33 6.49 31.99
CA GLY D 370 -20.45 5.24 31.27
C GLY D 370 -19.17 4.91 30.55
N LEU D 371 -19.31 4.08 29.51
CA LEU D 371 -18.15 3.68 28.71
C LEU D 371 -17.69 4.86 27.87
N THR D 372 -18.60 5.77 27.55
CA THR D 372 -18.30 6.93 26.75
C THR D 372 -17.99 8.18 27.57
N GLY D 373 -18.01 8.08 28.89
CA GLY D 373 -17.60 9.18 29.74
C GLY D 373 -18.78 9.83 30.44
N ARG D 374 -18.69 11.15 30.56
CA ARG D 374 -19.73 11.93 31.23
C ARG D 374 -20.95 12.01 30.33
N ILE D 375 -22.10 11.61 30.86
CA ILE D 375 -23.35 11.58 30.08
C ILE D 375 -24.28 12.63 30.69
N THR D 376 -24.31 13.81 30.09
CA THR D 376 -25.19 14.89 30.53
C THR D 376 -26.00 15.40 29.34
N PHE D 377 -27.23 15.79 29.61
CA PHE D 377 -28.16 16.21 28.59
C PHE D 377 -28.28 17.74 28.56
N ASN D 378 -29.23 18.25 27.78
CA ASN D 378 -29.19 19.65 27.34
C ASN D 378 -30.31 20.47 27.95
N LYS D 379 -31.42 19.84 28.35
CA LYS D 379 -32.55 20.39 29.12
C LYS D 379 -33.42 21.33 28.27
N THR D 380 -32.95 21.72 27.09
CA THR D 380 -33.78 22.37 26.10
C THR D 380 -34.33 21.29 25.19
N ASN D 381 -33.40 20.54 24.61
CA ASN D 381 -33.66 19.30 23.87
C ASN D 381 -32.92 18.16 24.57
N GLY D 382 -33.14 16.93 24.11
CA GLY D 382 -32.46 15.80 24.72
C GLY D 382 -31.20 15.38 24.01
N LEU D 383 -30.24 16.29 23.86
CA LEU D 383 -29.07 16.05 23.03
C LEU D 383 -27.80 16.15 23.87
N ARG D 384 -26.86 15.23 23.65
CA ARG D 384 -25.56 15.37 24.30
C ARG D 384 -24.74 16.43 23.59
N THR D 385 -24.88 17.66 24.07
CA THR D 385 -24.06 18.77 23.63
C THR D 385 -22.74 18.85 24.37
N ASP D 386 -22.72 18.43 25.64
CA ASP D 386 -21.53 18.48 26.48
C ASP D 386 -21.01 17.05 26.66
N PHE D 387 -19.82 16.80 26.13
CA PHE D 387 -19.18 15.49 26.20
C PHE D 387 -17.68 15.67 26.13
N ASP D 388 -16.96 14.59 26.48
CA ASP D 388 -15.50 14.60 26.52
C ASP D 388 -14.96 13.74 25.39
N LEU D 389 -14.21 14.35 24.49
CA LEU D 389 -13.57 13.65 23.39
C LEU D 389 -12.07 13.50 23.70
N ASP D 390 -11.41 12.61 22.96
CA ASP D 390 -9.98 12.38 23.08
C ASP D 390 -9.41 12.32 21.68
N VAL D 391 -8.80 13.40 21.21
CA VAL D 391 -8.29 13.42 19.84
C VAL D 391 -7.07 12.53 19.69
N ILE D 392 -7.19 11.51 18.84
CA ILE D 392 -6.15 10.52 18.61
C ILE D 392 -5.57 10.71 17.22
N SER D 393 -4.30 10.36 17.05
CA SER D 393 -3.65 10.46 15.75
C SER D 393 -2.79 9.23 15.48
N LEU D 394 -2.29 9.16 14.25
CA LEU D 394 -1.47 8.04 13.84
C LEU D 394 0.00 8.36 14.03
N LYS D 395 0.66 7.58 14.87
CA LYS D 395 2.10 7.65 15.05
C LYS D 395 2.71 6.38 14.46
N GLU D 396 4.00 6.17 14.65
CA GLU D 396 4.63 4.96 14.15
C GLU D 396 4.40 3.75 15.06
N GLU D 397 3.64 3.91 16.13
CA GLU D 397 3.28 2.81 17.02
C GLU D 397 1.80 2.45 16.95
N GLY D 398 1.00 3.18 16.17
CA GLY D 398 -0.43 2.96 16.07
C GLY D 398 -1.18 4.25 16.36
N LEU D 399 -2.44 4.11 16.75
CA LEU D 399 -3.25 5.25 17.15
C LEU D 399 -2.91 5.64 18.57
N GLU D 400 -2.70 6.94 18.80
CA GLU D 400 -2.27 7.43 20.10
C GLU D 400 -2.98 8.73 20.42
N LYS D 401 -3.51 8.84 21.64
CA LYS D 401 -4.16 10.03 22.15
C LYS D 401 -3.22 11.22 22.25
N ILE D 402 -3.51 12.30 21.53
CA ILE D 402 -2.63 13.46 21.53
C ILE D 402 -3.35 14.72 22.01
N GLY D 403 -4.44 14.56 22.75
CA GLY D 403 -5.09 15.72 23.31
C GLY D 403 -6.48 15.36 23.81
N THR D 404 -7.27 16.41 24.02
CA THR D 404 -8.61 16.30 24.59
C THR D 404 -9.43 17.49 24.10
N TRP D 405 -10.66 17.22 23.66
CA TRP D 405 -11.58 18.29 23.29
C TRP D 405 -12.73 18.33 24.29
N ASP D 406 -13.20 19.54 24.59
CA ASP D 406 -14.31 19.78 25.50
C ASP D 406 -15.00 21.05 25.04
N PRO D 407 -16.34 21.11 25.07
CA PRO D 407 -17.04 22.30 24.54
C PRO D 407 -16.78 23.56 25.34
N ALA D 408 -16.57 23.42 26.64
CA ALA D 408 -16.27 24.55 27.52
C ALA D 408 -14.86 25.06 27.26
N SER D 409 -13.91 24.14 27.18
CA SER D 409 -12.51 24.50 27.06
C SER D 409 -12.06 24.65 25.61
N GLY D 410 -12.16 23.58 24.84
CA GLY D 410 -11.58 23.53 23.51
C GLY D 410 -10.49 22.47 23.45
N LEU D 411 -9.58 22.63 22.48
CA LEU D 411 -8.48 21.70 22.32
C LEU D 411 -7.43 21.88 23.40
N ASN D 412 -7.30 20.89 24.28
CA ASN D 412 -6.14 20.85 25.17
C ASN D 412 -5.09 19.89 24.61
N MET D 413 -4.63 20.16 23.40
CA MET D 413 -3.69 19.25 22.75
C MET D 413 -2.28 19.55 23.26
N THR D 414 -1.99 19.05 24.46
CA THR D 414 -0.64 19.09 25.02
C THR D 414 -0.09 17.68 25.02
N GLU D 415 -0.78 16.79 24.30
CA GLU D 415 -0.48 15.36 24.16
C GLU D 415 -0.38 14.65 25.51
#